data_4BG7
# 
_entry.id   4BG7 
# 
_audit_conform.dict_name       mmcif_pdbx.dic 
_audit_conform.dict_version    5.391 
_audit_conform.dict_location   http://mmcif.pdb.org/dictionaries/ascii/mmcif_pdbx.dic 
# 
loop_
_database_2.database_id 
_database_2.database_code 
_database_2.pdbx_database_accession 
_database_2.pdbx_DOI 
PDB   4BG7         pdb_00004bg7 10.2210/pdb4bg7/pdb 
PDBE  EBI-56012    ?            ?                   
WWPDB D_1290056012 ?            ?                   
# 
loop_
_pdbx_audit_revision_history.ordinal 
_pdbx_audit_revision_history.data_content_type 
_pdbx_audit_revision_history.major_revision 
_pdbx_audit_revision_history.minor_revision 
_pdbx_audit_revision_history.revision_date 
1 'Structure model' 1 0 2013-09-11 
2 'Structure model' 1 1 2013-09-25 
3 'Structure model' 1 2 2013-11-13 
4 'Structure model' 1 3 2024-05-08 
# 
_pdbx_audit_revision_details.ordinal             1 
_pdbx_audit_revision_details.revision_ordinal    1 
_pdbx_audit_revision_details.data_content_type   'Structure model' 
_pdbx_audit_revision_details.provider            repository 
_pdbx_audit_revision_details.type                'Initial release' 
_pdbx_audit_revision_details.description         ? 
_pdbx_audit_revision_details.details             ? 
# 
loop_
_pdbx_audit_revision_group.ordinal 
_pdbx_audit_revision_group.revision_ordinal 
_pdbx_audit_revision_group.data_content_type 
_pdbx_audit_revision_group.group 
1 2 'Structure model' 'Database references' 
2 3 'Structure model' 'Database references' 
3 4 'Structure model' 'Data collection'     
4 4 'Structure model' 'Database references' 
5 4 'Structure model' Other                 
# 
loop_
_pdbx_audit_revision_category.ordinal 
_pdbx_audit_revision_category.revision_ordinal 
_pdbx_audit_revision_category.data_content_type 
_pdbx_audit_revision_category.category 
1 4 'Structure model' chem_comp_atom       
2 4 'Structure model' chem_comp_bond       
3 4 'Structure model' database_2           
4 4 'Structure model' pdbx_database_status 
# 
loop_
_pdbx_audit_revision_item.ordinal 
_pdbx_audit_revision_item.revision_ordinal 
_pdbx_audit_revision_item.data_content_type 
_pdbx_audit_revision_item.item 
1 4 'Structure model' '_database_2.pdbx_DOI'                 
2 4 'Structure model' '_database_2.pdbx_database_accession'  
3 4 'Structure model' '_pdbx_database_status.status_code_sf' 
# 
_pdbx_database_status.status_code                     REL 
_pdbx_database_status.entry_id                        4BG7 
_pdbx_database_status.deposit_site                    PDBE 
_pdbx_database_status.process_site                    PDBE 
_pdbx_database_status.SG_entry                        . 
_pdbx_database_status.recvd_initial_deposition_date   2013-03-24 
_pdbx_database_status.pdb_format_compatible           Y 
_pdbx_database_status.status_code_sf                  REL 
_pdbx_database_status.status_code_mr                  ? 
_pdbx_database_status.status_code_cs                  ? 
_pdbx_database_status.methods_development_category    ? 
_pdbx_database_status.status_code_nmr_data            ? 
# 
loop_
_audit_author.name 
_audit_author.pdbx_ordinal 
'Steigemann, B.' 1 
'Schulz, A.'     2 
'Hinrichs, W.'   3 
'Werten, S.'     4 
# 
_citation.id                        primary 
_citation.title                     
;Bacteriophage T5 Encodes a Homolog of the Eukaryotic Transcription Coactivator Pc4 Implicated in Recombination-Dependent DNA Replication.
;
_citation.journal_abbrev            J.Mol.Biol. 
_citation.journal_volume            425 
_citation.page_first                4125 
_citation.page_last                 ? 
_citation.year                      2013 
_citation.journal_id_ASTM           JMOBAK 
_citation.country                   UK 
_citation.journal_id_ISSN           0022-2836 
_citation.journal_id_CSD            0070 
_citation.book_publisher            ? 
_citation.pdbx_database_id_PubMed   24029071 
_citation.pdbx_database_id_DOI      10.1016/J.JMB.2013.09.001 
# 
loop_
_citation_author.citation_id 
_citation_author.name 
_citation_author.ordinal 
_citation_author.identifier_ORCID 
primary 'Steigemann, B.' 1 ? 
primary 'Schulz, A.'     2 ? 
primary 'Werten, S.'     3 ? 
# 
loop_
_entity.id 
_entity.type 
_entity.src_method 
_entity.pdbx_description 
_entity.formula_weight 
_entity.pdbx_number_of_molecules 
_entity.pdbx_ec 
_entity.pdbx_mutation 
_entity.pdbx_fragment 
_entity.details 
1 polymer man 'PUTATIVE TRANSCRIPTIONAL COACTIVATOR P15' 12054.358 2  ? ? ? ? 
2 water   nat water                                      18.015    93 ? ? ? ? 
# 
_entity_name_com.entity_id   1 
_entity_name_com.name        'BACTERIOPHAGE T5 HOMOLOG OF PC4' 
# 
_entity_poly.entity_id                      1 
_entity_poly.type                           'polypeptide(L)' 
_entity_poly.nstd_linkage                   no 
_entity_poly.nstd_monomer                   no 
_entity_poly.pdbx_seq_one_letter_code       
;MSEQVNQNYEGHVDDQSIILWEKEGEQVRLTVSEFRGNLYMGIRYWLLDINDEWFPTKSGFSFPYTLETTSQLFYAFTQI
LSESEVLHEVQKRAEELKAKNA
;
_entity_poly.pdbx_seq_one_letter_code_can   
;MSEQVNQNYEGHVDDQSIILWEKEGEQVRLTVSEFRGNLYMGIRYWLLDINDEWFPTKSGFSFPYTLETTSQLFYAFTQI
LSESEVLHEVQKRAEELKAKNA
;
_entity_poly.pdbx_strand_id                 A,B 
_entity_poly.pdbx_target_identifier         ? 
# 
_pdbx_entity_nonpoly.entity_id   2 
_pdbx_entity_nonpoly.name        water 
_pdbx_entity_nonpoly.comp_id     HOH 
# 
loop_
_entity_poly_seq.entity_id 
_entity_poly_seq.num 
_entity_poly_seq.mon_id 
_entity_poly_seq.hetero 
1 1   MET n 
1 2   SER n 
1 3   GLU n 
1 4   GLN n 
1 5   VAL n 
1 6   ASN n 
1 7   GLN n 
1 8   ASN n 
1 9   TYR n 
1 10  GLU n 
1 11  GLY n 
1 12  HIS n 
1 13  VAL n 
1 14  ASP n 
1 15  ASP n 
1 16  GLN n 
1 17  SER n 
1 18  ILE n 
1 19  ILE n 
1 20  LEU n 
1 21  TRP n 
1 22  GLU n 
1 23  LYS n 
1 24  GLU n 
1 25  GLY n 
1 26  GLU n 
1 27  GLN n 
1 28  VAL n 
1 29  ARG n 
1 30  LEU n 
1 31  THR n 
1 32  VAL n 
1 33  SER n 
1 34  GLU n 
1 35  PHE n 
1 36  ARG n 
1 37  GLY n 
1 38  ASN n 
1 39  LEU n 
1 40  TYR n 
1 41  MET n 
1 42  GLY n 
1 43  ILE n 
1 44  ARG n 
1 45  TYR n 
1 46  TRP n 
1 47  LEU n 
1 48  LEU n 
1 49  ASP n 
1 50  ILE n 
1 51  ASN n 
1 52  ASP n 
1 53  GLU n 
1 54  TRP n 
1 55  PHE n 
1 56  PRO n 
1 57  THR n 
1 58  LYS n 
1 59  SER n 
1 60  GLY n 
1 61  PHE n 
1 62  SER n 
1 63  PHE n 
1 64  PRO n 
1 65  TYR n 
1 66  THR n 
1 67  LEU n 
1 68  GLU n 
1 69  THR n 
1 70  THR n 
1 71  SER n 
1 72  GLN n 
1 73  LEU n 
1 74  PHE n 
1 75  TYR n 
1 76  ALA n 
1 77  PHE n 
1 78  THR n 
1 79  GLN n 
1 80  ILE n 
1 81  LEU n 
1 82  SER n 
1 83  GLU n 
1 84  SER n 
1 85  GLU n 
1 86  VAL n 
1 87  LEU n 
1 88  HIS n 
1 89  GLU n 
1 90  VAL n 
1 91  GLN n 
1 92  LYS n 
1 93  ARG n 
1 94  ALA n 
1 95  GLU n 
1 96  GLU n 
1 97  LEU n 
1 98  LYS n 
1 99  ALA n 
1 100 LYS n 
1 101 ASN n 
1 102 ALA n 
# 
_entity_src_gen.entity_id                          1 
_entity_src_gen.pdbx_src_id                        1 
_entity_src_gen.pdbx_alt_source_flag               sample 
_entity_src_gen.pdbx_seq_type                      ? 
_entity_src_gen.pdbx_beg_seq_num                   ? 
_entity_src_gen.pdbx_end_seq_num                   ? 
_entity_src_gen.gene_src_common_name               'BACTERIOPHAGE T5' 
_entity_src_gen.gene_src_genus                     ? 
_entity_src_gen.pdbx_gene_src_gene                 ? 
_entity_src_gen.gene_src_species                   ? 
_entity_src_gen.gene_src_strain                    ? 
_entity_src_gen.gene_src_tissue                    ? 
_entity_src_gen.gene_src_tissue_fraction           ? 
_entity_src_gen.gene_src_details                   ? 
_entity_src_gen.pdbx_gene_src_fragment             ? 
_entity_src_gen.pdbx_gene_src_scientific_name      'ENTEROBACTERIA PHAGE T5' 
_entity_src_gen.pdbx_gene_src_ncbi_taxonomy_id     10726 
_entity_src_gen.pdbx_gene_src_variant              ? 
_entity_src_gen.pdbx_gene_src_cell_line            ? 
_entity_src_gen.pdbx_gene_src_atcc                 ? 
_entity_src_gen.pdbx_gene_src_organ                ? 
_entity_src_gen.pdbx_gene_src_organelle            ? 
_entity_src_gen.pdbx_gene_src_cell                 ? 
_entity_src_gen.pdbx_gene_src_cellular_location    ? 
_entity_src_gen.host_org_common_name               ? 
_entity_src_gen.pdbx_host_org_scientific_name      'ESCHERICHIA COLI' 
_entity_src_gen.pdbx_host_org_ncbi_taxonomy_id     469008 
_entity_src_gen.host_org_genus                     ? 
_entity_src_gen.pdbx_host_org_gene                 ? 
_entity_src_gen.pdbx_host_org_organ                ? 
_entity_src_gen.host_org_species                   ? 
_entity_src_gen.pdbx_host_org_tissue               ? 
_entity_src_gen.pdbx_host_org_tissue_fraction      ? 
_entity_src_gen.pdbx_host_org_strain               'BL21(DE3)' 
_entity_src_gen.pdbx_host_org_variant              ? 
_entity_src_gen.pdbx_host_org_cell_line            ? 
_entity_src_gen.pdbx_host_org_atcc                 ? 
_entity_src_gen.pdbx_host_org_culture_collection   ? 
_entity_src_gen.pdbx_host_org_cell                 ? 
_entity_src_gen.pdbx_host_org_organelle            ? 
_entity_src_gen.pdbx_host_org_cellular_location    ? 
_entity_src_gen.pdbx_host_org_vector_type          PLASMID 
_entity_src_gen.pdbx_host_org_vector               PET-11A 
_entity_src_gen.host_org_details                   ? 
_entity_src_gen.expression_system_id               ? 
_entity_src_gen.plasmid_name                       ? 
_entity_src_gen.plasmid_details                    ? 
_entity_src_gen.pdbx_description                   ? 
# 
loop_
_chem_comp.id 
_chem_comp.type 
_chem_comp.mon_nstd_flag 
_chem_comp.name 
_chem_comp.pdbx_synonyms 
_chem_comp.formula 
_chem_comp.formula_weight 
ALA 'L-peptide linking' y ALANINE         ? 'C3 H7 N O2'     89.093  
ARG 'L-peptide linking' y ARGININE        ? 'C6 H15 N4 O2 1' 175.209 
ASN 'L-peptide linking' y ASPARAGINE      ? 'C4 H8 N2 O3'    132.118 
ASP 'L-peptide linking' y 'ASPARTIC ACID' ? 'C4 H7 N O4'     133.103 
GLN 'L-peptide linking' y GLUTAMINE       ? 'C5 H10 N2 O3'   146.144 
GLU 'L-peptide linking' y 'GLUTAMIC ACID' ? 'C5 H9 N O4'     147.129 
GLY 'peptide linking'   y GLYCINE         ? 'C2 H5 N O2'     75.067  
HIS 'L-peptide linking' y HISTIDINE       ? 'C6 H10 N3 O2 1' 156.162 
HOH non-polymer         . WATER           ? 'H2 O'           18.015  
ILE 'L-peptide linking' y ISOLEUCINE      ? 'C6 H13 N O2'    131.173 
LEU 'L-peptide linking' y LEUCINE         ? 'C6 H13 N O2'    131.173 
LYS 'L-peptide linking' y LYSINE          ? 'C6 H15 N2 O2 1' 147.195 
MET 'L-peptide linking' y METHIONINE      ? 'C5 H11 N O2 S'  149.211 
PHE 'L-peptide linking' y PHENYLALANINE   ? 'C9 H11 N O2'    165.189 
PRO 'L-peptide linking' y PROLINE         ? 'C5 H9 N O2'     115.130 
SER 'L-peptide linking' y SERINE          ? 'C3 H7 N O3'     105.093 
THR 'L-peptide linking' y THREONINE       ? 'C4 H9 N O3'     119.119 
TRP 'L-peptide linking' y TRYPTOPHAN      ? 'C11 H12 N2 O2'  204.225 
TYR 'L-peptide linking' y TYROSINE        ? 'C9 H11 N O3'    181.189 
VAL 'L-peptide linking' y VALINE          ? 'C5 H11 N O2'    117.146 
# 
loop_
_pdbx_poly_seq_scheme.asym_id 
_pdbx_poly_seq_scheme.entity_id 
_pdbx_poly_seq_scheme.seq_id 
_pdbx_poly_seq_scheme.mon_id 
_pdbx_poly_seq_scheme.ndb_seq_num 
_pdbx_poly_seq_scheme.pdb_seq_num 
_pdbx_poly_seq_scheme.auth_seq_num 
_pdbx_poly_seq_scheme.pdb_mon_id 
_pdbx_poly_seq_scheme.auth_mon_id 
_pdbx_poly_seq_scheme.pdb_strand_id 
_pdbx_poly_seq_scheme.pdb_ins_code 
_pdbx_poly_seq_scheme.hetero 
A 1 1   MET 1   1   ?   ?   ?   A . n 
A 1 2   SER 2   2   ?   ?   ?   A . n 
A 1 3   GLU 3   3   3   GLU GLU A . n 
A 1 4   GLN 4   4   4   GLN GLN A . n 
A 1 5   VAL 5   5   5   VAL VAL A . n 
A 1 6   ASN 6   6   6   ASN ASN A . n 
A 1 7   GLN 7   7   7   GLN GLN A . n 
A 1 8   ASN 8   8   8   ASN ASN A . n 
A 1 9   TYR 9   9   9   TYR TYR A . n 
A 1 10  GLU 10  10  10  GLU GLU A . n 
A 1 11  GLY 11  11  11  GLY GLY A . n 
A 1 12  HIS 12  12  12  HIS HIS A . n 
A 1 13  VAL 13  13  13  VAL VAL A . n 
A 1 14  ASP 14  14  14  ASP ASP A . n 
A 1 15  ASP 15  15  15  ASP ASP A . n 
A 1 16  GLN 16  16  16  GLN GLN A . n 
A 1 17  SER 17  17  17  SER SER A . n 
A 1 18  ILE 18  18  18  ILE ILE A . n 
A 1 19  ILE 19  19  19  ILE ILE A . n 
A 1 20  LEU 20  20  20  LEU LEU A . n 
A 1 21  TRP 21  21  21  TRP TRP A . n 
A 1 22  GLU 22  22  22  GLU GLU A . n 
A 1 23  LYS 23  23  23  LYS LYS A . n 
A 1 24  GLU 24  24  24  GLU GLU A . n 
A 1 25  GLY 25  25  25  GLY GLY A . n 
A 1 26  GLU 26  26  26  GLU GLU A . n 
A 1 27  GLN 27  27  27  GLN GLN A . n 
A 1 28  VAL 28  28  28  VAL VAL A . n 
A 1 29  ARG 29  29  29  ARG ARG A . n 
A 1 30  LEU 30  30  30  LEU LEU A . n 
A 1 31  THR 31  31  31  THR THR A . n 
A 1 32  VAL 32  32  32  VAL VAL A . n 
A 1 33  SER 33  33  33  SER SER A . n 
A 1 34  GLU 34  34  34  GLU GLU A . n 
A 1 35  PHE 35  35  35  PHE PHE A . n 
A 1 36  ARG 36  36  36  ARG ARG A . n 
A 1 37  GLY 37  37  37  GLY GLY A . n 
A 1 38  ASN 38  38  38  ASN ASN A . n 
A 1 39  LEU 39  39  39  LEU LEU A . n 
A 1 40  TYR 40  40  40  TYR TYR A . n 
A 1 41  MET 41  41  41  MET MET A . n 
A 1 42  GLY 42  42  42  GLY GLY A . n 
A 1 43  ILE 43  43  43  ILE ILE A . n 
A 1 44  ARG 44  44  44  ARG ARG A . n 
A 1 45  TYR 45  45  45  TYR TYR A . n 
A 1 46  TRP 46  46  46  TRP TRP A . n 
A 1 47  LEU 47  47  47  LEU LEU A . n 
A 1 48  LEU 48  48  48  LEU LEU A . n 
A 1 49  ASP 49  49  49  ASP ASP A . n 
A 1 50  ILE 50  50  50  ILE ILE A . n 
A 1 51  ASN 51  51  51  ASN ASN A . n 
A 1 52  ASP 52  52  52  ASP ASP A . n 
A 1 53  GLU 53  53  53  GLU GLU A . n 
A 1 54  TRP 54  54  54  TRP TRP A . n 
A 1 55  PHE 55  55  55  PHE PHE A . n 
A 1 56  PRO 56  56  56  PRO PRO A . n 
A 1 57  THR 57  57  57  THR THR A . n 
A 1 58  LYS 58  58  58  LYS LYS A . n 
A 1 59  SER 59  59  59  SER SER A . n 
A 1 60  GLY 60  60  60  GLY GLY A . n 
A 1 61  PHE 61  61  61  PHE PHE A . n 
A 1 62  SER 62  62  62  SER SER A . n 
A 1 63  PHE 63  63  63  PHE PHE A . n 
A 1 64  PRO 64  64  64  PRO PRO A . n 
A 1 65  TYR 65  65  65  TYR TYR A . n 
A 1 66  THR 66  66  66  THR THR A . n 
A 1 67  LEU 67  67  67  LEU LEU A . n 
A 1 68  GLU 68  68  68  GLU GLU A . n 
A 1 69  THR 69  69  69  THR THR A . n 
A 1 70  THR 70  70  70  THR THR A . n 
A 1 71  SER 71  71  71  SER SER A . n 
A 1 72  GLN 72  72  72  GLN GLN A . n 
A 1 73  LEU 73  73  73  LEU LEU A . n 
A 1 74  PHE 74  74  74  PHE PHE A . n 
A 1 75  TYR 75  75  75  TYR TYR A . n 
A 1 76  ALA 76  76  76  ALA ALA A . n 
A 1 77  PHE 77  77  77  PHE PHE A . n 
A 1 78  THR 78  78  78  THR THR A . n 
A 1 79  GLN 79  79  79  GLN GLN A . n 
A 1 80  ILE 80  80  80  ILE ILE A . n 
A 1 81  LEU 81  81  81  LEU LEU A . n 
A 1 82  SER 82  82  82  SER SER A . n 
A 1 83  GLU 83  83  83  GLU GLU A . n 
A 1 84  SER 84  84  84  SER SER A . n 
A 1 85  GLU 85  85  85  GLU GLU A . n 
A 1 86  VAL 86  86  86  VAL VAL A . n 
A 1 87  LEU 87  87  87  LEU LEU A . n 
A 1 88  HIS 88  88  88  HIS HIS A . n 
A 1 89  GLU 89  89  89  GLU GLU A . n 
A 1 90  VAL 90  90  90  VAL VAL A . n 
A 1 91  GLN 91  91  91  GLN GLN A . n 
A 1 92  LYS 92  92  92  LYS LYS A . n 
A 1 93  ARG 93  93  93  ARG ARG A . n 
A 1 94  ALA 94  94  94  ALA ALA A . n 
A 1 95  GLU 95  95  95  GLU GLU A . n 
A 1 96  GLU 96  96  96  GLU GLU A . n 
A 1 97  LEU 97  97  97  LEU LEU A . n 
A 1 98  LYS 98  98  98  LYS LYS A . n 
A 1 99  ALA 99  99  99  ALA ALA A . n 
A 1 100 LYS 100 100 100 LYS LYS A . n 
A 1 101 ASN 101 101 ?   ?   ?   A . n 
A 1 102 ALA 102 102 ?   ?   ?   A . n 
B 1 1   MET 1   1   ?   ?   ?   B . n 
B 1 2   SER 2   2   ?   ?   ?   B . n 
B 1 3   GLU 3   3   ?   ?   ?   B . n 
B 1 4   GLN 4   4   ?   ?   ?   B . n 
B 1 5   VAL 5   5   ?   ?   ?   B . n 
B 1 6   ASN 6   6   ?   ?   ?   B . n 
B 1 7   GLN 7   7   ?   ?   ?   B . n 
B 1 8   ASN 8   8   ?   ?   ?   B . n 
B 1 9   TYR 9   9   ?   ?   ?   B . n 
B 1 10  GLU 10  10  ?   ?   ?   B . n 
B 1 11  GLY 11  11  ?   ?   ?   B . n 
B 1 12  HIS 12  12  ?   ?   ?   B . n 
B 1 13  VAL 13  13  13  VAL VAL B . n 
B 1 14  ASP 14  14  14  ASP ASP B . n 
B 1 15  ASP 15  15  15  ASP ASP B . n 
B 1 16  GLN 16  16  16  GLN GLN B . n 
B 1 17  SER 17  17  17  SER SER B . n 
B 1 18  ILE 18  18  18  ILE ILE B . n 
B 1 19  ILE 19  19  19  ILE ILE B . n 
B 1 20  LEU 20  20  20  LEU LEU B . n 
B 1 21  TRP 21  21  21  TRP TRP B . n 
B 1 22  GLU 22  22  22  GLU GLU B . n 
B 1 23  LYS 23  23  23  LYS LYS B . n 
B 1 24  GLU 24  24  24  GLU GLU B . n 
B 1 25  GLY 25  25  25  GLY GLY B . n 
B 1 26  GLU 26  26  26  GLU GLU B . n 
B 1 27  GLN 27  27  27  GLN GLN B . n 
B 1 28  VAL 28  28  28  VAL VAL B . n 
B 1 29  ARG 29  29  29  ARG ARG B . n 
B 1 30  LEU 30  30  30  LEU LEU B . n 
B 1 31  THR 31  31  31  THR THR B . n 
B 1 32  VAL 32  32  32  VAL VAL B . n 
B 1 33  SER 33  33  33  SER SER B . n 
B 1 34  GLU 34  34  34  GLU GLU B . n 
B 1 35  PHE 35  35  35  PHE PHE B . n 
B 1 36  ARG 36  36  36  ARG ARG B . n 
B 1 37  GLY 37  37  37  GLY GLY B . n 
B 1 38  ASN 38  38  38  ASN ASN B . n 
B 1 39  LEU 39  39  39  LEU LEU B . n 
B 1 40  TYR 40  40  40  TYR TYR B . n 
B 1 41  MET 41  41  41  MET MET B . n 
B 1 42  GLY 42  42  42  GLY GLY B . n 
B 1 43  ILE 43  43  43  ILE ILE B . n 
B 1 44  ARG 44  44  44  ARG ARG B . n 
B 1 45  TYR 45  45  45  TYR TYR B . n 
B 1 46  TRP 46  46  46  TRP TRP B . n 
B 1 47  LEU 47  47  47  LEU LEU B . n 
B 1 48  LEU 48  48  48  LEU LEU B . n 
B 1 49  ASP 49  49  49  ASP ASP B . n 
B 1 50  ILE 50  50  50  ILE ILE B . n 
B 1 51  ASN 51  51  51  ASN ASN B . n 
B 1 52  ASP 52  52  52  ASP ASP B . n 
B 1 53  GLU 53  53  53  GLU GLU B . n 
B 1 54  TRP 54  54  54  TRP TRP B . n 
B 1 55  PHE 55  55  55  PHE PHE B . n 
B 1 56  PRO 56  56  56  PRO PRO B . n 
B 1 57  THR 57  57  57  THR THR B . n 
B 1 58  LYS 58  58  58  LYS LYS B . n 
B 1 59  SER 59  59  59  SER SER B . n 
B 1 60  GLY 60  60  60  GLY GLY B . n 
B 1 61  PHE 61  61  61  PHE PHE B . n 
B 1 62  SER 62  62  62  SER SER B . n 
B 1 63  PHE 63  63  63  PHE PHE B . n 
B 1 64  PRO 64  64  64  PRO PRO B . n 
B 1 65  TYR 65  65  65  TYR TYR B . n 
B 1 66  THR 66  66  66  THR THR B . n 
B 1 67  LEU 67  67  67  LEU LEU B . n 
B 1 68  GLU 68  68  68  GLU GLU B . n 
B 1 69  THR 69  69  69  THR THR B . n 
B 1 70  THR 70  70  70  THR THR B . n 
B 1 71  SER 71  71  71  SER SER B . n 
B 1 72  GLN 72  72  72  GLN GLN B . n 
B 1 73  LEU 73  73  73  LEU LEU B . n 
B 1 74  PHE 74  74  74  PHE PHE B . n 
B 1 75  TYR 75  75  75  TYR TYR B . n 
B 1 76  ALA 76  76  76  ALA ALA B . n 
B 1 77  PHE 77  77  77  PHE PHE B . n 
B 1 78  THR 78  78  78  THR THR B . n 
B 1 79  GLN 79  79  79  GLN GLN B . n 
B 1 80  ILE 80  80  80  ILE ILE B . n 
B 1 81  LEU 81  81  81  LEU LEU B . n 
B 1 82  SER 82  82  82  SER SER B . n 
B 1 83  GLU 83  83  83  GLU GLU B . n 
B 1 84  SER 84  84  84  SER SER B . n 
B 1 85  GLU 85  85  85  GLU GLU B . n 
B 1 86  VAL 86  86  86  VAL VAL B . n 
B 1 87  LEU 87  87  87  LEU LEU B . n 
B 1 88  HIS 88  88  88  HIS HIS B . n 
B 1 89  GLU 89  89  89  GLU GLU B . n 
B 1 90  VAL 90  90  90  VAL VAL B . n 
B 1 91  GLN 91  91  91  GLN GLN B . n 
B 1 92  LYS 92  92  92  LYS LYS B . n 
B 1 93  ARG 93  93  93  ARG ARG B . n 
B 1 94  ALA 94  94  94  ALA ALA B . n 
B 1 95  GLU 95  95  95  GLU GLU B . n 
B 1 96  GLU 96  96  96  GLU GLU B . n 
B 1 97  LEU 97  97  97  LEU LEU B . n 
B 1 98  LYS 98  98  98  LYS LYS B . n 
B 1 99  ALA 99  99  99  ALA ALA B . n 
B 1 100 LYS 100 100 100 LYS LYS B . n 
B 1 101 ASN 101 101 ?   ?   ?   B . n 
B 1 102 ALA 102 102 ?   ?   ?   B . n 
# 
loop_
_pdbx_nonpoly_scheme.asym_id 
_pdbx_nonpoly_scheme.entity_id 
_pdbx_nonpoly_scheme.mon_id 
_pdbx_nonpoly_scheme.ndb_seq_num 
_pdbx_nonpoly_scheme.pdb_seq_num 
_pdbx_nonpoly_scheme.auth_seq_num 
_pdbx_nonpoly_scheme.pdb_mon_id 
_pdbx_nonpoly_scheme.auth_mon_id 
_pdbx_nonpoly_scheme.pdb_strand_id 
_pdbx_nonpoly_scheme.pdb_ins_code 
C 2 HOH 1  2001 2001 HOH HOH A . 
C 2 HOH 2  2002 2002 HOH HOH A . 
C 2 HOH 3  2003 2003 HOH HOH A . 
C 2 HOH 4  2004 2004 HOH HOH A . 
C 2 HOH 5  2005 2005 HOH HOH A . 
C 2 HOH 6  2006 2006 HOH HOH A . 
C 2 HOH 7  2007 2007 HOH HOH A . 
C 2 HOH 8  2008 2008 HOH HOH A . 
C 2 HOH 9  2009 2009 HOH HOH A . 
C 2 HOH 10 2010 2010 HOH HOH A . 
C 2 HOH 11 2011 2011 HOH HOH A . 
C 2 HOH 12 2012 2012 HOH HOH A . 
C 2 HOH 13 2013 2013 HOH HOH A . 
C 2 HOH 14 2014 2014 HOH HOH A . 
C 2 HOH 15 2015 2015 HOH HOH A . 
C 2 HOH 16 2016 2016 HOH HOH A . 
C 2 HOH 17 2017 2017 HOH HOH A . 
C 2 HOH 18 2018 2018 HOH HOH A . 
C 2 HOH 19 2019 2019 HOH HOH A . 
C 2 HOH 20 2020 2020 HOH HOH A . 
C 2 HOH 21 2021 2021 HOH HOH A . 
C 2 HOH 22 2022 2022 HOH HOH A . 
C 2 HOH 23 2023 2023 HOH HOH A . 
C 2 HOH 24 2024 2024 HOH HOH A . 
C 2 HOH 25 2025 2025 HOH HOH A . 
C 2 HOH 26 2026 2026 HOH HOH A . 
C 2 HOH 27 2027 2027 HOH HOH A . 
C 2 HOH 28 2028 2028 HOH HOH A . 
C 2 HOH 29 2029 2029 HOH HOH A . 
C 2 HOH 30 2030 2030 HOH HOH A . 
C 2 HOH 31 2031 2031 HOH HOH A . 
C 2 HOH 32 2032 2032 HOH HOH A . 
C 2 HOH 33 2033 2033 HOH HOH A . 
C 2 HOH 34 2034 2034 HOH HOH A . 
C 2 HOH 35 2035 2035 HOH HOH A . 
C 2 HOH 36 2036 2036 HOH HOH A . 
C 2 HOH 37 2037 2037 HOH HOH A . 
C 2 HOH 38 2038 2038 HOH HOH A . 
C 2 HOH 39 2039 2039 HOH HOH A . 
C 2 HOH 40 2040 2040 HOH HOH A . 
C 2 HOH 41 2041 2041 HOH HOH A . 
C 2 HOH 42 2042 2042 HOH HOH A . 
C 2 HOH 43 2043 2043 HOH HOH A . 
C 2 HOH 44 2044 2044 HOH HOH A . 
C 2 HOH 45 2045 2045 HOH HOH A . 
C 2 HOH 46 2046 2046 HOH HOH A . 
C 2 HOH 47 2047 2047 HOH HOH A . 
C 2 HOH 48 2048 2048 HOH HOH A . 
C 2 HOH 49 2049 2049 HOH HOH A . 
C 2 HOH 50 2050 2050 HOH HOH A . 
C 2 HOH 51 2051 2051 HOH HOH A . 
C 2 HOH 52 2052 2052 HOH HOH A . 
C 2 HOH 53 2053 2053 HOH HOH A . 
C 2 HOH 54 2054 2054 HOH HOH A . 
C 2 HOH 55 2055 2055 HOH HOH A . 
C 2 HOH 56 2056 2056 HOH HOH A . 
C 2 HOH 57 2057 2057 HOH HOH A . 
C 2 HOH 58 2058 2058 HOH HOH A . 
C 2 HOH 59 2059 2059 HOH HOH A . 
C 2 HOH 60 2060 2060 HOH HOH A . 
C 2 HOH 61 2061 2061 HOH HOH A . 
C 2 HOH 62 2062 2062 HOH HOH A . 
C 2 HOH 63 2063 2063 HOH HOH A . 
C 2 HOH 64 2064 2064 HOH HOH A . 
D 2 HOH 1  2001 2001 HOH HOH B . 
D 2 HOH 2  2002 2002 HOH HOH B . 
D 2 HOH 3  2003 2003 HOH HOH B . 
D 2 HOH 4  2004 2004 HOH HOH B . 
D 2 HOH 5  2005 2005 HOH HOH B . 
D 2 HOH 6  2006 2006 HOH HOH B . 
D 2 HOH 7  2007 2007 HOH HOH B . 
D 2 HOH 8  2008 2008 HOH HOH B . 
D 2 HOH 9  2009 2009 HOH HOH B . 
D 2 HOH 10 2010 2010 HOH HOH B . 
D 2 HOH 11 2011 2011 HOH HOH B . 
D 2 HOH 12 2012 2012 HOH HOH B . 
D 2 HOH 13 2013 2013 HOH HOH B . 
D 2 HOH 14 2014 2014 HOH HOH B . 
D 2 HOH 15 2015 2015 HOH HOH B . 
D 2 HOH 16 2016 2016 HOH HOH B . 
D 2 HOH 17 2017 2017 HOH HOH B . 
D 2 HOH 18 2018 2018 HOH HOH B . 
D 2 HOH 19 2019 2019 HOH HOH B . 
D 2 HOH 20 2020 2020 HOH HOH B . 
D 2 HOH 21 2021 2021 HOH HOH B . 
D 2 HOH 22 2022 2022 HOH HOH B . 
D 2 HOH 23 2023 2023 HOH HOH B . 
D 2 HOH 24 2024 2024 HOH HOH B . 
D 2 HOH 25 2025 2025 HOH HOH B . 
D 2 HOH 26 2026 2026 HOH HOH B . 
D 2 HOH 27 2027 2027 HOH HOH B . 
D 2 HOH 28 2028 2028 HOH HOH B . 
D 2 HOH 29 2029 2029 HOH HOH B . 
# 
loop_
_pdbx_unobs_or_zero_occ_atoms.id 
_pdbx_unobs_or_zero_occ_atoms.PDB_model_num 
_pdbx_unobs_or_zero_occ_atoms.polymer_flag 
_pdbx_unobs_or_zero_occ_atoms.occupancy_flag 
_pdbx_unobs_or_zero_occ_atoms.auth_asym_id 
_pdbx_unobs_or_zero_occ_atoms.auth_comp_id 
_pdbx_unobs_or_zero_occ_atoms.auth_seq_id 
_pdbx_unobs_or_zero_occ_atoms.PDB_ins_code 
_pdbx_unobs_or_zero_occ_atoms.auth_atom_id 
_pdbx_unobs_or_zero_occ_atoms.label_alt_id 
_pdbx_unobs_or_zero_occ_atoms.label_asym_id 
_pdbx_unobs_or_zero_occ_atoms.label_comp_id 
_pdbx_unobs_or_zero_occ_atoms.label_seq_id 
_pdbx_unobs_or_zero_occ_atoms.label_atom_id 
1  1 Y 1 A LYS 100 ? C  ? A LYS 100 C  
2  1 Y 1 A LYS 100 ? O  ? A LYS 100 O  
3  1 Y 1 A LYS 100 ? CB ? A LYS 100 CB 
4  1 Y 1 A LYS 100 ? CG ? A LYS 100 CG 
5  1 Y 1 A LYS 100 ? CD ? A LYS 100 CD 
6  1 Y 1 A LYS 100 ? CE ? A LYS 100 CE 
7  1 Y 1 A LYS 100 ? NZ ? A LYS 100 NZ 
8  1 Y 1 B LYS 100 ? C  ? B LYS 100 C  
9  1 Y 1 B LYS 100 ? O  ? B LYS 100 O  
10 1 Y 1 B LYS 100 ? CB ? B LYS 100 CB 
11 1 Y 1 B LYS 100 ? CG ? B LYS 100 CG 
12 1 Y 1 B LYS 100 ? CD ? B LYS 100 CD 
13 1 Y 1 B LYS 100 ? CE ? B LYS 100 CE 
14 1 Y 1 B LYS 100 ? NZ ? B LYS 100 NZ 
# 
loop_
_software.name 
_software.classification 
_software.version 
_software.citation_id 
_software.pdbx_ordinal 
REFMAC   refinement       5.6.0117 ? 1 
HKL-2000 'data reduction' .        ? 2 
HKL-2000 'data scaling'   .        ? 3 
CCP4     phasing          .        ? 4 
# 
_cell.entry_id           4BG7 
_cell.length_a           108.570 
_cell.length_b           108.570 
_cell.length_c           34.633 
_cell.angle_alpha        90.00 
_cell.angle_beta         90.00 
_cell.angle_gamma        90.00 
_cell.Z_PDB              16 
_cell.pdbx_unique_axis   ? 
# 
_symmetry.entry_id                         4BG7 
_symmetry.space_group_name_H-M             'I 4' 
_symmetry.pdbx_full_space_group_name_H-M   ? 
_symmetry.cell_setting                     ? 
_symmetry.Int_Tables_number                79 
# 
_exptl.entry_id          4BG7 
_exptl.method            'X-RAY DIFFRACTION' 
_exptl.crystals_number   1 
# 
_exptl_crystal.id                    1 
_exptl_crystal.density_meas          ? 
_exptl_crystal.density_Matthews      2.12 
_exptl_crystal.density_percent_sol   41.9 
_exptl_crystal.description           NONE 
# 
_exptl_crystal_grow.crystal_id      1 
_exptl_crystal_grow.method          ? 
_exptl_crystal_grow.temp            ? 
_exptl_crystal_grow.temp_details    ? 
_exptl_crystal_grow.pH              6.5 
_exptl_crystal_grow.pdbx_pH_range   ? 
_exptl_crystal_grow.pdbx_details    '100 MM SODIUM ACETATE PH 6.5, 20% PEG 4000, 8% ISOPROPANOL' 
# 
_diffrn.id                     1 
_diffrn.ambient_temp           100 
_diffrn.ambient_temp_details   ? 
_diffrn.crystal_id             1 
# 
_diffrn_detector.diffrn_id              1 
_diffrn_detector.detector               CCD 
_diffrn_detector.type                   'MARMOSAIC 225 mm CCD' 
_diffrn_detector.pdbx_collection_date   2011-04-28 
_diffrn_detector.details                MIRRORS 
# 
_diffrn_radiation.diffrn_id                        1 
_diffrn_radiation.wavelength_id                    1 
_diffrn_radiation.pdbx_monochromatic_or_laue_m_l   M 
_diffrn_radiation.monochromator                    'SI(111)' 
_diffrn_radiation.pdbx_diffrn_protocol             'SINGLE WAVELENGTH' 
_diffrn_radiation.pdbx_scattering_type             x-ray 
# 
_diffrn_radiation_wavelength.id           1 
_diffrn_radiation_wavelength.wavelength   0.91841 
_diffrn_radiation_wavelength.wt           1.0 
# 
_diffrn_source.diffrn_id                   1 
_diffrn_source.source                      SYNCHROTRON 
_diffrn_source.type                        'BESSY BEAMLINE 14.2' 
_diffrn_source.pdbx_synchrotron_site       BESSY 
_diffrn_source.pdbx_synchrotron_beamline   14.2 
_diffrn_source.pdbx_wavelength             0.91841 
_diffrn_source.pdbx_wavelength_list        ? 
# 
_reflns.pdbx_diffrn_id               1 
_reflns.pdbx_ordinal                 1 
_reflns.entry_id                     4BG7 
_reflns.observed_criterion_sigma_I   -3.0 
_reflns.observed_criterion_sigma_F   ? 
_reflns.d_resolution_low             50.00 
_reflns.d_resolution_high            1.90 
_reflns.number_obs                   16230 
_reflns.number_all                   ? 
_reflns.percent_possible_obs         100.0 
_reflns.pdbx_Rmerge_I_obs            0.07 
_reflns.pdbx_Rsym_value              ? 
_reflns.pdbx_netI_over_sigmaI        36.30 
_reflns.B_iso_Wilson_estimate        ? 
_reflns.pdbx_redundancy              11.4 
# 
_reflns_shell.pdbx_diffrn_id         1 
_reflns_shell.pdbx_ordinal           1 
_reflns_shell.d_res_high             1.90 
_reflns_shell.d_res_low              1.97 
_reflns_shell.percent_possible_all   100.0 
_reflns_shell.Rmerge_I_obs           0.39 
_reflns_shell.pdbx_Rsym_value        ? 
_reflns_shell.meanI_over_sigI_obs    4.40 
_reflns_shell.pdbx_redundancy        6.7 
# 
_refine.pdbx_refine_id                           'X-RAY DIFFRACTION' 
_refine.entry_id                                 4BG7 
_refine.pdbx_diffrn_id                           1 
_refine.pdbx_TLS_residual_ADP_flag               ? 
_refine.ls_number_reflns_obs                     15406 
_refine.ls_number_reflns_all                     ? 
_refine.pdbx_ls_sigma_I                          ? 
_refine.pdbx_ls_sigma_F                          . 
_refine.pdbx_data_cutoff_high_absF               ? 
_refine.pdbx_data_cutoff_low_absF                ? 
_refine.pdbx_data_cutoff_high_rms_absF           ? 
_refine.ls_d_res_low                             50.00 
_refine.ls_d_res_high                            1.90 
_refine.ls_percent_reflns_obs                    99.93 
_refine.ls_R_factor_obs                          0.20054 
_refine.ls_R_factor_all                          ? 
_refine.ls_R_factor_R_work                       0.19769 
_refine.ls_R_factor_R_free                       0.25731 
_refine.ls_R_factor_R_free_error                 ? 
_refine.ls_R_factor_R_free_error_details         ? 
_refine.ls_percent_reflns_R_free                 5.0 
_refine.ls_number_reflns_R_free                  816 
_refine.ls_number_parameters                     ? 
_refine.ls_number_restraints                     ? 
_refine.occupancy_min                            ? 
_refine.occupancy_max                            ? 
_refine.correlation_coeff_Fo_to_Fc               0.960 
_refine.correlation_coeff_Fo_to_Fc_free          0.944 
_refine.B_iso_mean                               31.255 
_refine.aniso_B[1][1]                            -0.43 
_refine.aniso_B[2][2]                            -0.43 
_refine.aniso_B[3][3]                            0.85 
_refine.aniso_B[1][2]                            0.00 
_refine.aniso_B[1][3]                            0.00 
_refine.aniso_B[2][3]                            0.00 
_refine.solvent_model_details                    MASK 
_refine.solvent_model_param_ksol                 ? 
_refine.solvent_model_param_bsol                 ? 
_refine.pdbx_solvent_vdw_probe_radii             1.20 
_refine.pdbx_solvent_ion_probe_radii             0.80 
_refine.pdbx_solvent_shrinkage_radii             0.80 
_refine.pdbx_ls_cross_valid_method               THROUGHOUT 
_refine.details                                  'HYDROGENS HAVE BEEN ADDED IN THE RIDING POSITIONS. U VALUES REFINED INDIVIDUALLY' 
_refine.pdbx_starting_model                      NONE 
_refine.pdbx_method_to_determine_struct          SIRAS 
_refine.pdbx_isotropic_thermal_model             ? 
_refine.pdbx_stereochemistry_target_values       'MAXIMUM LIKELIHOOD' 
_refine.pdbx_stereochem_target_val_spec_case     ? 
_refine.pdbx_R_Free_selection_details            RANDOM 
_refine.pdbx_overall_ESU_R                       0.165 
_refine.pdbx_overall_ESU_R_Free                  0.162 
_refine.overall_SU_ML                            0.122 
_refine.pdbx_overall_phase_error                 ? 
_refine.overall_SU_B                             4.193 
_refine.overall_SU_R_Cruickshank_DPI             ? 
_refine.pdbx_overall_SU_R_free_Cruickshank_DPI   ? 
_refine.pdbx_overall_SU_R_Blow_DPI               ? 
_refine.pdbx_overall_SU_R_free_Blow_DPI          ? 
# 
_refine_hist.pdbx_refine_id                   'X-RAY DIFFRACTION' 
_refine_hist.cycle_id                         LAST 
_refine_hist.pdbx_number_atoms_protein        1549 
_refine_hist.pdbx_number_atoms_nucleic_acid   0 
_refine_hist.pdbx_number_atoms_ligand         0 
_refine_hist.number_atoms_solvent             93 
_refine_hist.number_atoms_total               1642 
_refine_hist.d_res_high                       1.90 
_refine_hist.d_res_low                        50.00 
# 
loop_
_refine_ls_restr.type 
_refine_ls_restr.dev_ideal 
_refine_ls_restr.dev_ideal_target 
_refine_ls_restr.weight 
_refine_ls_restr.number 
_refine_ls_restr.pdbx_refine_id 
_refine_ls_restr.pdbx_restraint_function 
r_bond_refined_d             0.019  0.020  ? 1587 'X-RAY DIFFRACTION' ? 
r_bond_other_d               0.002  0.020  ? 1068 'X-RAY DIFFRACTION' ? 
r_angle_refined_deg          1.790  1.936  ? 2150 'X-RAY DIFFRACTION' ? 
r_angle_other_deg            0.966  3.000  ? 2589 'X-RAY DIFFRACTION' ? 
r_dihedral_angle_1_deg       6.662  5.000  ? 184  'X-RAY DIFFRACTION' ? 
r_dihedral_angle_2_deg       36.510 24.773 ? 88   'X-RAY DIFFRACTION' ? 
r_dihedral_angle_3_deg       14.060 15.000 ? 275  'X-RAY DIFFRACTION' ? 
r_dihedral_angle_4_deg       10.740 15.000 ? 8    'X-RAY DIFFRACTION' ? 
r_chiral_restr               0.118  0.200  ? 228  'X-RAY DIFFRACTION' ? 
r_gen_planes_refined         0.008  0.020  ? 1766 'X-RAY DIFFRACTION' ? 
r_gen_planes_other           0.001  0.020  ? 350  'X-RAY DIFFRACTION' ? 
r_nbd_refined                ?      ?      ? ?    'X-RAY DIFFRACTION' ? 
r_nbd_other                  ?      ?      ? ?    'X-RAY DIFFRACTION' ? 
r_nbtor_refined              ?      ?      ? ?    'X-RAY DIFFRACTION' ? 
r_nbtor_other                ?      ?      ? ?    'X-RAY DIFFRACTION' ? 
r_xyhbond_nbd_refined        ?      ?      ? ?    'X-RAY DIFFRACTION' ? 
r_xyhbond_nbd_other          ?      ?      ? ?    'X-RAY DIFFRACTION' ? 
r_metal_ion_refined          ?      ?      ? ?    'X-RAY DIFFRACTION' ? 
r_metal_ion_other            ?      ?      ? ?    'X-RAY DIFFRACTION' ? 
r_symmetry_vdw_refined       ?      ?      ? ?    'X-RAY DIFFRACTION' ? 
r_symmetry_vdw_other         ?      ?      ? ?    'X-RAY DIFFRACTION' ? 
r_symmetry_hbond_refined     ?      ?      ? ?    'X-RAY DIFFRACTION' ? 
r_symmetry_hbond_other       ?      ?      ? ?    'X-RAY DIFFRACTION' ? 
r_symmetry_metal_ion_refined ?      ?      ? ?    'X-RAY DIFFRACTION' ? 
r_symmetry_metal_ion_other   ?      ?      ? ?    'X-RAY DIFFRACTION' ? 
r_mcbond_it                  ?      ?      ? ?    'X-RAY DIFFRACTION' ? 
r_mcbond_other               ?      ?      ? ?    'X-RAY DIFFRACTION' ? 
r_mcangle_it                 ?      ?      ? ?    'X-RAY DIFFRACTION' ? 
r_mcangle_other              ?      ?      ? ?    'X-RAY DIFFRACTION' ? 
r_scbond_it                  ?      ?      ? ?    'X-RAY DIFFRACTION' ? 
r_scbond_other               ?      ?      ? ?    'X-RAY DIFFRACTION' ? 
r_scangle_it                 ?      ?      ? ?    'X-RAY DIFFRACTION' ? 
r_scangle_other              ?      ?      ? ?    'X-RAY DIFFRACTION' ? 
r_long_range_B_refined       ?      ?      ? ?    'X-RAY DIFFRACTION' ? 
r_long_range_B_other         ?      ?      ? ?    'X-RAY DIFFRACTION' ? 
r_rigid_bond_restr           ?      ?      ? ?    'X-RAY DIFFRACTION' ? 
r_sphericity_free            ?      ?      ? ?    'X-RAY DIFFRACTION' ? 
r_sphericity_bonded          ?      ?      ? ?    'X-RAY DIFFRACTION' ? 
# 
_refine_ls_shell.pdbx_refine_id                   'X-RAY DIFFRACTION' 
_refine_ls_shell.pdbx_total_number_of_bins_used   20 
_refine_ls_shell.d_res_high                       1.900 
_refine_ls_shell.d_res_low                        1.949 
_refine_ls_shell.number_reflns_R_work             1033 
_refine_ls_shell.R_factor_R_work                  0.285 
_refine_ls_shell.percent_reflns_obs               99.28 
_refine_ls_shell.R_factor_R_free                  0.318 
_refine_ls_shell.R_factor_R_free_error            ? 
_refine_ls_shell.percent_reflns_R_free            ? 
_refine_ls_shell.number_reflns_R_free             66 
_refine_ls_shell.number_reflns_all                ? 
_refine_ls_shell.R_factor_all                     ? 
# 
_struct.entry_id                  4BG7 
_struct.title                     
'Bacteriophage T5 Homolog of the Eukaryotic Transcription Coactivator PC4 Implicated in Recombination-Dependent DNA Replication' 
_struct.pdbx_model_details        ? 
_struct.pdbx_CASP_flag            ? 
_struct.pdbx_model_type_details   ? 
# 
_struct_keywords.entry_id        4BG7 
_struct_keywords.pdbx_keywords   REPLICATION 
_struct_keywords.text            'REPLICATION, RECOMBINATION, REPAIR, TRANSCRIPTION, SSB' 
# 
loop_
_struct_asym.id 
_struct_asym.pdbx_blank_PDB_chainid_flag 
_struct_asym.pdbx_modified 
_struct_asym.entity_id 
_struct_asym.details 
A N N 1 ? 
B N N 1 ? 
C N N 2 ? 
D N N 2 ? 
# 
_struct_ref.id                         1 
_struct_ref.db_name                    UNP 
_struct_ref.db_code                    Q6QGH2_BPT5 
_struct_ref.entity_id                  1 
_struct_ref.pdbx_seq_one_letter_code   ? 
_struct_ref.pdbx_align_begin           ? 
_struct_ref.pdbx_db_accession          Q6QGH2 
_struct_ref.pdbx_db_isoform            ? 
# 
loop_
_struct_ref_seq.align_id 
_struct_ref_seq.ref_id 
_struct_ref_seq.pdbx_PDB_id_code 
_struct_ref_seq.pdbx_strand_id 
_struct_ref_seq.seq_align_beg 
_struct_ref_seq.pdbx_seq_align_beg_ins_code 
_struct_ref_seq.seq_align_end 
_struct_ref_seq.pdbx_seq_align_end_ins_code 
_struct_ref_seq.pdbx_db_accession 
_struct_ref_seq.db_align_beg 
_struct_ref_seq.pdbx_db_align_beg_ins_code 
_struct_ref_seq.db_align_end 
_struct_ref_seq.pdbx_db_align_end_ins_code 
_struct_ref_seq.pdbx_auth_seq_align_beg 
_struct_ref_seq.pdbx_auth_seq_align_end 
1 1 4BG7 A 1 ? 102 ? Q6QGH2 1 ? 102 ? 1 102 
2 1 4BG7 B 1 ? 102 ? Q6QGH2 1 ? 102 ? 1 102 
# 
_pdbx_struct_assembly.id                   1 
_pdbx_struct_assembly.details              author_and_software_defined_assembly 
_pdbx_struct_assembly.method_details       PISA 
_pdbx_struct_assembly.oligomeric_details   dimeric 
_pdbx_struct_assembly.oligomeric_count     2 
# 
loop_
_pdbx_struct_assembly_prop.biol_id 
_pdbx_struct_assembly_prop.type 
_pdbx_struct_assembly_prop.value 
_pdbx_struct_assembly_prop.details 
1 'ABSA (A^2)' 4240  ? 
1 MORE         -41.5 ? 
1 'SSA (A^2)'  10410 ? 
# 
_pdbx_struct_assembly_gen.assembly_id       1 
_pdbx_struct_assembly_gen.oper_expression   1 
_pdbx_struct_assembly_gen.asym_id_list      A,B,C,D 
# 
_pdbx_struct_oper_list.id                   1 
_pdbx_struct_oper_list.type                 'identity operation' 
_pdbx_struct_oper_list.name                 1_555 
_pdbx_struct_oper_list.symmetry_operation   x,y,z 
_pdbx_struct_oper_list.matrix[1][1]         1.0000000000 
_pdbx_struct_oper_list.matrix[1][2]         0.0000000000 
_pdbx_struct_oper_list.matrix[1][3]         0.0000000000 
_pdbx_struct_oper_list.vector[1]            0.0000000000 
_pdbx_struct_oper_list.matrix[2][1]         0.0000000000 
_pdbx_struct_oper_list.matrix[2][2]         1.0000000000 
_pdbx_struct_oper_list.matrix[2][3]         0.0000000000 
_pdbx_struct_oper_list.vector[2]            0.0000000000 
_pdbx_struct_oper_list.matrix[3][1]         0.0000000000 
_pdbx_struct_oper_list.matrix[3][2]         0.0000000000 
_pdbx_struct_oper_list.matrix[3][3]         1.0000000000 
_pdbx_struct_oper_list.vector[3]            0.0000000000 
# 
_struct_biol.id   1 
# 
loop_
_struct_conf.conf_type_id 
_struct_conf.id 
_struct_conf.pdbx_PDB_helix_id 
_struct_conf.beg_label_comp_id 
_struct_conf.beg_label_asym_id 
_struct_conf.beg_label_seq_id 
_struct_conf.pdbx_beg_PDB_ins_code 
_struct_conf.end_label_comp_id 
_struct_conf.end_label_asym_id 
_struct_conf.end_label_seq_id 
_struct_conf.pdbx_end_PDB_ins_code 
_struct_conf.beg_auth_comp_id 
_struct_conf.beg_auth_asym_id 
_struct_conf.beg_auth_seq_id 
_struct_conf.end_auth_comp_id 
_struct_conf.end_auth_asym_id 
_struct_conf.end_auth_seq_id 
_struct_conf.pdbx_PDB_helix_class 
_struct_conf.details 
_struct_conf.pdbx_PDB_helix_length 
HELX_P HELX_P1 1 THR A 66 ? SER A 84 ? THR A 66 SER A 84 1 ? 19 
HELX_P HELX_P2 2 VAL A 86 ? ALA A 99 ? VAL A 86 ALA A 99 1 ? 14 
HELX_P HELX_P3 3 THR B 66 ? SER B 84 ? THR B 66 SER B 84 1 ? 19 
HELX_P HELX_P4 4 VAL B 86 ? ALA B 99 ? VAL B 86 ALA B 99 1 ? 14 
# 
_struct_conf_type.id          HELX_P 
_struct_conf_type.criteria    ? 
_struct_conf_type.reference   ? 
# 
loop_
_struct_sheet.id 
_struct_sheet.type 
_struct_sheet.number_strands 
_struct_sheet.details 
AA ? 4 ? 
BA ? 4 ? 
# 
loop_
_struct_sheet_order.sheet_id 
_struct_sheet_order.range_id_1 
_struct_sheet_order.range_id_2 
_struct_sheet_order.offset 
_struct_sheet_order.sense 
AA 1 2 ? anti-parallel 
AA 2 3 ? anti-parallel 
AA 3 4 ? anti-parallel 
BA 1 2 ? anti-parallel 
BA 2 3 ? anti-parallel 
BA 3 4 ? anti-parallel 
# 
loop_
_struct_sheet_range.sheet_id 
_struct_sheet_range.id 
_struct_sheet_range.beg_label_comp_id 
_struct_sheet_range.beg_label_asym_id 
_struct_sheet_range.beg_label_seq_id 
_struct_sheet_range.pdbx_beg_PDB_ins_code 
_struct_sheet_range.end_label_comp_id 
_struct_sheet_range.end_label_asym_id 
_struct_sheet_range.end_label_seq_id 
_struct_sheet_range.pdbx_end_PDB_ins_code 
_struct_sheet_range.beg_auth_comp_id 
_struct_sheet_range.beg_auth_asym_id 
_struct_sheet_range.beg_auth_seq_id 
_struct_sheet_range.end_auth_comp_id 
_struct_sheet_range.end_auth_asym_id 
_struct_sheet_range.end_auth_seq_id 
AA 1 VAL A 13 ? LYS A 23 ? VAL A 13 LYS A 23 
AA 2 GLU A 26 ? PHE A 35 ? GLU A 26 PHE A 35 
AA 3 ASN A 38 ? LEU A 48 ? ASN A 38 LEU A 48 
AA 4 TRP A 54 ? PRO A 64 ? TRP A 54 PRO A 64 
BA 1 GLN B 16 ? LYS B 23 ? GLN B 16 LYS B 23 
BA 2 GLU B 26 ? GLU B 34 ? GLU B 26 GLU B 34 
BA 3 LEU B 39 ? LEU B 48 ? LEU B 39 LEU B 48 
BA 4 TRP B 54 ? PRO B 64 ? TRP B 54 PRO B 64 
# 
loop_
_pdbx_struct_sheet_hbond.sheet_id 
_pdbx_struct_sheet_hbond.range_id_1 
_pdbx_struct_sheet_hbond.range_id_2 
_pdbx_struct_sheet_hbond.range_1_label_atom_id 
_pdbx_struct_sheet_hbond.range_1_label_comp_id 
_pdbx_struct_sheet_hbond.range_1_label_asym_id 
_pdbx_struct_sheet_hbond.range_1_label_seq_id 
_pdbx_struct_sheet_hbond.range_1_PDB_ins_code 
_pdbx_struct_sheet_hbond.range_1_auth_atom_id 
_pdbx_struct_sheet_hbond.range_1_auth_comp_id 
_pdbx_struct_sheet_hbond.range_1_auth_asym_id 
_pdbx_struct_sheet_hbond.range_1_auth_seq_id 
_pdbx_struct_sheet_hbond.range_2_label_atom_id 
_pdbx_struct_sheet_hbond.range_2_label_comp_id 
_pdbx_struct_sheet_hbond.range_2_label_asym_id 
_pdbx_struct_sheet_hbond.range_2_label_seq_id 
_pdbx_struct_sheet_hbond.range_2_PDB_ins_code 
_pdbx_struct_sheet_hbond.range_2_auth_atom_id 
_pdbx_struct_sheet_hbond.range_2_auth_comp_id 
_pdbx_struct_sheet_hbond.range_2_auth_asym_id 
_pdbx_struct_sheet_hbond.range_2_auth_seq_id 
AA 1 2 N LYS A 23 ? N LYS A 23 O GLU A 26 ? O GLU A 26 
AA 2 3 N PHE A 35 ? N PHE A 35 O ASN A 38 ? O ASN A 38 
AA 3 4 N LEU A 47 ? N LEU A 47 O PHE A 55 ? O PHE A 55 
BA 1 2 N LYS B 23 ? N LYS B 23 O GLU B 26 ? O GLU B 26 
BA 2 3 N SER B 33 ? N SER B 33 O TYR B 40 ? O TYR B 40 
BA 3 4 N LEU B 47 ? N LEU B 47 O PHE B 55 ? O PHE B 55 
# 
_pdbx_validate_close_contact.id               1 
_pdbx_validate_close_contact.PDB_model_num    1 
_pdbx_validate_close_contact.auth_atom_id_1   OD1 
_pdbx_validate_close_contact.auth_asym_id_1   A 
_pdbx_validate_close_contact.auth_comp_id_1   ASP 
_pdbx_validate_close_contact.auth_seq_id_1    15 
_pdbx_validate_close_contact.PDB_ins_code_1   ? 
_pdbx_validate_close_contact.label_alt_id_1   ? 
_pdbx_validate_close_contact.auth_atom_id_2   O 
_pdbx_validate_close_contact.auth_asym_id_2   A 
_pdbx_validate_close_contact.auth_comp_id_2   HOH 
_pdbx_validate_close_contact.auth_seq_id_2    2019 
_pdbx_validate_close_contact.PDB_ins_code_2   ? 
_pdbx_validate_close_contact.label_alt_id_2   ? 
_pdbx_validate_close_contact.dist             2.17 
# 
loop_
_pdbx_validate_rmsd_bond.id 
_pdbx_validate_rmsd_bond.PDB_model_num 
_pdbx_validate_rmsd_bond.auth_atom_id_1 
_pdbx_validate_rmsd_bond.auth_asym_id_1 
_pdbx_validate_rmsd_bond.auth_comp_id_1 
_pdbx_validate_rmsd_bond.auth_seq_id_1 
_pdbx_validate_rmsd_bond.PDB_ins_code_1 
_pdbx_validate_rmsd_bond.label_alt_id_1 
_pdbx_validate_rmsd_bond.auth_atom_id_2 
_pdbx_validate_rmsd_bond.auth_asym_id_2 
_pdbx_validate_rmsd_bond.auth_comp_id_2 
_pdbx_validate_rmsd_bond.auth_seq_id_2 
_pdbx_validate_rmsd_bond.PDB_ins_code_2 
_pdbx_validate_rmsd_bond.label_alt_id_2 
_pdbx_validate_rmsd_bond.bond_value 
_pdbx_validate_rmsd_bond.bond_target_value 
_pdbx_validate_rmsd_bond.bond_deviation 
_pdbx_validate_rmsd_bond.bond_standard_deviation 
_pdbx_validate_rmsd_bond.linker_flag 
1 1 CG A HIS 88 ? ? CD2 A HIS 88 ? ? 1.415 1.354 0.061 0.009 N 
2 1 CG B HIS 88 ? ? CD2 B HIS 88 ? ? 1.411 1.354 0.057 0.009 N 
# 
loop_
_pdbx_validate_torsion.id 
_pdbx_validate_torsion.PDB_model_num 
_pdbx_validate_torsion.auth_comp_id 
_pdbx_validate_torsion.auth_asym_id 
_pdbx_validate_torsion.auth_seq_id 
_pdbx_validate_torsion.PDB_ins_code 
_pdbx_validate_torsion.label_alt_id 
_pdbx_validate_torsion.phi 
_pdbx_validate_torsion.psi 
1 1 LEU A 20 ? ? -100.26 -66.80 
2 1 GLU A 24 ? ? 35.11   55.03  
3 1 LYS A 98 ? ? -58.18  -72.72 
# 
_pdbx_validate_peptide_omega.id               1 
_pdbx_validate_peptide_omega.PDB_model_num    1 
_pdbx_validate_peptide_omega.auth_comp_id_1   GLY 
_pdbx_validate_peptide_omega.auth_asym_id_1   A 
_pdbx_validate_peptide_omega.auth_seq_id_1    25 
_pdbx_validate_peptide_omega.PDB_ins_code_1   ? 
_pdbx_validate_peptide_omega.label_alt_id_1   ? 
_pdbx_validate_peptide_omega.auth_comp_id_2   GLU 
_pdbx_validate_peptide_omega.auth_asym_id_2   A 
_pdbx_validate_peptide_omega.auth_seq_id_2    26 
_pdbx_validate_peptide_omega.PDB_ins_code_2   ? 
_pdbx_validate_peptide_omega.label_alt_id_2   ? 
_pdbx_validate_peptide_omega.omega            147.75 
# 
loop_
_pdbx_unobs_or_zero_occ_residues.id 
_pdbx_unobs_or_zero_occ_residues.PDB_model_num 
_pdbx_unobs_or_zero_occ_residues.polymer_flag 
_pdbx_unobs_or_zero_occ_residues.occupancy_flag 
_pdbx_unobs_or_zero_occ_residues.auth_asym_id 
_pdbx_unobs_or_zero_occ_residues.auth_comp_id 
_pdbx_unobs_or_zero_occ_residues.auth_seq_id 
_pdbx_unobs_or_zero_occ_residues.PDB_ins_code 
_pdbx_unobs_or_zero_occ_residues.label_asym_id 
_pdbx_unobs_or_zero_occ_residues.label_comp_id 
_pdbx_unobs_or_zero_occ_residues.label_seq_id 
1  1 Y 1 A MET 1   ? A MET 1   
2  1 Y 1 A SER 2   ? A SER 2   
3  1 Y 1 A ASN 101 ? A ASN 101 
4  1 Y 1 A ALA 102 ? A ALA 102 
5  1 Y 1 B MET 1   ? B MET 1   
6  1 Y 1 B SER 2   ? B SER 2   
7  1 Y 1 B GLU 3   ? B GLU 3   
8  1 Y 1 B GLN 4   ? B GLN 4   
9  1 Y 1 B VAL 5   ? B VAL 5   
10 1 Y 1 B ASN 6   ? B ASN 6   
11 1 Y 1 B GLN 7   ? B GLN 7   
12 1 Y 1 B ASN 8   ? B ASN 8   
13 1 Y 1 B TYR 9   ? B TYR 9   
14 1 Y 1 B GLU 10  ? B GLU 10  
15 1 Y 1 B GLY 11  ? B GLY 11  
16 1 Y 1 B HIS 12  ? B HIS 12  
17 1 Y 1 B ASN 101 ? B ASN 101 
18 1 Y 1 B ALA 102 ? B ALA 102 
# 
loop_
_chem_comp_atom.comp_id 
_chem_comp_atom.atom_id 
_chem_comp_atom.type_symbol 
_chem_comp_atom.pdbx_aromatic_flag 
_chem_comp_atom.pdbx_stereo_config 
_chem_comp_atom.pdbx_ordinal 
ALA N    N N N 1   
ALA CA   C N S 2   
ALA C    C N N 3   
ALA O    O N N 4   
ALA CB   C N N 5   
ALA OXT  O N N 6   
ALA H    H N N 7   
ALA H2   H N N 8   
ALA HA   H N N 9   
ALA HB1  H N N 10  
ALA HB2  H N N 11  
ALA HB3  H N N 12  
ALA HXT  H N N 13  
ARG N    N N N 14  
ARG CA   C N S 15  
ARG C    C N N 16  
ARG O    O N N 17  
ARG CB   C N N 18  
ARG CG   C N N 19  
ARG CD   C N N 20  
ARG NE   N N N 21  
ARG CZ   C N N 22  
ARG NH1  N N N 23  
ARG NH2  N N N 24  
ARG OXT  O N N 25  
ARG H    H N N 26  
ARG H2   H N N 27  
ARG HA   H N N 28  
ARG HB2  H N N 29  
ARG HB3  H N N 30  
ARG HG2  H N N 31  
ARG HG3  H N N 32  
ARG HD2  H N N 33  
ARG HD3  H N N 34  
ARG HE   H N N 35  
ARG HH11 H N N 36  
ARG HH12 H N N 37  
ARG HH21 H N N 38  
ARG HH22 H N N 39  
ARG HXT  H N N 40  
ASN N    N N N 41  
ASN CA   C N S 42  
ASN C    C N N 43  
ASN O    O N N 44  
ASN CB   C N N 45  
ASN CG   C N N 46  
ASN OD1  O N N 47  
ASN ND2  N N N 48  
ASN OXT  O N N 49  
ASN H    H N N 50  
ASN H2   H N N 51  
ASN HA   H N N 52  
ASN HB2  H N N 53  
ASN HB3  H N N 54  
ASN HD21 H N N 55  
ASN HD22 H N N 56  
ASN HXT  H N N 57  
ASP N    N N N 58  
ASP CA   C N S 59  
ASP C    C N N 60  
ASP O    O N N 61  
ASP CB   C N N 62  
ASP CG   C N N 63  
ASP OD1  O N N 64  
ASP OD2  O N N 65  
ASP OXT  O N N 66  
ASP H    H N N 67  
ASP H2   H N N 68  
ASP HA   H N N 69  
ASP HB2  H N N 70  
ASP HB3  H N N 71  
ASP HD2  H N N 72  
ASP HXT  H N N 73  
GLN N    N N N 74  
GLN CA   C N S 75  
GLN C    C N N 76  
GLN O    O N N 77  
GLN CB   C N N 78  
GLN CG   C N N 79  
GLN CD   C N N 80  
GLN OE1  O N N 81  
GLN NE2  N N N 82  
GLN OXT  O N N 83  
GLN H    H N N 84  
GLN H2   H N N 85  
GLN HA   H N N 86  
GLN HB2  H N N 87  
GLN HB3  H N N 88  
GLN HG2  H N N 89  
GLN HG3  H N N 90  
GLN HE21 H N N 91  
GLN HE22 H N N 92  
GLN HXT  H N N 93  
GLU N    N N N 94  
GLU CA   C N S 95  
GLU C    C N N 96  
GLU O    O N N 97  
GLU CB   C N N 98  
GLU CG   C N N 99  
GLU CD   C N N 100 
GLU OE1  O N N 101 
GLU OE2  O N N 102 
GLU OXT  O N N 103 
GLU H    H N N 104 
GLU H2   H N N 105 
GLU HA   H N N 106 
GLU HB2  H N N 107 
GLU HB3  H N N 108 
GLU HG2  H N N 109 
GLU HG3  H N N 110 
GLU HE2  H N N 111 
GLU HXT  H N N 112 
GLY N    N N N 113 
GLY CA   C N N 114 
GLY C    C N N 115 
GLY O    O N N 116 
GLY OXT  O N N 117 
GLY H    H N N 118 
GLY H2   H N N 119 
GLY HA2  H N N 120 
GLY HA3  H N N 121 
GLY HXT  H N N 122 
HIS N    N N N 123 
HIS CA   C N S 124 
HIS C    C N N 125 
HIS O    O N N 126 
HIS CB   C N N 127 
HIS CG   C Y N 128 
HIS ND1  N Y N 129 
HIS CD2  C Y N 130 
HIS CE1  C Y N 131 
HIS NE2  N Y N 132 
HIS OXT  O N N 133 
HIS H    H N N 134 
HIS H2   H N N 135 
HIS HA   H N N 136 
HIS HB2  H N N 137 
HIS HB3  H N N 138 
HIS HD1  H N N 139 
HIS HD2  H N N 140 
HIS HE1  H N N 141 
HIS HE2  H N N 142 
HIS HXT  H N N 143 
HOH O    O N N 144 
HOH H1   H N N 145 
HOH H2   H N N 146 
ILE N    N N N 147 
ILE CA   C N S 148 
ILE C    C N N 149 
ILE O    O N N 150 
ILE CB   C N S 151 
ILE CG1  C N N 152 
ILE CG2  C N N 153 
ILE CD1  C N N 154 
ILE OXT  O N N 155 
ILE H    H N N 156 
ILE H2   H N N 157 
ILE HA   H N N 158 
ILE HB   H N N 159 
ILE HG12 H N N 160 
ILE HG13 H N N 161 
ILE HG21 H N N 162 
ILE HG22 H N N 163 
ILE HG23 H N N 164 
ILE HD11 H N N 165 
ILE HD12 H N N 166 
ILE HD13 H N N 167 
ILE HXT  H N N 168 
LEU N    N N N 169 
LEU CA   C N S 170 
LEU C    C N N 171 
LEU O    O N N 172 
LEU CB   C N N 173 
LEU CG   C N N 174 
LEU CD1  C N N 175 
LEU CD2  C N N 176 
LEU OXT  O N N 177 
LEU H    H N N 178 
LEU H2   H N N 179 
LEU HA   H N N 180 
LEU HB2  H N N 181 
LEU HB3  H N N 182 
LEU HG   H N N 183 
LEU HD11 H N N 184 
LEU HD12 H N N 185 
LEU HD13 H N N 186 
LEU HD21 H N N 187 
LEU HD22 H N N 188 
LEU HD23 H N N 189 
LEU HXT  H N N 190 
LYS N    N N N 191 
LYS CA   C N S 192 
LYS C    C N N 193 
LYS O    O N N 194 
LYS CB   C N N 195 
LYS CG   C N N 196 
LYS CD   C N N 197 
LYS CE   C N N 198 
LYS NZ   N N N 199 
LYS OXT  O N N 200 
LYS H    H N N 201 
LYS H2   H N N 202 
LYS HA   H N N 203 
LYS HB2  H N N 204 
LYS HB3  H N N 205 
LYS HG2  H N N 206 
LYS HG3  H N N 207 
LYS HD2  H N N 208 
LYS HD3  H N N 209 
LYS HE2  H N N 210 
LYS HE3  H N N 211 
LYS HZ1  H N N 212 
LYS HZ2  H N N 213 
LYS HZ3  H N N 214 
LYS HXT  H N N 215 
MET N    N N N 216 
MET CA   C N S 217 
MET C    C N N 218 
MET O    O N N 219 
MET CB   C N N 220 
MET CG   C N N 221 
MET SD   S N N 222 
MET CE   C N N 223 
MET OXT  O N N 224 
MET H    H N N 225 
MET H2   H N N 226 
MET HA   H N N 227 
MET HB2  H N N 228 
MET HB3  H N N 229 
MET HG2  H N N 230 
MET HG3  H N N 231 
MET HE1  H N N 232 
MET HE2  H N N 233 
MET HE3  H N N 234 
MET HXT  H N N 235 
PHE N    N N N 236 
PHE CA   C N S 237 
PHE C    C N N 238 
PHE O    O N N 239 
PHE CB   C N N 240 
PHE CG   C Y N 241 
PHE CD1  C Y N 242 
PHE CD2  C Y N 243 
PHE CE1  C Y N 244 
PHE CE2  C Y N 245 
PHE CZ   C Y N 246 
PHE OXT  O N N 247 
PHE H    H N N 248 
PHE H2   H N N 249 
PHE HA   H N N 250 
PHE HB2  H N N 251 
PHE HB3  H N N 252 
PHE HD1  H N N 253 
PHE HD2  H N N 254 
PHE HE1  H N N 255 
PHE HE2  H N N 256 
PHE HZ   H N N 257 
PHE HXT  H N N 258 
PRO N    N N N 259 
PRO CA   C N S 260 
PRO C    C N N 261 
PRO O    O N N 262 
PRO CB   C N N 263 
PRO CG   C N N 264 
PRO CD   C N N 265 
PRO OXT  O N N 266 
PRO H    H N N 267 
PRO HA   H N N 268 
PRO HB2  H N N 269 
PRO HB3  H N N 270 
PRO HG2  H N N 271 
PRO HG3  H N N 272 
PRO HD2  H N N 273 
PRO HD3  H N N 274 
PRO HXT  H N N 275 
SER N    N N N 276 
SER CA   C N S 277 
SER C    C N N 278 
SER O    O N N 279 
SER CB   C N N 280 
SER OG   O N N 281 
SER OXT  O N N 282 
SER H    H N N 283 
SER H2   H N N 284 
SER HA   H N N 285 
SER HB2  H N N 286 
SER HB3  H N N 287 
SER HG   H N N 288 
SER HXT  H N N 289 
THR N    N N N 290 
THR CA   C N S 291 
THR C    C N N 292 
THR O    O N N 293 
THR CB   C N R 294 
THR OG1  O N N 295 
THR CG2  C N N 296 
THR OXT  O N N 297 
THR H    H N N 298 
THR H2   H N N 299 
THR HA   H N N 300 
THR HB   H N N 301 
THR HG1  H N N 302 
THR HG21 H N N 303 
THR HG22 H N N 304 
THR HG23 H N N 305 
THR HXT  H N N 306 
TRP N    N N N 307 
TRP CA   C N S 308 
TRP C    C N N 309 
TRP O    O N N 310 
TRP CB   C N N 311 
TRP CG   C Y N 312 
TRP CD1  C Y N 313 
TRP CD2  C Y N 314 
TRP NE1  N Y N 315 
TRP CE2  C Y N 316 
TRP CE3  C Y N 317 
TRP CZ2  C Y N 318 
TRP CZ3  C Y N 319 
TRP CH2  C Y N 320 
TRP OXT  O N N 321 
TRP H    H N N 322 
TRP H2   H N N 323 
TRP HA   H N N 324 
TRP HB2  H N N 325 
TRP HB3  H N N 326 
TRP HD1  H N N 327 
TRP HE1  H N N 328 
TRP HE3  H N N 329 
TRP HZ2  H N N 330 
TRP HZ3  H N N 331 
TRP HH2  H N N 332 
TRP HXT  H N N 333 
TYR N    N N N 334 
TYR CA   C N S 335 
TYR C    C N N 336 
TYR O    O N N 337 
TYR CB   C N N 338 
TYR CG   C Y N 339 
TYR CD1  C Y N 340 
TYR CD2  C Y N 341 
TYR CE1  C Y N 342 
TYR CE2  C Y N 343 
TYR CZ   C Y N 344 
TYR OH   O N N 345 
TYR OXT  O N N 346 
TYR H    H N N 347 
TYR H2   H N N 348 
TYR HA   H N N 349 
TYR HB2  H N N 350 
TYR HB3  H N N 351 
TYR HD1  H N N 352 
TYR HD2  H N N 353 
TYR HE1  H N N 354 
TYR HE2  H N N 355 
TYR HH   H N N 356 
TYR HXT  H N N 357 
VAL N    N N N 358 
VAL CA   C N S 359 
VAL C    C N N 360 
VAL O    O N N 361 
VAL CB   C N N 362 
VAL CG1  C N N 363 
VAL CG2  C N N 364 
VAL OXT  O N N 365 
VAL H    H N N 366 
VAL H2   H N N 367 
VAL HA   H N N 368 
VAL HB   H N N 369 
VAL HG11 H N N 370 
VAL HG12 H N N 371 
VAL HG13 H N N 372 
VAL HG21 H N N 373 
VAL HG22 H N N 374 
VAL HG23 H N N 375 
VAL HXT  H N N 376 
# 
loop_
_chem_comp_bond.comp_id 
_chem_comp_bond.atom_id_1 
_chem_comp_bond.atom_id_2 
_chem_comp_bond.value_order 
_chem_comp_bond.pdbx_aromatic_flag 
_chem_comp_bond.pdbx_stereo_config 
_chem_comp_bond.pdbx_ordinal 
ALA N   CA   sing N N 1   
ALA N   H    sing N N 2   
ALA N   H2   sing N N 3   
ALA CA  C    sing N N 4   
ALA CA  CB   sing N N 5   
ALA CA  HA   sing N N 6   
ALA C   O    doub N N 7   
ALA C   OXT  sing N N 8   
ALA CB  HB1  sing N N 9   
ALA CB  HB2  sing N N 10  
ALA CB  HB3  sing N N 11  
ALA OXT HXT  sing N N 12  
ARG N   CA   sing N N 13  
ARG N   H    sing N N 14  
ARG N   H2   sing N N 15  
ARG CA  C    sing N N 16  
ARG CA  CB   sing N N 17  
ARG CA  HA   sing N N 18  
ARG C   O    doub N N 19  
ARG C   OXT  sing N N 20  
ARG CB  CG   sing N N 21  
ARG CB  HB2  sing N N 22  
ARG CB  HB3  sing N N 23  
ARG CG  CD   sing N N 24  
ARG CG  HG2  sing N N 25  
ARG CG  HG3  sing N N 26  
ARG CD  NE   sing N N 27  
ARG CD  HD2  sing N N 28  
ARG CD  HD3  sing N N 29  
ARG NE  CZ   sing N N 30  
ARG NE  HE   sing N N 31  
ARG CZ  NH1  sing N N 32  
ARG CZ  NH2  doub N N 33  
ARG NH1 HH11 sing N N 34  
ARG NH1 HH12 sing N N 35  
ARG NH2 HH21 sing N N 36  
ARG NH2 HH22 sing N N 37  
ARG OXT HXT  sing N N 38  
ASN N   CA   sing N N 39  
ASN N   H    sing N N 40  
ASN N   H2   sing N N 41  
ASN CA  C    sing N N 42  
ASN CA  CB   sing N N 43  
ASN CA  HA   sing N N 44  
ASN C   O    doub N N 45  
ASN C   OXT  sing N N 46  
ASN CB  CG   sing N N 47  
ASN CB  HB2  sing N N 48  
ASN CB  HB3  sing N N 49  
ASN CG  OD1  doub N N 50  
ASN CG  ND2  sing N N 51  
ASN ND2 HD21 sing N N 52  
ASN ND2 HD22 sing N N 53  
ASN OXT HXT  sing N N 54  
ASP N   CA   sing N N 55  
ASP N   H    sing N N 56  
ASP N   H2   sing N N 57  
ASP CA  C    sing N N 58  
ASP CA  CB   sing N N 59  
ASP CA  HA   sing N N 60  
ASP C   O    doub N N 61  
ASP C   OXT  sing N N 62  
ASP CB  CG   sing N N 63  
ASP CB  HB2  sing N N 64  
ASP CB  HB3  sing N N 65  
ASP CG  OD1  doub N N 66  
ASP CG  OD2  sing N N 67  
ASP OD2 HD2  sing N N 68  
ASP OXT HXT  sing N N 69  
GLN N   CA   sing N N 70  
GLN N   H    sing N N 71  
GLN N   H2   sing N N 72  
GLN CA  C    sing N N 73  
GLN CA  CB   sing N N 74  
GLN CA  HA   sing N N 75  
GLN C   O    doub N N 76  
GLN C   OXT  sing N N 77  
GLN CB  CG   sing N N 78  
GLN CB  HB2  sing N N 79  
GLN CB  HB3  sing N N 80  
GLN CG  CD   sing N N 81  
GLN CG  HG2  sing N N 82  
GLN CG  HG3  sing N N 83  
GLN CD  OE1  doub N N 84  
GLN CD  NE2  sing N N 85  
GLN NE2 HE21 sing N N 86  
GLN NE2 HE22 sing N N 87  
GLN OXT HXT  sing N N 88  
GLU N   CA   sing N N 89  
GLU N   H    sing N N 90  
GLU N   H2   sing N N 91  
GLU CA  C    sing N N 92  
GLU CA  CB   sing N N 93  
GLU CA  HA   sing N N 94  
GLU C   O    doub N N 95  
GLU C   OXT  sing N N 96  
GLU CB  CG   sing N N 97  
GLU CB  HB2  sing N N 98  
GLU CB  HB3  sing N N 99  
GLU CG  CD   sing N N 100 
GLU CG  HG2  sing N N 101 
GLU CG  HG3  sing N N 102 
GLU CD  OE1  doub N N 103 
GLU CD  OE2  sing N N 104 
GLU OE2 HE2  sing N N 105 
GLU OXT HXT  sing N N 106 
GLY N   CA   sing N N 107 
GLY N   H    sing N N 108 
GLY N   H2   sing N N 109 
GLY CA  C    sing N N 110 
GLY CA  HA2  sing N N 111 
GLY CA  HA3  sing N N 112 
GLY C   O    doub N N 113 
GLY C   OXT  sing N N 114 
GLY OXT HXT  sing N N 115 
HIS N   CA   sing N N 116 
HIS N   H    sing N N 117 
HIS N   H2   sing N N 118 
HIS CA  C    sing N N 119 
HIS CA  CB   sing N N 120 
HIS CA  HA   sing N N 121 
HIS C   O    doub N N 122 
HIS C   OXT  sing N N 123 
HIS CB  CG   sing N N 124 
HIS CB  HB2  sing N N 125 
HIS CB  HB3  sing N N 126 
HIS CG  ND1  sing Y N 127 
HIS CG  CD2  doub Y N 128 
HIS ND1 CE1  doub Y N 129 
HIS ND1 HD1  sing N N 130 
HIS CD2 NE2  sing Y N 131 
HIS CD2 HD2  sing N N 132 
HIS CE1 NE2  sing Y N 133 
HIS CE1 HE1  sing N N 134 
HIS NE2 HE2  sing N N 135 
HIS OXT HXT  sing N N 136 
HOH O   H1   sing N N 137 
HOH O   H2   sing N N 138 
ILE N   CA   sing N N 139 
ILE N   H    sing N N 140 
ILE N   H2   sing N N 141 
ILE CA  C    sing N N 142 
ILE CA  CB   sing N N 143 
ILE CA  HA   sing N N 144 
ILE C   O    doub N N 145 
ILE C   OXT  sing N N 146 
ILE CB  CG1  sing N N 147 
ILE CB  CG2  sing N N 148 
ILE CB  HB   sing N N 149 
ILE CG1 CD1  sing N N 150 
ILE CG1 HG12 sing N N 151 
ILE CG1 HG13 sing N N 152 
ILE CG2 HG21 sing N N 153 
ILE CG2 HG22 sing N N 154 
ILE CG2 HG23 sing N N 155 
ILE CD1 HD11 sing N N 156 
ILE CD1 HD12 sing N N 157 
ILE CD1 HD13 sing N N 158 
ILE OXT HXT  sing N N 159 
LEU N   CA   sing N N 160 
LEU N   H    sing N N 161 
LEU N   H2   sing N N 162 
LEU CA  C    sing N N 163 
LEU CA  CB   sing N N 164 
LEU CA  HA   sing N N 165 
LEU C   O    doub N N 166 
LEU C   OXT  sing N N 167 
LEU CB  CG   sing N N 168 
LEU CB  HB2  sing N N 169 
LEU CB  HB3  sing N N 170 
LEU CG  CD1  sing N N 171 
LEU CG  CD2  sing N N 172 
LEU CG  HG   sing N N 173 
LEU CD1 HD11 sing N N 174 
LEU CD1 HD12 sing N N 175 
LEU CD1 HD13 sing N N 176 
LEU CD2 HD21 sing N N 177 
LEU CD2 HD22 sing N N 178 
LEU CD2 HD23 sing N N 179 
LEU OXT HXT  sing N N 180 
LYS N   CA   sing N N 181 
LYS N   H    sing N N 182 
LYS N   H2   sing N N 183 
LYS CA  C    sing N N 184 
LYS CA  CB   sing N N 185 
LYS CA  HA   sing N N 186 
LYS C   O    doub N N 187 
LYS C   OXT  sing N N 188 
LYS CB  CG   sing N N 189 
LYS CB  HB2  sing N N 190 
LYS CB  HB3  sing N N 191 
LYS CG  CD   sing N N 192 
LYS CG  HG2  sing N N 193 
LYS CG  HG3  sing N N 194 
LYS CD  CE   sing N N 195 
LYS CD  HD2  sing N N 196 
LYS CD  HD3  sing N N 197 
LYS CE  NZ   sing N N 198 
LYS CE  HE2  sing N N 199 
LYS CE  HE3  sing N N 200 
LYS NZ  HZ1  sing N N 201 
LYS NZ  HZ2  sing N N 202 
LYS NZ  HZ3  sing N N 203 
LYS OXT HXT  sing N N 204 
MET N   CA   sing N N 205 
MET N   H    sing N N 206 
MET N   H2   sing N N 207 
MET CA  C    sing N N 208 
MET CA  CB   sing N N 209 
MET CA  HA   sing N N 210 
MET C   O    doub N N 211 
MET C   OXT  sing N N 212 
MET CB  CG   sing N N 213 
MET CB  HB2  sing N N 214 
MET CB  HB3  sing N N 215 
MET CG  SD   sing N N 216 
MET CG  HG2  sing N N 217 
MET CG  HG3  sing N N 218 
MET SD  CE   sing N N 219 
MET CE  HE1  sing N N 220 
MET CE  HE2  sing N N 221 
MET CE  HE3  sing N N 222 
MET OXT HXT  sing N N 223 
PHE N   CA   sing N N 224 
PHE N   H    sing N N 225 
PHE N   H2   sing N N 226 
PHE CA  C    sing N N 227 
PHE CA  CB   sing N N 228 
PHE CA  HA   sing N N 229 
PHE C   O    doub N N 230 
PHE C   OXT  sing N N 231 
PHE CB  CG   sing N N 232 
PHE CB  HB2  sing N N 233 
PHE CB  HB3  sing N N 234 
PHE CG  CD1  doub Y N 235 
PHE CG  CD2  sing Y N 236 
PHE CD1 CE1  sing Y N 237 
PHE CD1 HD1  sing N N 238 
PHE CD2 CE2  doub Y N 239 
PHE CD2 HD2  sing N N 240 
PHE CE1 CZ   doub Y N 241 
PHE CE1 HE1  sing N N 242 
PHE CE2 CZ   sing Y N 243 
PHE CE2 HE2  sing N N 244 
PHE CZ  HZ   sing N N 245 
PHE OXT HXT  sing N N 246 
PRO N   CA   sing N N 247 
PRO N   CD   sing N N 248 
PRO N   H    sing N N 249 
PRO CA  C    sing N N 250 
PRO CA  CB   sing N N 251 
PRO CA  HA   sing N N 252 
PRO C   O    doub N N 253 
PRO C   OXT  sing N N 254 
PRO CB  CG   sing N N 255 
PRO CB  HB2  sing N N 256 
PRO CB  HB3  sing N N 257 
PRO CG  CD   sing N N 258 
PRO CG  HG2  sing N N 259 
PRO CG  HG3  sing N N 260 
PRO CD  HD2  sing N N 261 
PRO CD  HD3  sing N N 262 
PRO OXT HXT  sing N N 263 
SER N   CA   sing N N 264 
SER N   H    sing N N 265 
SER N   H2   sing N N 266 
SER CA  C    sing N N 267 
SER CA  CB   sing N N 268 
SER CA  HA   sing N N 269 
SER C   O    doub N N 270 
SER C   OXT  sing N N 271 
SER CB  OG   sing N N 272 
SER CB  HB2  sing N N 273 
SER CB  HB3  sing N N 274 
SER OG  HG   sing N N 275 
SER OXT HXT  sing N N 276 
THR N   CA   sing N N 277 
THR N   H    sing N N 278 
THR N   H2   sing N N 279 
THR CA  C    sing N N 280 
THR CA  CB   sing N N 281 
THR CA  HA   sing N N 282 
THR C   O    doub N N 283 
THR C   OXT  sing N N 284 
THR CB  OG1  sing N N 285 
THR CB  CG2  sing N N 286 
THR CB  HB   sing N N 287 
THR OG1 HG1  sing N N 288 
THR CG2 HG21 sing N N 289 
THR CG2 HG22 sing N N 290 
THR CG2 HG23 sing N N 291 
THR OXT HXT  sing N N 292 
TRP N   CA   sing N N 293 
TRP N   H    sing N N 294 
TRP N   H2   sing N N 295 
TRP CA  C    sing N N 296 
TRP CA  CB   sing N N 297 
TRP CA  HA   sing N N 298 
TRP C   O    doub N N 299 
TRP C   OXT  sing N N 300 
TRP CB  CG   sing N N 301 
TRP CB  HB2  sing N N 302 
TRP CB  HB3  sing N N 303 
TRP CG  CD1  doub Y N 304 
TRP CG  CD2  sing Y N 305 
TRP CD1 NE1  sing Y N 306 
TRP CD1 HD1  sing N N 307 
TRP CD2 CE2  doub Y N 308 
TRP CD2 CE3  sing Y N 309 
TRP NE1 CE2  sing Y N 310 
TRP NE1 HE1  sing N N 311 
TRP CE2 CZ2  sing Y N 312 
TRP CE3 CZ3  doub Y N 313 
TRP CE3 HE3  sing N N 314 
TRP CZ2 CH2  doub Y N 315 
TRP CZ2 HZ2  sing N N 316 
TRP CZ3 CH2  sing Y N 317 
TRP CZ3 HZ3  sing N N 318 
TRP CH2 HH2  sing N N 319 
TRP OXT HXT  sing N N 320 
TYR N   CA   sing N N 321 
TYR N   H    sing N N 322 
TYR N   H2   sing N N 323 
TYR CA  C    sing N N 324 
TYR CA  CB   sing N N 325 
TYR CA  HA   sing N N 326 
TYR C   O    doub N N 327 
TYR C   OXT  sing N N 328 
TYR CB  CG   sing N N 329 
TYR CB  HB2  sing N N 330 
TYR CB  HB3  sing N N 331 
TYR CG  CD1  doub Y N 332 
TYR CG  CD2  sing Y N 333 
TYR CD1 CE1  sing Y N 334 
TYR CD1 HD1  sing N N 335 
TYR CD2 CE2  doub Y N 336 
TYR CD2 HD2  sing N N 337 
TYR CE1 CZ   doub Y N 338 
TYR CE1 HE1  sing N N 339 
TYR CE2 CZ   sing Y N 340 
TYR CE2 HE2  sing N N 341 
TYR CZ  OH   sing N N 342 
TYR OH  HH   sing N N 343 
TYR OXT HXT  sing N N 344 
VAL N   CA   sing N N 345 
VAL N   H    sing N N 346 
VAL N   H2   sing N N 347 
VAL CA  C    sing N N 348 
VAL CA  CB   sing N N 349 
VAL CA  HA   sing N N 350 
VAL C   O    doub N N 351 
VAL C   OXT  sing N N 352 
VAL CB  CG1  sing N N 353 
VAL CB  CG2  sing N N 354 
VAL CB  HB   sing N N 355 
VAL CG1 HG11 sing N N 356 
VAL CG1 HG12 sing N N 357 
VAL CG1 HG13 sing N N 358 
VAL CG2 HG21 sing N N 359 
VAL CG2 HG22 sing N N 360 
VAL CG2 HG23 sing N N 361 
VAL OXT HXT  sing N N 362 
# 
_atom_sites.entry_id                    4BG7 
_atom_sites.fract_transf_matrix[1][1]   -0.00329307 
_atom_sites.fract_transf_matrix[1][2]   0.00857382 
_atom_sites.fract_transf_matrix[1][3]   -0.00069843 
_atom_sites.fract_transf_matrix[2][1]   -0.00643625 
_atom_sites.fract_transf_matrix[2][2]   -0.00295194 
_atom_sites.fract_transf_matrix[2][3]   -0.00589095 
_atom_sites.fract_transf_matrix[3][1]   -0.01789076 
_atom_sites.fract_transf_matrix[3][2]   -0.00507221 
_atom_sites.fract_transf_matrix[3][3]   0.02208849 
_atom_sites.fract_transf_vector[1]      0.262486 
_atom_sites.fract_transf_vector[2]      0.599131 
_atom_sites.fract_transf_vector[3]      1.980855 
# 
loop_
_atom_type.symbol 
C 
N 
O 
S 
# 
loop_
_atom_site.group_PDB 
_atom_site.id 
_atom_site.type_symbol 
_atom_site.label_atom_id 
_atom_site.label_alt_id 
_atom_site.label_comp_id 
_atom_site.label_asym_id 
_atom_site.label_entity_id 
_atom_site.label_seq_id 
_atom_site.pdbx_PDB_ins_code 
_atom_site.Cartn_x 
_atom_site.Cartn_y 
_atom_site.Cartn_z 
_atom_site.occupancy 
_atom_site.B_iso_or_equiv 
_atom_site.pdbx_formal_charge 
_atom_site.auth_seq_id 
_atom_site.auth_comp_id 
_atom_site.auth_asym_id 
_atom_site.auth_atom_id 
_atom_site.pdbx_PDB_model_num 
ATOM   1    N N   . GLU A 1 3   ? -15.190 0.352   9.284   1.00 42.85  ? 3    GLU A N   1 
ATOM   2    C CA  . GLU A 1 3   ? -13.888 -0.450  9.328   1.00 45.43  ? 3    GLU A CA  1 
ATOM   3    C C   . GLU A 1 3   ? -13.988 -1.724  8.478   1.00 44.88  ? 3    GLU A C   1 
ATOM   4    O O   . GLU A 1 3   ? -14.495 -2.758  8.954   1.00 41.51  ? 3    GLU A O   1 
ATOM   5    C CB  . GLU A 1 3   ? -13.504 -0.892  10.771  1.00 46.78  ? 3    GLU A CB  1 
ATOM   6    C CG  . GLU A 1 3   ? -12.819 0.093   11.706  1.00 46.11  ? 3    GLU A CG  1 
ATOM   7    C CD  . GLU A 1 3   ? -11.332 0.342   11.384  1.00 45.50  ? 3    GLU A CD  1 
ATOM   8    O OE1 . GLU A 1 3   ? -10.595 -0.559  10.913  1.00 38.99  ? 3    GLU A OE1 1 
ATOM   9    O OE2 . GLU A 1 3   ? -10.913 1.480   11.605  1.00 45.79  ? 3    GLU A OE2 1 
ATOM   10   N N   . GLN A 1 4   ? -13.497 -1.672  7.240   1.00 38.18  ? 4    GLN A N   1 
ATOM   11   C CA  . GLN A 1 4   ? -13.739 -2.748  6.253   1.00 37.65  ? 4    GLN A CA  1 
ATOM   12   C C   . GLN A 1 4   ? -12.773 -2.679  5.050   1.00 32.10  ? 4    GLN A C   1 
ATOM   13   O O   . GLN A 1 4   ? -12.237 -1.627  4.822   1.00 33.14  ? 4    GLN A O   1 
ATOM   14   C CB  . GLN A 1 4   ? -15.159 -2.586  5.720   1.00 42.68  ? 4    GLN A CB  1 
ATOM   15   C CG  . GLN A 1 4   ? -15.261 -1.523  4.650   1.00 48.13  ? 4    GLN A CG  1 
ATOM   16   C CD  . GLN A 1 4   ? -16.638 -0.945  4.467   1.00 54.58  ? 4    GLN A CD  1 
ATOM   17   O OE1 . GLN A 1 4   ? -17.294 -0.562  5.434   1.00 53.00  ? 4    GLN A OE1 1 
ATOM   18   N NE2 . GLN A 1 4   ? -17.067 -0.831  3.210   1.00 51.06  ? 4    GLN A NE2 1 
ATOM   19   N N   . VAL A 1 5   ? -12.628 -3.765  4.276   1.00 33.38  ? 5    VAL A N   1 
ATOM   20   C CA  . VAL A 1 5   ? -11.887 -3.755  2.988   1.00 36.02  ? 5    VAL A CA  1 
ATOM   21   C C   . VAL A 1 5   ? -12.864 -3.654  1.788   1.00 35.07  ? 5    VAL A C   1 
ATOM   22   O O   . VAL A 1 5   ? -13.948 -4.269  1.769   1.00 31.51  ? 5    VAL A O   1 
ATOM   23   C CB  . VAL A 1 5   ? -10.940 -4.981  2.817   1.00 36.59  ? 5    VAL A CB  1 
ATOM   24   C CG1 . VAL A 1 5   ? -10.388 -5.101  1.372   1.00 33.75  ? 5    VAL A CG1 1 
ATOM   25   C CG2 . VAL A 1 5   ? -9.789  -4.931  3.827   1.00 30.48  ? 5    VAL A CG2 1 
ATOM   26   N N   . ASN A 1 6   ? -12.505 -2.810  0.828   1.00 32.94  ? 6    ASN A N   1 
ATOM   27   C CA  . ASN A 1 6   ? -13.298 -2.648  -0.380  1.00 31.39  ? 6    ASN A CA  1 
ATOM   28   C C   . ASN A 1 6   ? -12.604 -3.293  -1.543  1.00 29.10  ? 6    ASN A C   1 
ATOM   29   O O   . ASN A 1 6   ? -11.385 -3.107  -1.696  1.00 26.86  ? 6    ASN A O   1 
ATOM   30   C CB  . ASN A 1 6   ? -13.545 -1.174  -0.657  1.00 31.54  ? 6    ASN A CB  1 
ATOM   31   C CG  . ASN A 1 6   ? -14.032 -0.447  0.550   1.00 33.77  ? 6    ASN A CG  1 
ATOM   32   O OD1 . ASN A 1 6   ? -15.117 -0.688  0.992   1.00 35.33  ? 6    ASN A OD1 1 
ATOM   33   N ND2 . ASN A 1 6   ? -13.192 0.418   1.121   1.00 30.66  ? 6    ASN A ND2 1 
ATOM   34   N N   . GLN A 1 7   ? -13.397 -4.026  -2.369  1.00 28.83  ? 7    GLN A N   1 
ATOM   35   C CA  . GLN A 1 7   ? -12.863 -4.857  -3.467  1.00 28.65  ? 7    GLN A CA  1 
ATOM   36   C C   . GLN A 1 7   ? -12.984 -4.141  -4.799  1.00 25.39  ? 7    GLN A C   1 
ATOM   37   O O   . GLN A 1 7   ? -12.565 -4.655  -5.853  1.00 26.69  ? 7    GLN A O   1 
ATOM   38   C CB  . GLN A 1 7   ? -13.447 -6.286  -3.420  1.00 33.20  ? 7    GLN A CB  1 
ATOM   39   C CG  . GLN A 1 7   ? -13.021 -7.032  -2.136  1.00 38.00  ? 7    GLN A CG  1 
ATOM   40   C CD  . GLN A 1 7   ? -13.691 -8.419  -1.990  1.00 42.06  ? 7    GLN A CD  1 
ATOM   41   O OE1 . GLN A 1 7   ? -14.539 -8.633  -1.131  1.00 47.61  ? 7    GLN A OE1 1 
ATOM   42   N NE2 . GLN A 1 7   ? -13.341 -9.329  -2.865  1.00 50.34  ? 7    GLN A NE2 1 
ATOM   43   N N   . ASN A 1 8   ? -13.494 -2.905  -4.714  1.00 25.78  ? 8    ASN A N   1 
ATOM   44   C CA  . ASN A 1 8   ? -13.586 -1.972  -5.811  1.00 24.98  ? 8    ASN A CA  1 
ATOM   45   C C   . ASN A 1 8   ? -13.825 -0.543  -5.251  1.00 22.02  ? 8    ASN A C   1 
ATOM   46   O O   . ASN A 1 8   ? -13.913 -0.320  -4.023  1.00 24.36  ? 8    ASN A O   1 
ATOM   47   C CB  . ASN A 1 8   ? -14.655 -2.391  -6.799  1.00 26.34  ? 8    ASN A CB  1 
ATOM   48   C CG  . ASN A 1 8   ? -16.051 -2.313  -6.218  1.00 30.18  ? 8    ASN A CG  1 
ATOM   49   O OD1 . ASN A 1 8   ? -16.443 -1.277  -5.736  1.00 27.84  ? 8    ASN A OD1 1 
ATOM   50   N ND2 . ASN A 1 8   ? -16.829 -3.393  -6.341  1.00 35.11  ? 8    ASN A ND2 1 
ATOM   51   N N   . TYR A 1 9   ? -13.826 0.418   -6.172  1.00 21.48  ? 9    TYR A N   1 
ATOM   52   C CA  . TYR A 1 9   ? -14.027 1.795   -5.811  1.00 21.96  ? 9    TYR A CA  1 
ATOM   53   C C   . TYR A 1 9   ? -15.409 2.372   -6.122  1.00 24.33  ? 9    TYR A C   1 
ATOM   54   O O   . TYR A 1 9   ? -15.575 3.596   -6.139  1.00 20.83  ? 9    TYR A O   1 
ATOM   55   C CB  . TYR A 1 9   ? -12.960 2.646   -6.474  1.00 23.69  ? 9    TYR A CB  1 
ATOM   56   C CG  . TYR A 1 9   ? -11.653 2.689   -5.674  1.00 23.38  ? 9    TYR A CG  1 
ATOM   57   C CD1 . TYR A 1 9   ? -10.618 1.711   -5.844  1.00 23.66  ? 9    TYR A CD1 1 
ATOM   58   C CD2 . TYR A 1 9   ? -11.416 3.725   -4.802  1.00 23.00  ? 9    TYR A CD2 1 
ATOM   59   C CE1 . TYR A 1 9   ? -9.438  1.781   -5.109  1.00 22.25  ? 9    TYR A CE1 1 
ATOM   60   C CE2 . TYR A 1 9   ? -10.212 3.798   -4.086  1.00 22.13  ? 9    TYR A CE2 1 
ATOM   61   C CZ  . TYR A 1 9   ? -9.223  2.820   -4.251  1.00 21.64  ? 9    TYR A CZ  1 
ATOM   62   O OH  . TYR A 1 9   ? -8.075  3.027   -3.447  1.00 22.81  ? 9    TYR A OH  1 
ATOM   63   N N   . GLU A 1 10  ? -16.400 1.499   -6.330  1.00 25.08  ? 10   GLU A N   1 
ATOM   64   C CA  . GLU A 1 10  ? -17.798 1.962   -6.435  1.00 28.41  ? 10   GLU A CA  1 
ATOM   65   C C   . GLU A 1 10  ? -18.231 2.798   -5.236  1.00 26.66  ? 10   GLU A C   1 
ATOM   66   O O   . GLU A 1 10  ? -18.123 2.377   -4.083  1.00 27.08  ? 10   GLU A O   1 
ATOM   67   C CB  . GLU A 1 10  ? -18.746 0.772   -6.662  1.00 31.93  ? 10   GLU A CB  1 
ATOM   68   C CG  . GLU A 1 10  ? -18.395 0.052   -7.948  1.00 39.75  ? 10   GLU A CG  1 
ATOM   69   C CD  . GLU A 1 10  ? -19.452 -0.876  -8.506  1.00 48.74  ? 10   GLU A CD  1 
ATOM   70   O OE1 . GLU A 1 10  ? -20.582 -0.955  -7.956  1.00 49.10  ? 10   GLU A OE1 1 
ATOM   71   O OE2 . GLU A 1 10  ? -19.097 -1.529  -9.514  1.00 44.79  ? 10   GLU A OE2 1 
ATOM   72   N N   . GLY A 1 11  ? -18.721 3.998   -5.515  1.00 30.05  ? 11   GLY A N   1 
ATOM   73   C CA  . GLY A 1 11  ? -19.175 4.915   -4.468  1.00 32.88  ? 11   GLY A CA  1 
ATOM   74   C C   . GLY A 1 11  ? -18.062 5.744   -3.795  1.00 34.86  ? 11   GLY A C   1 
ATOM   75   O O   . GLY A 1 11  ? -18.345 6.547   -2.919  1.00 36.66  ? 11   GLY A O   1 
ATOM   76   N N   . HIS A 1 12  ? -16.803 5.556   -4.194  1.00 30.77  ? 12   HIS A N   1 
ATOM   77   C CA  . HIS A 1 12  ? -15.689 6.275   -3.566  1.00 27.52  ? 12   HIS A CA  1 
ATOM   78   C C   . HIS A 1 12  ? -15.422 7.509   -4.332  1.00 27.68  ? 12   HIS A C   1 
ATOM   79   O O   . HIS A 1 12  ? -15.461 7.511   -5.570  1.00 26.86  ? 12   HIS A O   1 
ATOM   80   C CB  . HIS A 1 12  ? -14.387 5.430   -3.605  1.00 23.99  ? 12   HIS A CB  1 
ATOM   81   C CG  . HIS A 1 12  ? -14.346 4.305   -2.620  1.00 23.67  ? 12   HIS A CG  1 
ATOM   82   N ND1 . HIS A 1 12  ? -13.441 4.266   -1.612  1.00 23.28  ? 12   HIS A ND1 1 
ATOM   83   C CD2 . HIS A 1 12  ? -15.121 3.142   -2.504  1.00 22.08  ? 12   HIS A CD2 1 
ATOM   84   C CE1 . HIS A 1 12  ? -13.641 3.180   -0.882  1.00 24.67  ? 12   HIS A CE1 1 
ATOM   85   N NE2 . HIS A 1 12  ? -14.652 2.465   -1.435  1.00 24.45  ? 12   HIS A NE2 1 
ATOM   86   N N   . VAL A 1 13  ? -15.022 8.543   -3.617  1.00 28.52  ? 13   VAL A N   1 
ATOM   87   C CA  . VAL A 1 13  ? -14.506 9.759   -4.217  1.00 26.73  ? 13   VAL A CA  1 
ATOM   88   C C   . VAL A 1 13  ? -13.043 9.958   -3.699  1.00 23.90  ? 13   VAL A C   1 
ATOM   89   O O   . VAL A 1 13  ? -12.832 9.968   -2.501  1.00 27.66  ? 13   VAL A O   1 
ATOM   90   C CB  . VAL A 1 13  ? -15.413 11.002  -3.847  1.00 28.31  ? 13   VAL A CB  1 
ATOM   91   C CG1 . VAL A 1 13  ? -14.709 12.294  -4.164  1.00 29.74  ? 13   VAL A CG1 1 
ATOM   92   C CG2 . VAL A 1 13  ? -16.786 10.930  -4.565  1.00 31.85  ? 13   VAL A CG2 1 
ATOM   93   N N   . ASP A 1 14  ? -12.111 10.185  -4.602  1.00 25.00  ? 14   ASP A N   1 
ATOM   94   C CA  . ASP A 1 14  ? -10.716 10.429  -4.251  1.00 26.76  ? 14   ASP A CA  1 
ATOM   95   C C   . ASP A 1 14  ? -10.556 11.783  -3.553  1.00 32.90  ? 14   ASP A C   1 
ATOM   96   O O   . ASP A 1 14  ? -11.088 12.831  -3.983  1.00 34.49  ? 14   ASP A O   1 
ATOM   97   C CB  . ASP A 1 14  ? -9.831  10.493  -5.482  1.00 27.11  ? 14   ASP A CB  1 
ATOM   98   C CG  . ASP A 1 14  ? -9.619  9.170   -6.136  1.00 25.12  ? 14   ASP A CG  1 
ATOM   99   O OD1 . ASP A 1 14  ? -10.137 8.134   -5.674  1.00 27.68  ? 14   ASP A OD1 1 
ATOM   100  O OD2 . ASP A 1 14  ? -8.903  9.201   -7.131  1.00 28.82  ? 14   ASP A OD2 1 
ATOM   101  N N   . ASP A 1 15  ? -9.779  11.764  -2.500  1.00 30.66  ? 15   ASP A N   1 
ATOM   102  C CA  . ASP A 1 15  ? -9.280  12.974  -1.844  1.00 32.47  ? 15   ASP A CA  1 
ATOM   103  C C   . ASP A 1 15  ? -7.789  13.198  -2.086  1.00 32.09  ? 15   ASP A C   1 
ATOM   104  O O   . ASP A 1 15  ? -7.363  14.349  -2.148  1.00 31.50  ? 15   ASP A O   1 
ATOM   105  C CB  . ASP A 1 15  ? -9.534  12.880  -0.377  1.00 36.57  ? 15   ASP A CB  1 
ATOM   106  C CG  . ASP A 1 15  ? -10.968 12.986  -0.062  1.00 46.01  ? 15   ASP A CG  1 
ATOM   107  O OD1 . ASP A 1 15  ? -11.775 13.542  -0.896  1.00 48.07  ? 15   ASP A OD1 1 
ATOM   108  O OD2 . ASP A 1 15  ? -11.315 12.479  1.020   1.00 52.12  ? 15   ASP A OD2 1 
ATOM   109  N N   . GLN A 1 16  ? -7.019  12.125  -2.255  1.00 27.85  ? 16   GLN A N   1 
ATOM   110  C CA  . GLN A 1 16  ? -5.609  12.227  -2.812  1.00 28.28  ? 16   GLN A CA  1 
ATOM   111  C C   . GLN A 1 16  ? -5.339  11.085  -3.738  1.00 27.87  ? 16   GLN A C   1 
ATOM   112  O O   . GLN A 1 16  ? -5.928  10.004  -3.570  1.00 28.70  ? 16   GLN A O   1 
ATOM   113  C CB  . GLN A 1 16  ? -4.540  12.161  -1.672  1.00 28.51  ? 16   GLN A CB  1 
ATOM   114  C CG  . GLN A 1 16  ? -4.826  13.054  -0.507  1.00 29.16  ? 16   GLN A CG  1 
ATOM   115  C CD  . GLN A 1 16  ? -3.646  13.073  0.498   1.00 29.04  ? 16   GLN A CD  1 
ATOM   116  O OE1 . GLN A 1 16  ? -2.510  13.132  0.106   1.00 26.71  ? 16   GLN A OE1 1 
ATOM   117  N NE2 . GLN A 1 16  ? -3.944  12.932  1.749   1.00 28.35  ? 16   GLN A NE2 1 
ATOM   118  N N   . SER A 1 17  ? -4.415  11.279  -4.698  1.00 26.46  ? 17   SER A N   1 
ATOM   119  C CA  . SER A 1 17  ? -4.069  10.250  -5.669  1.00 27.67  ? 17   SER A CA  1 
ATOM   120  C C   . SER A 1 17  ? -2.645  10.491  -6.124  1.00 29.12  ? 17   SER A C   1 
ATOM   121  O O   . SER A 1 17  ? -2.399  11.582  -6.665  1.00 31.86  ? 17   SER A O   1 
ATOM   122  C CB  . SER A 1 17  ? -5.005  10.341  -6.864  1.00 24.27  ? 17   SER A CB  1 
ATOM   123  O OG  . SER A 1 17  ? -4.735  9.331   -7.808  1.00 31.70  ? 17   SER A OG  1 
ATOM   124  N N   . ILE A 1 18  ? -1.749  9.516   -5.913  1.00 29.75  ? 18   ILE A N   1 
ATOM   125  C CA  . ILE A 1 18  ? -0.311  9.603   -6.327  1.00 30.98  ? 18   ILE A CA  1 
ATOM   126  C C   . ILE A 1 18  ? 0.127   8.442   -7.191  1.00 26.60  ? 18   ILE A C   1 
ATOM   127  O O   . ILE A 1 18  ? -0.016  7.251   -6.827  1.00 29.09  ? 18   ILE A O   1 
ATOM   128  C CB  . ILE A 1 18  ? 0.667   9.767   -5.094  1.00 32.54  ? 18   ILE A CB  1 
ATOM   129  C CG1 . ILE A 1 18  ? 0.254   10.955  -4.277  1.00 34.44  ? 18   ILE A CG1 1 
ATOM   130  C CG2 . ILE A 1 18  ? 2.126   9.978   -5.565  1.00 31.42  ? 18   ILE A CG2 1 
ATOM   131  C CD1 . ILE A 1 18  ? 1.002   11.116  -2.992  1.00 47.50  ? 18   ILE A CD1 1 
ATOM   132  N N   . ILE A 1 19  ? 0.640   8.748   -8.385  1.00 25.86  ? 19   ILE A N   1 
ATOM   133  C CA  . ILE A 1 19  ? 1.110   7.715   -9.240  1.00 27.86  ? 19   ILE A CA  1 
ATOM   134  C C   . ILE A 1 19  ? 2.250   6.913   -8.608  1.00 28.77  ? 19   ILE A C   1 
ATOM   135  O O   . ILE A 1 19  ? 3.156   7.482   -8.060  1.00 37.09  ? 19   ILE A O   1 
ATOM   136  C CB  . ILE A 1 19  ? 1.545   8.238   -10.642 1.00 29.51  ? 19   ILE A CB  1 
ATOM   137  C CG1 . ILE A 1 19  ? 0.373   8.932   -11.369 1.00 34.97  ? 19   ILE A CG1 1 
ATOM   138  C CG2 . ILE A 1 19  ? 1.997   7.042   -11.455 1.00 27.40  ? 19   ILE A CG2 1 
ATOM   139  C CD1 . ILE A 1 19  ? 0.712   10.085  -12.334 1.00 31.65  ? 19   ILE A CD1 1 
ATOM   140  N N   . LEU A 1 20  ? 2.178   5.605   -8.694  1.00 32.01  ? 20   LEU A N   1 
ATOM   141  C CA  . LEU A 1 20  ? 3.251   4.719   -8.315  1.00 33.71  ? 20   LEU A CA  1 
ATOM   142  C C   . LEU A 1 20  ? 3.982   4.281   -9.600  1.00 40.84  ? 20   LEU A C   1 
ATOM   143  O O   . LEU A 1 20  ? 5.134   4.629   -9.755  1.00 43.20  ? 20   LEU A O   1 
ATOM   144  C CB  . LEU A 1 20  ? 2.728   3.507   -7.533  1.00 30.25  ? 20   LEU A CB  1 
ATOM   145  C CG  . LEU A 1 20  ? 2.080   3.790   -6.143  1.00 31.07  ? 20   LEU A CG  1 
ATOM   146  C CD1 . LEU A 1 20  ? 1.671   2.519   -5.446  1.00 27.49  ? 20   LEU A CD1 1 
ATOM   147  C CD2 . LEU A 1 20  ? 2.901   4.642   -5.192  1.00 27.78  ? 20   LEU A CD2 1 
ATOM   148  N N   . TRP A 1 21  ? 3.324   3.510   -10.474 1.00 42.19  ? 21   TRP A N   1 
ATOM   149  C CA  . TRP A 1 21  ? 3.914   3.010   -11.733 1.00 42.43  ? 21   TRP A CA  1 
ATOM   150  C C   . TRP A 1 21  ? 2.849   2.501   -12.717 1.00 45.83  ? 21   TRP A C   1 
ATOM   151  O O   . TRP A 1 21  ? 1.646   2.512   -12.403 1.00 43.41  ? 21   TRP A O   1 
ATOM   152  C CB  . TRP A 1 21  ? 4.902   1.899   -11.433 1.00 36.90  ? 21   TRP A CB  1 
ATOM   153  C CG  . TRP A 1 21  ? 4.379   0.914   -10.429 1.00 37.91  ? 21   TRP A CG  1 
ATOM   154  C CD1 . TRP A 1 21  ? 3.398   -0.053  -10.606 1.00 39.53  ? 21   TRP A CD1 1 
ATOM   155  C CD2 . TRP A 1 21  ? 4.767   0.814   -9.034  1.00 33.31  ? 21   TRP A CD2 1 
ATOM   156  N NE1 . TRP A 1 21  ? 3.178   -0.764  -9.424  1.00 42.04  ? 21   TRP A NE1 1 
ATOM   157  C CE2 . TRP A 1 21  ? 3.998   -0.297  -8.459  1.00 35.28  ? 21   TRP A CE2 1 
ATOM   158  C CE3 . TRP A 1 21  ? 5.682   1.468   -8.242  1.00 36.92  ? 21   TRP A CE3 1 
ATOM   159  C CZ2 . TRP A 1 21  ? 4.121   -0.659  -7.130  1.00 33.66  ? 21   TRP A CZ2 1 
ATOM   160  C CZ3 . TRP A 1 21  ? 5.810   1.067   -6.915  1.00 35.76  ? 21   TRP A CZ3 1 
ATOM   161  C CH2 . TRP A 1 21  ? 5.049   0.028   -6.383  1.00 31.92  ? 21   TRP A CH2 1 
ATOM   162  N N   . GLU A 1 22  ? 3.273   2.068   -13.905 1.00 41.97  ? 22   GLU A N   1 
ATOM   163  C CA  . GLU A 1 22  ? 2.357   1.554   -14.957 1.00 45.54  ? 22   GLU A CA  1 
ATOM   164  C C   . GLU A 1 22  ? 2.790   0.235   -15.537 1.00 46.99  ? 22   GLU A C   1 
ATOM   165  O O   . GLU A 1 22  ? 3.981   -0.050  -15.552 1.00 47.14  ? 22   GLU A O   1 
ATOM   166  C CB  . GLU A 1 22  ? 2.330   2.494   -16.159 1.00 47.20  ? 22   GLU A CB  1 
ATOM   167  C CG  . GLU A 1 22  ? 2.075   3.948   -15.867 1.00 51.15  ? 22   GLU A CG  1 
ATOM   168  C CD  . GLU A 1 22  ? 3.316   4.676   -15.482 1.00 57.58  ? 22   GLU A CD  1 
ATOM   169  O OE1 . GLU A 1 22  ? 4.312   4.527   -16.231 1.00 62.59  ? 22   GLU A OE1 1 
ATOM   170  O OE2 . GLU A 1 22  ? 3.286   5.359   -14.433 1.00 54.47  ? 22   GLU A OE2 1 
ATOM   171  N N   . LYS A 1 23  ? 1.833   -0.491  -16.121 1.00 47.50  ? 23   LYS A N   1 
ATOM   172  C CA  . LYS A 1 23  ? 2.032   -1.788  -16.801 1.00 51.92  ? 23   LYS A CA  1 
ATOM   173  C C   . LYS A 1 23  ? 1.149   -1.776  -18.066 1.00 53.93  ? 23   LYS A C   1 
ATOM   174  O O   . LYS A 1 23  ? -0.089  -1.845  -17.977 1.00 44.43  ? 23   LYS A O   1 
ATOM   175  C CB  . LYS A 1 23  ? 1.698   -2.972  -15.854 1.00 55.28  ? 23   LYS A CB  1 
ATOM   176  C CG  . LYS A 1 23  ? 1.204   -4.296  -16.490 1.00 62.70  ? 23   LYS A CG  1 
ATOM   177  C CD  . LYS A 1 23  ? 2.207   -4.995  -17.416 1.00 64.65  ? 23   LYS A CD  1 
ATOM   178  C CE  . LYS A 1 23  ? 1.632   -6.252  -18.118 1.00 66.29  ? 23   LYS A CE  1 
ATOM   179  N NZ  . LYS A 1 23  ? 0.661   -6.058  -19.264 1.00 58.38  ? 23   LYS A NZ  1 
ATOM   180  N N   . GLU A 1 24  ? 1.792   -1.629  -19.227 1.00 51.86  ? 24   GLU A N   1 
ATOM   181  C CA  . GLU A 1 24  ? 1.080   -1.483  -20.519 1.00 56.06  ? 24   GLU A CA  1 
ATOM   182  C C   . GLU A 1 24  ? -0.210  -0.696  -20.337 1.00 57.47  ? 24   GLU A C   1 
ATOM   183  O O   . GLU A 1 24  ? -1.298  -1.185  -20.679 1.00 60.51  ? 24   GLU A O   1 
ATOM   184  C CB  . GLU A 1 24  ? 0.708   -2.842  -21.152 1.00 52.91  ? 24   GLU A CB  1 
ATOM   185  C CG  . GLU A 1 24  ? 1.846   -3.843  -21.316 1.00 50.79  ? 24   GLU A CG  1 
ATOM   186  C CD  . GLU A 1 24  ? 1.443   -4.986  -22.237 1.00 49.36  ? 24   GLU A CD  1 
ATOM   187  O OE1 . GLU A 1 24  ? 0.849   -5.973  -21.738 1.00 42.60  ? 24   GLU A OE1 1 
ATOM   188  O OE2 . GLU A 1 24  ? 1.713   -4.860  -23.462 1.00 53.89  ? 24   GLU A OE2 1 
ATOM   189  N N   . GLY A 1 25  ? -0.124  0.504   -19.775 1.00 51.79  ? 25   GLY A N   1 
ATOM   190  C CA  . GLY A 1 25  ? -1.304  1.385   -19.799 1.00 54.97  ? 25   GLY A CA  1 
ATOM   191  C C   . GLY A 1 25  ? -2.470  1.027   -18.884 1.00 53.13  ? 25   GLY A C   1 
ATOM   192  O O   . GLY A 1 25  ? -3.598  1.547   -19.064 1.00 45.28  ? 25   GLY A O   1 
ATOM   193  N N   . GLU A 1 26  ? -2.211  0.095   -17.960 1.00 48.50  ? 26   GLU A N   1 
ATOM   194  C CA  . GLU A 1 26  ? -2.836  0.075   -16.651 1.00 47.72  ? 26   GLU A CA  1 
ATOM   195  C C   . GLU A 1 26  ? -1.880  0.814   -15.664 1.00 42.13  ? 26   GLU A C   1 
ATOM   196  O O   . GLU A 1 26  ? -0.711  0.474   -15.530 1.00 49.97  ? 26   GLU A O   1 
ATOM   197  C CB  . GLU A 1 26  ? -3.097  -1.360  -16.230 1.00 46.89  ? 26   GLU A CB  1 
ATOM   198  C CG  . GLU A 1 26  ? -3.462  -1.494  -14.774 1.00 52.64  ? 26   GLU A CG  1 
ATOM   199  C CD  . GLU A 1 26  ? -4.291  -2.712  -14.513 1.00 61.44  ? 26   GLU A CD  1 
ATOM   200  O OE1 . GLU A 1 26  ? -5.467  -2.706  -14.935 1.00 72.02  ? 26   GLU A OE1 1 
ATOM   201  O OE2 . GLU A 1 26  ? -3.779  -3.667  -13.893 1.00 65.05  ? 26   GLU A OE2 1 
ATOM   202  N N   . GLN A 1 27  ? -2.361  1.852   -15.021 1.00 39.12  ? 27   GLN A N   1 
ATOM   203  C CA  . GLN A 1 27  ? -1.554  2.672   -14.112 1.00 36.41  ? 27   GLN A CA  1 
ATOM   204  C C   . GLN A 1 27  ? -1.994  2.550   -12.625 1.00 42.74  ? 27   GLN A C   1 
ATOM   205  O O   . GLN A 1 27  ? -3.195  2.576   -12.329 1.00 39.23  ? 27   GLN A O   1 
ATOM   206  C CB  . GLN A 1 27  ? -1.687  4.091   -14.519 1.00 32.59  ? 27   GLN A CB  1 
ATOM   207  C CG  . GLN A 1 27  ? -1.275  5.106   -13.495 1.00 36.82  ? 27   GLN A CG  1 
ATOM   208  C CD  . GLN A 1 27  ? -1.220  6.525   -14.042 1.00 35.34  ? 27   GLN A CD  1 
ATOM   209  O OE1 . GLN A 1 27  ? -2.154  7.290   -13.950 1.00 45.04  ? 27   GLN A OE1 1 
ATOM   210  N NE2 . GLN A 1 27  ? -0.069  6.884   -14.604 1.00 49.96  ? 27   GLN A NE2 1 
ATOM   211  N N   . VAL A 1 28  ? -1.032  2.484   -11.694 1.00 38.08  ? 28   VAL A N   1 
ATOM   212  C CA  . VAL A 1 28  ? -1.323  2.170   -10.291 1.00 37.56  ? 28   VAL A CA  1 
ATOM   213  C C   . VAL A 1 28  ? -1.221  3.447   -9.457  1.00 31.13  ? 28   VAL A C   1 
ATOM   214  O O   . VAL A 1 28  ? -0.155  4.013   -9.360  1.00 34.72  ? 28   VAL A O   1 
ATOM   215  C CB  . VAL A 1 28  ? -0.306  1.117   -9.755  1.00 36.12  ? 28   VAL A CB  1 
ATOM   216  C CG1 . VAL A 1 28  ? -0.700  0.643   -8.387  1.00 37.96  ? 28   VAL A CG1 1 
ATOM   217  C CG2 . VAL A 1 28  ? -0.201  -0.072  -10.694 1.00 35.88  ? 28   VAL A CG2 1 
ATOM   218  N N   . ARG A 1 29  ? -2.333  3.933   -8.876  1.00 30.88  ? 29   ARG A N   1 
ATOM   219  C CA  . ARG A 1 29  ? -2.286  5.142   -8.019  1.00 26.52  ? 29   ARG A CA  1 
ATOM   220  C C   . ARG A 1 29  ? -2.634  4.885   -6.573  1.00 27.22  ? 29   ARG A C   1 
ATOM   221  O O   . ARG A 1 29  ? -3.679  4.322   -6.262  1.00 25.25  ? 29   ARG A O   1 
ATOM   222  C CB  . ARG A 1 29  ? -3.186  6.282   -8.502  1.00 29.70  ? 29   ARG A CB  1 
ATOM   223  C CG  . ARG A 1 29  ? -2.824  6.743   -9.890  1.00 33.19  ? 29   ARG A CG  1 
ATOM   224  C CD  . ARG A 1 29  ? -3.331  8.128   -10.150 1.00 35.23  ? 29   ARG A CD  1 
ATOM   225  N NE  . ARG A 1 29  ? -3.226  8.314   -11.577 1.00 37.21  ? 29   ARG A NE  1 
ATOM   226  C CZ  . ARG A 1 29  ? -3.460  9.452   -12.223 1.00 48.34  ? 29   ARG A CZ  1 
ATOM   227  N NH1 . ARG A 1 29  ? -3.813  10.548  -11.550 1.00 45.18  ? 29   ARG A NH1 1 
ATOM   228  N NH2 . ARG A 1 29  ? -3.340  9.460   -13.567 1.00 43.94  ? 29   ARG A NH2 1 
ATOM   229  N N   . LEU A 1 30  ? -1.728  5.269   -5.683  1.00 25.77  ? 30   LEU A N   1 
ATOM   230  C CA  . LEU A 1 30  ? -1.966  5.259   -4.248  1.00 25.96  ? 30   LEU A CA  1 
ATOM   231  C C   . LEU A 1 30  ? -2.986  6.311   -3.936  1.00 24.81  ? 30   LEU A C   1 
ATOM   232  O O   . LEU A 1 30  ? -2.781  7.528   -4.200  1.00 26.96  ? 30   LEU A O   1 
ATOM   233  C CB  . LEU A 1 30  ? -0.704  5.581   -3.427  1.00 25.51  ? 30   LEU A CB  1 
ATOM   234  C CG  . LEU A 1 30  ? -0.810  5.370   -1.908  1.00 25.07  ? 30   LEU A CG  1 
ATOM   235  C CD1 . LEU A 1 30  ? -1.100  3.909   -1.672  1.00 23.88  ? 30   LEU A CD1 1 
ATOM   236  C CD2 . LEU A 1 30  ? 0.558   5.789   -1.301  1.00 23.50  ? 30   LEU A CD2 1 
ATOM   237  N N   . THR A 1 31  ? -4.063  5.857   -3.311  1.00 24.11  ? 31   THR A N   1 
ATOM   238  C CA  . THR A 1 31  ? -5.274  6.664   -3.244  1.00 23.26  ? 31   THR A CA  1 
ATOM   239  C C   . THR A 1 31  ? -5.838  6.742   -1.824  1.00 22.40  ? 31   THR A C   1 
ATOM   240  O O   . THR A 1 31  ? -5.864  5.747   -1.112  1.00 21.58  ? 31   THR A O   1 
ATOM   241  C CB  . THR A 1 31  ? -6.350  6.088   -4.179  1.00 23.57  ? 31   THR A CB  1 
ATOM   242  O OG1 . THR A 1 31  ? -5.826  6.092   -5.489  1.00 23.87  ? 31   THR A OG1 1 
ATOM   243  C CG2 . THR A 1 31  ? -7.654  6.915   -4.059  1.00 20.97  ? 31   THR A CG2 1 
ATOM   244  N N   . VAL A 1 32  ? -6.247  7.947   -1.442  1.00 22.81  ? 32   VAL A N   1 
ATOM   245  C CA  . VAL A 1 32  ? -7.041  8.138   -0.249  1.00 22.15  ? 32   VAL A CA  1 
ATOM   246  C C   . VAL A 1 32  ? -8.409  8.542   -0.830  1.00 21.59  ? 32   VAL A C   1 
ATOM   247  O O   . VAL A 1 32  ? -8.526  9.507   -1.630  1.00 24.05  ? 32   VAL A O   1 
ATOM   248  C CB  . VAL A 1 32  ? -6.565  9.244   0.693   1.00 25.35  ? 32   VAL A CB  1 
ATOM   249  C CG1 . VAL A 1 32  ? -7.577  9.396   1.892   1.00 25.78  ? 32   VAL A CG1 1 
ATOM   250  C CG2 . VAL A 1 32  ? -5.144  8.951   1.190   1.00 24.24  ? 32   VAL A CG2 1 
ATOM   251  N N   . SER A 1 33  ? -9.427  7.851   -0.370  1.00 23.98  ? 33   SER A N   1 
ATOM   252  C CA  . SER A 1 33  ? -10.800 8.056   -0.849  1.00 22.87  ? 33   SER A CA  1 
ATOM   253  C C   . SER A 1 33  ? -11.771 8.075   0.320   1.00 24.95  ? 33   SER A C   1 
ATOM   254  O O   . SER A 1 33  ? -11.484 7.545   1.390   1.00 23.85  ? 33   SER A O   1 
ATOM   255  C CB  . SER A 1 33  ? -11.156 6.939   -1.821  1.00 24.62  ? 33   SER A CB  1 
ATOM   256  O OG  . SER A 1 33  ? -11.138 5.635   -1.254  1.00 22.00  ? 33   SER A OG  1 
ATOM   257  N N   . GLU A 1 34  ? -12.928 8.689   0.082   1.00 26.43  ? 34   GLU A N   1 
ATOM   258  C CA  . GLU A 1 34  ? -13.993 8.743   1.092   1.00 26.42  ? 34   GLU A CA  1 
ATOM   259  C C   . GLU A 1 34  ? -15.147 7.898   0.535   1.00 27.08  ? 34   GLU A C   1 
ATOM   260  O O   . GLU A 1 34  ? -15.483 8.018   -0.649  1.00 23.77  ? 34   GLU A O   1 
ATOM   261  C CB  . GLU A 1 34  ? -14.441 10.152  1.326   1.00 28.80  ? 34   GLU A CB  1 
ATOM   262  C CG  . GLU A 1 34  ? -15.415 10.187  2.498   1.00 31.40  ? 34   GLU A CG  1 
ATOM   263  C CD  . GLU A 1 34  ? -15.934 11.581  2.789   1.00 37.67  ? 34   GLU A CD  1 
ATOM   264  O OE1 . GLU A 1 34  ? -15.350 12.577  2.305   1.00 37.18  ? 34   GLU A OE1 1 
ATOM   265  O OE2 . GLU A 1 34  ? -16.960 11.636  3.474   1.00 42.45  ? 34   GLU A OE2 1 
ATOM   266  N N   . PHE A 1 35  ? -15.733 7.079   1.412   1.00 27.48  ? 35   PHE A N   1 
ATOM   267  C CA  . PHE A 1 35  ? -16.884 6.203   1.091   1.00 32.16  ? 35   PHE A CA  1 
ATOM   268  C C   . PHE A 1 35  ? -17.684 6.007   2.423   1.00 31.60  ? 35   PHE A C   1 
ATOM   269  O O   . PHE A 1 35  ? -17.081 5.577   3.420   1.00 34.40  ? 35   PHE A O   1 
ATOM   270  C CB  . PHE A 1 35  ? -16.341 4.845   0.646   1.00 31.45  ? 35   PHE A CB  1 
ATOM   271  C CG  . PHE A 1 35  ? -17.402 3.779   0.455   1.00 35.97  ? 35   PHE A CG  1 
ATOM   272  C CD1 . PHE A 1 35  ? -18.328 3.881   -0.575  1.00 34.33  ? 35   PHE A CD1 1 
ATOM   273  C CD2 . PHE A 1 35  ? -17.469 2.705   1.295   1.00 36.12  ? 35   PHE A CD2 1 
ATOM   274  C CE1 . PHE A 1 35  ? -19.314 2.908   -0.752  1.00 34.71  ? 35   PHE A CE1 1 
ATOM   275  C CE2 . PHE A 1 35  ? -18.463 1.744   1.134   1.00 42.12  ? 35   PHE A CE2 1 
ATOM   276  C CZ  . PHE A 1 35  ? -19.382 1.860   0.102   1.00 36.45  ? 35   PHE A CZ  1 
ATOM   277  N N   . ARG A 1 36  ? -18.961 6.404   2.478   1.00 39.07  ? 36   ARG A N   1 
ATOM   278  C CA  . ARG A 1 36  ? -19.868 6.020   3.631   1.00 38.20  ? 36   ARG A CA  1 
ATOM   279  C C   . ARG A 1 36  ? -19.322 6.610   4.899   1.00 38.28  ? 36   ARG A C   1 
ATOM   280  O O   . ARG A 1 36  ? -19.196 5.940   5.916   1.00 38.13  ? 36   ARG A O   1 
ATOM   281  C CB  . ARG A 1 36  ? -19.998 4.464   3.750   1.00 45.42  ? 36   ARG A CB  1 
ATOM   282  C CG  . ARG A 1 36  ? -21.015 3.884   4.771   1.00 56.84  ? 36   ARG A CG  1 
ATOM   283  C CD  . ARG A 1 36  ? -20.690 2.436   5.260   1.00 54.12  ? 36   ARG A CD  1 
ATOM   284  N NE  . ARG A 1 36  ? -20.719 1.474   4.163   1.00 48.22  ? 36   ARG A NE  1 
ATOM   285  C CZ  . ARG A 1 36  ? -20.197 0.243   4.153   1.00 50.48  ? 36   ARG A CZ  1 
ATOM   286  N NH1 . ARG A 1 36  ? -19.587 -0.288  5.224   1.00 53.26  ? 36   ARG A NH1 1 
ATOM   287  N NH2 . ARG A 1 36  ? -20.297 -0.482  3.051   1.00 40.24  ? 36   ARG A NH2 1 
ATOM   288  N N   . GLY A 1 37  ? -18.927 7.869   4.802   1.00 35.71  ? 37   GLY A N   1 
ATOM   289  C CA  . GLY A 1 37  ? -18.477 8.605   5.956   1.00 39.70  ? 37   GLY A CA  1 
ATOM   290  C C   . GLY A 1 37  ? -17.063 8.336   6.450   1.00 38.73  ? 37   GLY A C   1 
ATOM   291  O O   . GLY A 1 37  ? -16.691 8.905   7.440   1.00 36.90  ? 37   GLY A O   1 
ATOM   292  N N   . ASN A 1 38  ? -16.282 7.482   5.760   1.00 32.68  ? 38   ASN A N   1 
ATOM   293  C CA  . ASN A 1 38  ? -14.999 7.021   6.258   1.00 31.15  ? 38   ASN A CA  1 
ATOM   294  C C   . ASN A 1 38  ? -13.921 7.123   5.185   1.00 30.25  ? 38   ASN A C   1 
ATOM   295  O O   . ASN A 1 38  ? -14.218 7.131   4.006   1.00 28.00  ? 38   ASN A O   1 
ATOM   296  C CB  . ASN A 1 38  ? -15.169 5.588   6.736   1.00 31.91  ? 38   ASN A CB  1 
ATOM   297  C CG  . ASN A 1 38  ? -16.143 5.508   7.920   1.00 38.31  ? 38   ASN A CG  1 
ATOM   298  O OD1 . ASN A 1 38  ? -15.926 6.111   8.970   1.00 44.21  ? 38   ASN A OD1 1 
ATOM   299  N ND2 . ASN A 1 38  ? -17.252 4.857   7.702   1.00 44.44  ? 38   ASN A ND2 1 
ATOM   300  N N   . LEU A 1 39  ? -12.670 7.237   5.620   1.00 29.47  ? 39   LEU A N   1 
ATOM   301  C CA  . LEU A 1 39  ? -11.524 7.299   4.692   1.00 26.19  ? 39   LEU A CA  1 
ATOM   302  C C   . LEU A 1 39  ? -10.880 5.924   4.541   1.00 21.91  ? 39   LEU A C   1 
ATOM   303  O O   . LEU A 1 39  ? -10.747 5.187   5.484   1.00 23.60  ? 39   LEU A O   1 
ATOM   304  C CB  . LEU A 1 39  ? -10.470 8.327   5.184   1.00 26.38  ? 39   LEU A CB  1 
ATOM   305  C CG  . LEU A 1 39  ? -10.999 9.764   5.153   1.00 28.89  ? 39   LEU A CG  1 
ATOM   306  C CD1 . LEU A 1 39  ? -9.925  10.692  5.691   1.00 26.45  ? 39   LEU A CD1 1 
ATOM   307  C CD2 . LEU A 1 39  ? -11.432 10.205  3.750   1.00 31.10  ? 39   LEU A CD2 1 
ATOM   308  N N   . TYR A 1 40  ? -10.386 5.671   3.330   1.00 23.42  ? 40   TYR A N   1 
ATOM   309  C CA  . TYR A 1 40  ? -9.716  4.463   2.939   1.00 21.65  ? 40   TYR A CA  1 
ATOM   310  C C   . TYR A 1 40  ? -8.466  4.795   2.164   1.00 22.29  ? 40   TYR A C   1 
ATOM   311  O O   . TYR A 1 40  ? -8.407  5.840   1.473   1.00 23.99  ? 40   TYR A O   1 
ATOM   312  C CB  . TYR A 1 40  ? -10.635 3.685   1.979   1.00 22.59  ? 40   TYR A CB  1 
ATOM   313  C CG  . TYR A 1 40  ? -11.854 3.253   2.730   1.00 22.37  ? 40   TYR A CG  1 
ATOM   314  C CD1 . TYR A 1 40  ? -11.860 2.077   3.432   1.00 24.28  ? 40   TYR A CD1 1 
ATOM   315  C CD2 . TYR A 1 40  ? -12.949 4.072   2.792   1.00 23.98  ? 40   TYR A CD2 1 
ATOM   316  C CE1 . TYR A 1 40  ? -12.981 1.708   4.199   1.00 28.73  ? 40   TYR A CE1 1 
ATOM   317  C CE2 . TYR A 1 40  ? -14.100 3.689   3.495   1.00 29.33  ? 40   TYR A CE2 1 
ATOM   318  C CZ  . TYR A 1 40  ? -14.107 2.540   4.215   1.00 26.83  ? 40   TYR A CZ  1 
ATOM   319  O OH  . TYR A 1 40  ? -15.257 2.180   4.929   1.00 30.41  ? 40   TYR A OH  1 
ATOM   320  N N   . MET A 1 41  ? -7.456  3.932   2.321   1.00 23.12  ? 41   MET A N   1 
ATOM   321  C CA  . MET A 1 41  ? -6.269  3.985   1.474   1.00 22.29  ? 41   MET A CA  1 
ATOM   322  C C   . MET A 1 41  ? -6.152  2.719   0.666   1.00 20.97  ? 41   MET A C   1 
ATOM   323  O O   . MET A 1 41  ? -6.431  1.628   1.129   1.00 23.99  ? 41   MET A O   1 
ATOM   324  C CB  . MET A 1 41  ? -4.942  4.223   2.241   1.00 25.50  ? 41   MET A CB  1 
ATOM   325  C CG  . MET A 1 41  ? -4.665  3.299   3.386   1.00 28.62  ? 41   MET A CG  1 
ATOM   326  S SD  . MET A 1 41  ? -2.962  3.421   4.026   1.00 30.73  ? 41   MET A SD  1 
ATOM   327  C CE  . MET A 1 41  ? -3.211  2.531   5.536   1.00 31.96  ? 41   MET A CE  1 
ATOM   328  N N   . GLY A 1 42  ? -5.690  2.876   -0.564  1.00 22.11  ? 42   GLY A N   1 
ATOM   329  C CA  . GLY A 1 42  ? -5.532  1.719   -1.438  1.00 20.79  ? 42   GLY A CA  1 
ATOM   330  C C   . GLY A 1 42  ? -4.967  2.046   -2.805  1.00 20.76  ? 42   GLY A C   1 
ATOM   331  O O   . GLY A 1 42  ? -4.325  3.083   -2.993  1.00 19.83  ? 42   GLY A O   1 
ATOM   332  N N   . ILE A 1 43  ? -5.224  1.170   -3.767  1.00 19.88  ? 43   ILE A N   1 
ATOM   333  C CA  . ILE A 1 43  ? -4.743  1.409   -5.118  1.00 20.68  ? 43   ILE A CA  1 
ATOM   334  C C   . ILE A 1 43  ? -5.937  1.493   -6.064  1.00 21.58  ? 43   ILE A C   1 
ATOM   335  O O   . ILE A 1 43  ? -6.712  0.571   -6.096  1.00 21.76  ? 43   ILE A O   1 
ATOM   336  C CB  . ILE A 1 43  ? -3.859  0.243   -5.543  1.00 22.22  ? 43   ILE A CB  1 
ATOM   337  C CG1 . ILE A 1 43  ? -2.537  0.265   -4.791  1.00 21.42  ? 43   ILE A CG1 1 
ATOM   338  C CG2 . ILE A 1 43  ? -3.655  0.227   -7.056  1.00 27.53  ? 43   ILE A CG2 1 
ATOM   339  C CD1 . ILE A 1 43  ? -1.701  1.522   -4.678  1.00 19.72  ? 43   ILE A CD1 1 
ATOM   340  N N   . ARG A 1 44  ? -6.117  2.623   -6.745  1.00 20.03  ? 44   ARG A N   1 
ATOM   341  C CA  . ARG A 1 44  ? -7.160  2.739   -7.778  1.00 22.17  ? 44   ARG A CA  1 
ATOM   342  C C   . ARG A 1 44  ? -6.480  2.647   -9.117  1.00 24.60  ? 44   ARG A C   1 
ATOM   343  O O   . ARG A 1 44  ? -5.436  3.288   -9.324  1.00 28.33  ? 44   ARG A O   1 
ATOM   344  C CB  . ARG A 1 44  ? -7.876  4.095   -7.691  1.00 20.08  ? 44   ARG A CB  1 
ATOM   345  C CG  . ARG A 1 44  ? -9.008  4.198   -8.696  1.00 18.99  ? 44   ARG A CG  1 
ATOM   346  C CD  . ARG A 1 44  ? -9.501  5.599   -8.872  1.00 21.17  ? 44   ARG A CD  1 
ATOM   347  N NE  . ARG A 1 44  ? -10.377 6.100   -7.784  1.00 22.10  ? 44   ARG A NE  1 
ATOM   348  C CZ  . ARG A 1 44  ? -11.694 5.973   -7.723  1.00 23.08  ? 44   ARG A CZ  1 
ATOM   349  N NH1 . ARG A 1 44  ? -12.345 5.264   -8.620  1.00 23.03  ? 44   ARG A NH1 1 
ATOM   350  N NH2 . ARG A 1 44  ? -12.348 6.550   -6.706  1.00 27.69  ? 44   ARG A NH2 1 
ATOM   351  N N   . TYR A 1 45  ? -7.042  1.869   -10.034 1.00 26.87  ? 45   TYR A N   1 
ATOM   352  C CA  . TYR A 1 45  ? -6.441  1.762   -11.396 1.00 27.40  ? 45   TYR A CA  1 
ATOM   353  C C   . TYR A 1 45  ? -6.941  2.841   -12.374 1.00 27.25  ? 45   TYR A C   1 
ATOM   354  O O   . TYR A 1 45  ? -8.151  3.017   -12.526 1.00 27.17  ? 45   TYR A O   1 
ATOM   355  C CB  . TYR A 1 45  ? -6.676  0.394   -11.995 1.00 29.05  ? 45   TYR A CB  1 
ATOM   356  C CG  . TYR A 1 45  ? -5.892  -0.667  -11.257 1.00 34.10  ? 45   TYR A CG  1 
ATOM   357  C CD1 . TYR A 1 45  ? -4.516  -0.788  -11.447 1.00 39.80  ? 45   TYR A CD1 1 
ATOM   358  C CD2 . TYR A 1 45  ? -6.485  -1.476  -10.289 1.00 35.28  ? 45   TYR A CD2 1 
ATOM   359  C CE1 . TYR A 1 45  ? -3.780  -1.753  -10.756 1.00 41.55  ? 45   TYR A CE1 1 
ATOM   360  C CE2 . TYR A 1 45  ? -5.741  -2.423  -9.578  1.00 34.38  ? 45   TYR A CE2 1 
ATOM   361  C CZ  . TYR A 1 45  ? -4.385  -2.533  -9.811  1.00 39.37  ? 45   TYR A CZ  1 
ATOM   362  O OH  . TYR A 1 45  ? -3.620  -3.455  -9.130  1.00 43.73  ? 45   TYR A OH  1 
ATOM   363  N N   . TRP A 1 46  ? -6.009  3.552   -13.001 1.00 26.43  ? 46   TRP A N   1 
ATOM   364  C CA  . TRP A 1 46  ? -6.296  4.384   -14.175 1.00 26.18  ? 46   TRP A CA  1 
ATOM   365  C C   . TRP A 1 46  ? -5.921  3.682   -15.460 1.00 29.42  ? 46   TRP A C   1 
ATOM   366  O O   . TRP A 1 46  ? -4.911  2.978   -15.497 1.00 31.70  ? 46   TRP A O   1 
ATOM   367  C CB  . TRP A 1 46  ? -5.622  5.678   -14.027 1.00 30.14  ? 46   TRP A CB  1 
ATOM   368  C CG  . TRP A 1 46  ? -6.098  6.450   -12.820 1.00 26.50  ? 46   TRP A CG  1 
ATOM   369  C CD1 . TRP A 1 46  ? -6.173  5.977   -11.525 1.00 26.89  ? 46   TRP A CD1 1 
ATOM   370  C CD2 . TRP A 1 46  ? -6.447  7.837   -12.724 1.00 29.68  ? 46   TRP A CD2 1 
ATOM   371  N NE1 . TRP A 1 46  ? -6.580  6.930   -10.685 1.00 26.60  ? 46   TRP A NE1 1 
ATOM   372  C CE2 . TRP A 1 46  ? -6.804  8.066   -11.332 1.00 29.57  ? 46   TRP A CE2 1 
ATOM   373  C CE3 . TRP A 1 46  ? -6.588  8.876   -13.631 1.00 33.29  ? 46   TRP A CE3 1 
ATOM   374  C CZ2 . TRP A 1 46  ? -7.217  9.308   -10.865 1.00 29.81  ? 46   TRP A CZ2 1 
ATOM   375  C CZ3 . TRP A 1 46  ? -7.007  10.112  -13.168 1.00 34.20  ? 46   TRP A CZ3 1 
ATOM   376  C CH2 . TRP A 1 46  ? -7.295  10.339  -11.816 1.00 36.27  ? 46   TRP A CH2 1 
ATOM   377  N N   . LEU A 1 47  ? -6.737  3.805   -16.523 1.00 24.11  ? 47   LEU A N   1 
ATOM   378  C CA  . LEU A 1 47  ? -6.466  3.110   -17.755 1.00 28.21  ? 47   LEU A CA  1 
ATOM   379  C C   . LEU A 1 47  ? -6.343  4.076   -18.898 1.00 26.75  ? 47   LEU A C   1 
ATOM   380  O O   . LEU A 1 47  ? -7.026  5.076   -18.946 1.00 26.19  ? 47   LEU A O   1 
ATOM   381  C CB  . LEU A 1 47  ? -7.617  2.122   -18.117 1.00 30.70  ? 47   LEU A CB  1 
ATOM   382  C CG  . LEU A 1 47  ? -7.396  0.654   -17.760 1.00 34.60  ? 47   LEU A CG  1 
ATOM   383  C CD1 . LEU A 1 47  ? -6.859  0.554   -16.322 1.00 37.75  ? 47   LEU A CD1 1 
ATOM   384  C CD2 . LEU A 1 47  ? -8.679  -0.135  -17.905 1.00 33.65  ? 47   LEU A CD2 1 
ATOM   385  N N   . LEU A 1 48  ? -5.507  3.717   -19.867 1.00 25.27  ? 48   LEU A N   1 
ATOM   386  C CA  . LEU A 1 48  ? -5.319  4.522   -21.064 1.00 25.99  ? 48   LEU A CA  1 
ATOM   387  C C   . LEU A 1 48  ? -6.476  4.329   -21.992 1.00 23.25  ? 48   LEU A C   1 
ATOM   388  O O   . LEU A 1 48  ? -6.929  3.215   -22.120 1.00 25.55  ? 48   LEU A O   1 
ATOM   389  C CB  . LEU A 1 48  ? -4.041  4.114   -21.801 1.00 27.91  ? 48   LEU A CB  1 
ATOM   390  C CG  . LEU A 1 48  ? -2.691  4.643   -21.297 1.00 29.41  ? 48   LEU A CG  1 
ATOM   391  C CD1 . LEU A 1 48  ? -1.551  3.992   -22.115 1.00 27.95  ? 48   LEU A CD1 1 
ATOM   392  C CD2 . LEU A 1 48  ? -2.683  6.167   -21.370 1.00 25.97  ? 48   LEU A CD2 1 
ATOM   393  N N   . ASP A 1 49  ? -6.900  5.398   -22.661 1.00 23.11  ? 49   ASP A N   1 
ATOM   394  C CA  . ASP A 1 49  ? -7.695  5.305   -23.846 1.00 24.53  ? 49   ASP A CA  1 
ATOM   395  C C   . ASP A 1 49  ? -6.846  5.272   -25.084 1.00 25.22  ? 49   ASP A C   1 
ATOM   396  O O   . ASP A 1 49  ? -5.604  5.343   -24.978 1.00 24.58  ? 49   ASP A O   1 
ATOM   397  C CB  . ASP A 1 49  ? -8.822  6.344   -23.893 1.00 24.63  ? 49   ASP A CB  1 
ATOM   398  C CG  . ASP A 1 49  ? -8.414  7.715   -24.469 1.00 29.41  ? 49   ASP A CG  1 
ATOM   399  O OD1 . ASP A 1 49  ? -7.197  8.034   -24.605 1.00 27.75  ? 49   ASP A OD1 1 
ATOM   400  O OD2 . ASP A 1 49  ? -9.381  8.465   -24.774 1.00 31.76  ? 49   ASP A OD2 1 
ATOM   401  N N   . ILE A 1 50  ? -7.482  5.161   -26.273 1.00 26.45  ? 50   ILE A N   1 
ATOM   402  C CA  . ILE A 1 50  ? -6.702  5.103   -27.534 1.00 28.31  ? 50   ILE A CA  1 
ATOM   403  C C   . ILE A 1 50  ? -6.022  6.423   -27.887 1.00 34.21  ? 50   ILE A C   1 
ATOM   404  O O   . ILE A 1 50  ? -5.156  6.462   -28.732 1.00 30.92  ? 50   ILE A O   1 
ATOM   405  C CB  . ILE A 1 50  ? -7.558  4.634   -28.725 1.00 31.12  ? 50   ILE A CB  1 
ATOM   406  C CG1 . ILE A 1 50  ? -8.685  5.641   -29.031 1.00 32.96  ? 50   ILE A CG1 1 
ATOM   407  C CG2 . ILE A 1 50  ? -8.097  3.273   -28.445 1.00 32.88  ? 50   ILE A CG2 1 
ATOM   408  C CD1 . ILE A 1 50  ? -9.257  5.409   -30.427 1.00 40.11  ? 50   ILE A CD1 1 
ATOM   409  N N   . ASN A 1 51  ? -6.426  7.508   -27.241 1.00 31.14  ? 51   ASN A N   1 
ATOM   410  C CA  . ASN A 1 51  ? -5.829  8.816   -27.445 1.00 35.69  ? 51   ASN A CA  1 
ATOM   411  C C   . ASN A 1 51  ? -4.746  9.052   -26.443 1.00 35.69  ? 51   ASN A C   1 
ATOM   412  O O   . ASN A 1 51  ? -4.243  10.144  -26.359 1.00 37.26  ? 51   ASN A O   1 
ATOM   413  C CB  . ASN A 1 51  ? -6.917  9.919   -27.364 1.00 37.63  ? 51   ASN A CB  1 
ATOM   414  C CG  . ASN A 1 51  ? -8.111  9.616   -28.256 1.00 46.37  ? 51   ASN A CG  1 
ATOM   415  O OD1 . ASN A 1 51  ? -8.044  9.797   -29.477 1.00 49.31  ? 51   ASN A OD1 1 
ATOM   416  N ND2 . ASN A 1 51  ? -9.194  9.084   -27.667 1.00 44.55  ? 51   ASN A ND2 1 
ATOM   417  N N   . ASP A 1 52  ? -4.397  8.020   -25.683 1.00 30.06  ? 52   ASP A N   1 
ATOM   418  C CA  . ASP A 1 52  ? -3.322  8.055   -24.710 1.00 35.01  ? 52   ASP A CA  1 
ATOM   419  C C   . ASP A 1 52  ? -3.570  9.032   -23.530 1.00 36.08  ? 52   ASP A C   1 
ATOM   420  O O   . ASP A 1 52  ? -2.634  9.661   -23.056 1.00 31.84  ? 52   ASP A O   1 
ATOM   421  C CB  . ASP A 1 52  ? -1.957  8.345   -25.380 1.00 36.49  ? 52   ASP A CB  1 
ATOM   422  C CG  . ASP A 1 52  ? -1.395  7.141   -26.129 1.00 34.56  ? 52   ASP A CG  1 
ATOM   423  O OD1 . ASP A 1 52  ? -1.079  6.143   -25.528 1.00 36.74  ? 52   ASP A OD1 1 
ATOM   424  O OD2 . ASP A 1 52  ? -1.222  7.231   -27.329 1.00 40.03  ? 52   ASP A OD2 1 
ATOM   425  N N   . GLU A 1 53  ? -4.832  9.183   -23.123 1.00 30.76  ? 53   GLU A N   1 
ATOM   426  C CA  . GLU A 1 53  ? -5.218  9.919   -21.931 1.00 31.72  ? 53   GLU A CA  1 
ATOM   427  C C   . GLU A 1 53  ? -5.614  8.896   -20.865 1.00 31.51  ? 53   GLU A C   1 
ATOM   428  O O   . GLU A 1 53  ? -6.136  7.824   -21.180 1.00 30.97  ? 53   GLU A O   1 
ATOM   429  C CB  . GLU A 1 53  ? -6.389  10.860  -22.251 1.00 33.76  ? 53   GLU A CB  1 
ATOM   430  C CG  . GLU A 1 53  ? -6.038  11.899  -23.318 1.00 36.79  ? 53   GLU A CG  1 
ATOM   431  C CD  . GLU A 1 53  ? -7.148  12.864  -23.648 1.00 42.96  ? 53   GLU A CD  1 
ATOM   432  O OE1 . GLU A 1 53  ? -8.288  12.674  -23.217 1.00 45.90  ? 53   GLU A OE1 1 
ATOM   433  O OE2 . GLU A 1 53  ? -6.896  13.841  -24.370 1.00 46.09  ? 53   GLU A OE2 1 
ATOM   434  N N   . TRP A 1 54  ? -5.411  9.258   -19.603 1.00 31.34  ? 54   TRP A N   1 
ATOM   435  C CA  . TRP A 1 54  ? -5.682  8.412   -18.431 1.00 28.43  ? 54   TRP A CA  1 
ATOM   436  C C   . TRP A 1 54  ? -7.078  8.665   -17.942 1.00 28.86  ? 54   TRP A C   1 
ATOM   437  O O   . TRP A 1 54  ? -7.505  9.821   -17.752 1.00 28.99  ? 54   TRP A O   1 
ATOM   438  C CB  . TRP A 1 54  ? -4.741  8.765   -17.301 1.00 32.37  ? 54   TRP A CB  1 
ATOM   439  C CG  . TRP A 1 54  ? -3.338  8.367   -17.615 1.00 30.37  ? 54   TRP A CG  1 
ATOM   440  C CD1 . TRP A 1 54  ? -2.271  9.204   -17.942 1.00 33.75  ? 54   TRP A CD1 1 
ATOM   441  C CD2 . TRP A 1 54  ? -2.814  7.020   -17.683 1.00 29.34  ? 54   TRP A CD2 1 
ATOM   442  N NE1 . TRP A 1 54  ? -1.161  8.467   -18.200 1.00 31.79  ? 54   TRP A NE1 1 
ATOM   443  C CE2 . TRP A 1 54  ? -1.410  7.147   -18.056 1.00 31.98  ? 54   TRP A CE2 1 
ATOM   444  C CE3 . TRP A 1 54  ? -3.344  5.763   -17.505 1.00 31.49  ? 54   TRP A CE3 1 
ATOM   445  C CZ2 . TRP A 1 54  ? -0.617  6.062   -18.231 1.00 27.75  ? 54   TRP A CZ2 1 
ATOM   446  C CZ3 . TRP A 1 54  ? -2.532  4.667   -17.695 1.00 32.65  ? 54   TRP A CZ3 1 
ATOM   447  C CH2 . TRP A 1 54  ? -1.183  4.826   -18.037 1.00 32.62  ? 54   TRP A CH2 1 
ATOM   448  N N   . PHE A 1 55  ? -7.813  7.567   -17.782 1.00 27.52  ? 55   PHE A N   1 
ATOM   449  C CA  . PHE A 1 55  ? -9.174  7.579   -17.336 1.00 23.60  ? 55   PHE A CA  1 
ATOM   450  C C   . PHE A 1 55  ? -9.214  6.847   -15.983 1.00 24.63  ? 55   PHE A C   1 
ATOM   451  O O   . PHE A 1 55  ? -8.869  5.675   -15.911 1.00 24.40  ? 55   PHE A O   1 
ATOM   452  C CB  . PHE A 1 55  ? -10.066 6.837   -18.352 1.00 24.57  ? 55   PHE A CB  1 
ATOM   453  C CG  . PHE A 1 55  ? -10.446 7.665   -19.530 1.00 24.86  ? 55   PHE A CG  1 
ATOM   454  C CD1 . PHE A 1 55  ? -9.513  7.931   -20.542 1.00 28.50  ? 55   PHE A CD1 1 
ATOM   455  C CD2 . PHE A 1 55  ? -11.751 8.144   -19.688 1.00 26.77  ? 55   PHE A CD2 1 
ATOM   456  C CE1 . PHE A 1 55  ? -9.856  8.712   -21.625 1.00 28.21  ? 55   PHE A CE1 1 
ATOM   457  C CE2 . PHE A 1 55  ? -12.098 8.959   -20.756 1.00 27.28  ? 55   PHE A CE2 1 
ATOM   458  C CZ  . PHE A 1 55  ? -11.162 9.220   -21.750 1.00 27.53  ? 55   PHE A CZ  1 
ATOM   459  N N   . PRO A 1 56  ? -9.665  7.512   -14.922 1.00 24.16  ? 56   PRO A N   1 
ATOM   460  C CA  . PRO A 1 56  ? -9.891  6.807   -13.644 1.00 23.82  ? 56   PRO A CA  1 
ATOM   461  C C   . PRO A 1 56  ? -10.923 5.732   -13.784 1.00 25.15  ? 56   PRO A C   1 
ATOM   462  O O   . PRO A 1 56  ? -11.985 5.992   -14.354 1.00 26.59  ? 56   PRO A O   1 
ATOM   463  C CB  . PRO A 1 56  ? -10.395 7.887   -12.701 1.00 29.20  ? 56   PRO A CB  1 
ATOM   464  C CG  . PRO A 1 56  ? -10.816 9.053   -13.541 1.00 31.87  ? 56   PRO A CG  1 
ATOM   465  C CD  . PRO A 1 56  ? -10.133 8.906   -14.894 1.00 26.62  ? 56   PRO A CD  1 
ATOM   466  N N   . THR A 1 57  ? -10.660 4.537   -13.272 1.00 27.77  ? 57   THR A N   1 
ATOM   467  C CA  . THR A 1 57  ? -11.684 3.492   -13.223 1.00 25.98  ? 57   THR A CA  1 
ATOM   468  C C   . THR A 1 57  ? -12.140 3.228   -11.832 1.00 23.80  ? 57   THR A C   1 
ATOM   469  O O   . THR A 1 57  ? -11.560 3.694   -10.831 1.00 23.61  ? 57   THR A O   1 
ATOM   470  C CB  . THR A 1 57  ? -11.197 2.178   -13.872 1.00 25.91  ? 57   THR A CB  1 
ATOM   471  O OG1 . THR A 1 57  ? -10.391 1.430   -12.937 1.00 27.29  ? 57   THR A OG1 1 
ATOM   472  C CG2 . THR A 1 57  ? -10.402 2.437   -15.166 1.00 27.10  ? 57   THR A CG2 1 
ATOM   473  N N   . LYS A 1 58  ? -13.165 2.399   -11.729 1.00 25.67  ? 58   LYS A N   1 
ATOM   474  C CA  . LYS A 1 58  ? -13.653 1.971   -10.401 1.00 27.14  ? 58   LYS A CA  1 
ATOM   475  C C   . LYS A 1 58  ? -12.929 0.721   -9.881  1.00 24.66  ? 58   LYS A C   1 
ATOM   476  O O   . LYS A 1 58  ? -13.374 0.077   -8.921  1.00 27.80  ? 58   LYS A O   1 
ATOM   477  C CB  . LYS A 1 58  ? -15.180 1.658   -10.533 1.00 29.18  ? 58   LYS A CB  1 
ATOM   478  C CG  . LYS A 1 58  ? -15.987 2.919   -10.795 1.00 32.76  ? 58   LYS A CG  1 
ATOM   479  C CD  . LYS A 1 58  ? -17.523 2.717   -10.767 1.00 37.75  ? 58   LYS A CD  1 
ATOM   480  C CE  . LYS A 1 58  ? -18.063 2.131   -12.089 1.00 43.17  ? 58   LYS A CE  1 
ATOM   481  N NZ  . LYS A 1 58  ? -18.371 3.112   -13.191 1.00 42.14  ? 58   LYS A NZ  1 
ATOM   482  N N   . SER A 1 59  ? -11.876 0.297   -10.559 1.00 23.06  ? 59   SER A N   1 
ATOM   483  C CA  . SER A 1 59  ? -11.171 -0.944  -10.177 1.00 24.28  ? 59   SER A CA  1 
ATOM   484  C C   . SER A 1 59  ? -10.030 -0.646  -9.220  1.00 23.97  ? 59   SER A C   1 
ATOM   485  O O   . SER A 1 59  ? -9.310  0.413   -9.345  1.00 24.34  ? 59   SER A O   1 
ATOM   486  C CB  . SER A 1 59  ? -10.654 -1.681  -11.426 1.00 27.88  ? 59   SER A CB  1 
ATOM   487  O OG  . SER A 1 59  ? -11.824 -2.074  -12.136 1.00 28.53  ? 59   SER A OG  1 
ATOM   488  N N   . GLY A 1 60  ? -9.913  -1.512  -8.237  1.00 24.29  ? 60   GLY A N   1 
ATOM   489  C CA  . GLY A 1 60  ? -8.828  -1.437  -7.231  1.00 22.44  ? 60   GLY A CA  1 
ATOM   490  C C   . GLY A 1 60  ? -9.305  -2.017  -5.918  1.00 22.31  ? 60   GLY A C   1 
ATOM   491  O O   . GLY A 1 60  ? -10.342 -2.695  -5.851  1.00 26.01  ? 60   GLY A O   1 
ATOM   492  N N   . PHE A 1 61  ? -8.591  -1.700  -4.844  1.00 23.90  ? 61   PHE A N   1 
ATOM   493  C CA  . PHE A 1 61  ? -8.970  -2.208  -3.515  1.00 22.91  ? 61   PHE A CA  1 
ATOM   494  C C   . PHE A 1 61  ? -8.523  -1.180  -2.466  1.00 22.90  ? 61   PHE A C   1 
ATOM   495  O O   . PHE A 1 61  ? -7.649  -0.420  -2.693  1.00 20.61  ? 61   PHE A O   1 
ATOM   496  C CB  . PHE A 1 61  ? -8.320  -3.594  -3.228  1.00 25.86  ? 61   PHE A CB  1 
ATOM   497  C CG  . PHE A 1 61  ? -6.906  -3.506  -2.862  1.00 27.26  ? 61   PHE A CG  1 
ATOM   498  C CD1 . PHE A 1 61  ? -5.953  -3.266  -3.833  1.00 32.00  ? 61   PHE A CD1 1 
ATOM   499  C CD2 . PHE A 1 61  ? -6.520  -3.477  -1.536  1.00 30.58  ? 61   PHE A CD2 1 
ATOM   500  C CE1 . PHE A 1 61  ? -4.631  -3.094  -3.488  1.00 33.61  ? 61   PHE A CE1 1 
ATOM   501  C CE2 . PHE A 1 61  ? -5.209  -3.312  -1.183  1.00 29.17  ? 61   PHE A CE2 1 
ATOM   502  C CZ  . PHE A 1 61  ? -4.266  -3.114  -2.150  1.00 29.82  ? 61   PHE A CZ  1 
ATOM   503  N N   . SER A 1 62  ? -9.135  -1.173  -1.305  1.00 22.04  ? 62   SER A N   1 
ATOM   504  C CA  . SER A 1 62  ? -8.758  -0.251  -0.310  1.00 22.57  ? 62   SER A CA  1 
ATOM   505  C C   . SER A 1 62  ? -9.061  -0.804  1.056   1.00 25.76  ? 62   SER A C   1 
ATOM   506  O O   . SER A 1 62  ? -9.788  -1.836  1.211   1.00 24.49  ? 62   SER A O   1 
ATOM   507  C CB  . SER A 1 62  ? -9.451  1.084   -0.576  1.00 23.02  ? 62   SER A CB  1 
ATOM   508  O OG  . SER A 1 62  ? -10.856 1.022   -0.454  1.00 21.72  ? 62   SER A OG  1 
ATOM   509  N N   . PHE A 1 63  ? -8.474  -0.168  2.055   1.00 23.60  ? 63   PHE A N   1 
ATOM   510  C CA  . PHE A 1 63  ? -8.764  -0.553  3.413   1.00 25.45  ? 63   PHE A CA  1 
ATOM   511  C C   . PHE A 1 63  ? -8.684  0.682   4.310   1.00 24.19  ? 63   PHE A C   1 
ATOM   512  O O   . PHE A 1 63  ? -8.266  1.736   3.873   1.00 24.26  ? 63   PHE A O   1 
ATOM   513  C CB  . PHE A 1 63  ? -7.874  -1.727  3.858   1.00 26.16  ? 63   PHE A CB  1 
ATOM   514  C CG  . PHE A 1 63  ? -6.435  -1.378  4.024   1.00 25.94  ? 63   PHE A CG  1 
ATOM   515  C CD1 . PHE A 1 63  ? -5.628  -1.238  2.920   1.00 30.10  ? 63   PHE A CD1 1 
ATOM   516  C CD2 . PHE A 1 63  ? -5.867  -1.272  5.273   1.00 32.81  ? 63   PHE A CD2 1 
ATOM   517  C CE1 . PHE A 1 63  ? -4.269  -0.954  3.012   1.00 32.37  ? 63   PHE A CE1 1 
ATOM   518  C CE2 . PHE A 1 63  ? -4.511  -0.983  5.398   1.00 35.44  ? 63   PHE A CE2 1 
ATOM   519  C CZ  . PHE A 1 63  ? -3.712  -0.800  4.254   1.00 32.89  ? 63   PHE A CZ  1 
ATOM   520  N N   . PRO A 1 64  ? -9.080  0.576   5.580   1.00 25.01  ? 64   PRO A N   1 
ATOM   521  C CA  . PRO A 1 64  ? -9.189  1.852   6.282   1.00 26.03  ? 64   PRO A CA  1 
ATOM   522  C C   . PRO A 1 64  ? -7.916  2.690   6.450   1.00 24.14  ? 64   PRO A C   1 
ATOM   523  O O   . PRO A 1 64  ? -6.798  2.189   6.615   1.00 24.29  ? 64   PRO A O   1 
ATOM   524  C CB  . PRO A 1 64  ? -9.743  1.467   7.672   1.00 27.09  ? 64   PRO A CB  1 
ATOM   525  C CG  . PRO A 1 64  ? -10.280 0.111   7.522   1.00 25.35  ? 64   PRO A CG  1 
ATOM   526  C CD  . PRO A 1 64  ? -9.632  -0.536  6.338   1.00 26.52  ? 64   PRO A CD  1 
ATOM   527  N N   . TYR A 1 65  ? -8.110  3.995   6.354   1.00 23.68  ? 65   TYR A N   1 
ATOM   528  C CA  . TYR A 1 65  ? -7.069  4.976   6.517   1.00 26.18  ? 65   TYR A CA  1 
ATOM   529  C C   . TYR A 1 65  ? -7.266  5.643   7.852   1.00 27.25  ? 65   TYR A C   1 
ATOM   530  O O   . TYR A 1 65  ? -8.017  6.622   7.917   1.00 26.65  ? 65   TYR A O   1 
ATOM   531  C CB  . TYR A 1 65  ? -7.195  6.033   5.411   1.00 26.18  ? 65   TYR A CB  1 
ATOM   532  C CG  . TYR A 1 65  ? -6.098  7.111   5.322   1.00 26.22  ? 65   TYR A CG  1 
ATOM   533  C CD1 . TYR A 1 65  ? -4.761  6.790   5.061   1.00 28.71  ? 65   TYR A CD1 1 
ATOM   534  C CD2 . TYR A 1 65  ? -6.421  8.461   5.384   1.00 28.66  ? 65   TYR A CD2 1 
ATOM   535  C CE1 . TYR A 1 65  ? -3.793  7.790   4.905   1.00 25.96  ? 65   TYR A CE1 1 
ATOM   536  C CE2 . TYR A 1 65  ? -5.481  9.452   5.195   1.00 28.19  ? 65   TYR A CE2 1 
ATOM   537  C CZ  . TYR A 1 65  ? -4.165  9.122   5.000   1.00 28.26  ? 65   TYR A CZ  1 
ATOM   538  O OH  . TYR A 1 65  ? -3.256  10.143  4.820   1.00 27.52  ? 65   TYR A OH  1 
ATOM   539  N N   . THR A 1 66  ? -6.587  5.148   8.878   1.00 29.41  ? 66   THR A N   1 
ATOM   540  C CA  . THR A 1 66  ? -6.715  5.657   10.210  1.00 26.66  ? 66   THR A CA  1 
ATOM   541  C C   . THR A 1 66  ? -5.292  5.818   10.746  1.00 30.58  ? 66   THR A C   1 
ATOM   542  O O   . THR A 1 66  ? -4.324  5.371   10.095  1.00 25.75  ? 66   THR A O   1 
ATOM   543  C CB  . THR A 1 66  ? -7.518  4.686   11.099  1.00 27.84  ? 66   THR A CB  1 
ATOM   544  O OG1 . THR A 1 66  ? -6.857  3.417   11.141  1.00 30.01  ? 66   THR A OG1 1 
ATOM   545  C CG2 . THR A 1 66  ? -8.920  4.499   10.562  1.00 32.63  ? 66   THR A CG2 1 
ATOM   546  N N   . LEU A 1 67  ? -5.154  6.442   11.922  1.00 27.74  ? 67   LEU A N   1 
ATOM   547  C CA  . LEU A 1 67  ? -3.837  6.465   12.611  1.00 31.74  ? 67   LEU A CA  1 
ATOM   548  C C   . LEU A 1 67  ? -3.318  5.060   12.841  1.00 28.89  ? 67   LEU A C   1 
ATOM   549  O O   . LEU A 1 67  ? -2.132  4.796   12.655  1.00 30.48  ? 67   LEU A O   1 
ATOM   550  C CB  . LEU A 1 67  ? -3.839  7.241   13.945  1.00 31.28  ? 67   LEU A CB  1 
ATOM   551  C CG  . LEU A 1 67  ? -4.183  8.730   13.846  1.00 39.62  ? 67   LEU A CG  1 
ATOM   552  C CD1 . LEU A 1 67  ? -4.234  9.362   15.251  1.00 41.86  ? 67   LEU A CD1 1 
ATOM   553  C CD2 . LEU A 1 67  ? -3.313  9.520   12.871  1.00 41.42  ? 67   LEU A CD2 1 
ATOM   554  N N   . GLU A 1 68  ? -4.201  4.148   13.236  1.00 28.06  ? 68   GLU A N   1 
ATOM   555  C CA  . GLU A 1 68  ? -3.774  2.777   13.451  1.00 32.23  ? 68   GLU A CA  1 
ATOM   556  C C   . GLU A 1 68  ? -3.184  2.080   12.231  1.00 30.35  ? 68   GLU A C   1 
ATOM   557  O O   . GLU A 1 68  ? -2.117  1.452   12.306  1.00 27.26  ? 68   GLU A O   1 
ATOM   558  C CB  . GLU A 1 68  ? -4.935  1.905   13.926  1.00 36.88  ? 68   GLU A CB  1 
ATOM   559  C CG  . GLU A 1 68  ? -5.158  1.983   15.421  1.00 52.11  ? 68   GLU A CG  1 
ATOM   560  C CD  . GLU A 1 68  ? -5.238  0.608   16.077  1.00 61.25  ? 68   GLU A CD  1 
ATOM   561  O OE1 . GLU A 1 68  ? -5.907  -0.299  15.508  1.00 60.29  ? 68   GLU A OE1 1 
ATOM   562  O OE2 . GLU A 1 68  ? -4.617  0.431   17.159  1.00 62.76  ? 68   GLU A OE2 1 
ATOM   563  N N   . THR A 1 69  ? -3.931  2.113   11.132  1.00 25.99  ? 69   THR A N   1 
ATOM   564  C CA  . THR A 1 69  ? -3.491  1.407   9.934   1.00 24.90  ? 69   THR A CA  1 
ATOM   565  C C   . THR A 1 69  ? -2.274  2.088   9.309   1.00 21.82  ? 69   THR A C   1 
ATOM   566  O O   . THR A 1 69  ? -1.355  1.404   8.803   1.00 26.54  ? 69   THR A O   1 
ATOM   567  C CB  . THR A 1 69  ? -4.613  1.219   8.888   1.00 22.75  ? 69   THR A CB  1 
ATOM   568  O OG1 . THR A 1 69  ? -5.059  2.511   8.476   1.00 25.24  ? 69   THR A OG1 1 
ATOM   569  C CG2 . THR A 1 69  ? -5.780  0.426   9.468   1.00 26.90  ? 69   THR A CG2 1 
ATOM   570  N N   . THR A 1 70  ? -2.253  3.402   9.313   1.00 23.57  ? 70   THR A N   1 
ATOM   571  C CA  . THR A 1 70  ? -1.133  4.113   8.734   1.00 23.46  ? 70   THR A CA  1 
ATOM   572  C C   . THR A 1 70  ? 0.119   3.894   9.546   1.00 26.83  ? 70   THR A C   1 
ATOM   573  O O   . THR A 1 70  ? 1.167   3.612   8.968   1.00 25.27  ? 70   THR A O   1 
ATOM   574  C CB  . THR A 1 70  ? -1.434  5.570   8.516   1.00 24.55  ? 70   THR A CB  1 
ATOM   575  O OG1 . THR A 1 70  ? -1.820  6.198   9.750   1.00 26.03  ? 70   THR A OG1 1 
ATOM   576  C CG2 . THR A 1 70  ? -2.551  5.770   7.435   1.00 24.80  ? 70   THR A CG2 1 
ATOM   577  N N   . SER A 1 71  ? 0.012   3.986   10.891  1.00 25.74  ? 71   SER A N   1 
ATOM   578  C CA  . SER A 1 71  ? 1.132   3.704   11.804  1.00 26.83  ? 71   SER A CA  1 
ATOM   579  C C   . SER A 1 71  ? 1.592   2.241   11.648  1.00 24.50  ? 71   SER A C   1 
ATOM   580  O O   . SER A 1 71  ? 2.783   1.959   11.581  1.00 24.51  ? 71   SER A O   1 
ATOM   581  C CB  . SER A 1 71  ? 0.721   3.964   13.256  1.00 27.78  ? 71   SER A CB  1 
ATOM   582  O OG  . SER A 1 71  ? 0.420   5.323   13.358  1.00 32.53  ? 71   SER A OG  1 
ATOM   583  N N   . GLN A 1 72  ? 0.662   1.314   11.521  1.00 27.15  ? 72   GLN A N   1 
ATOM   584  C CA  . GLN A 1 72  ? 1.091   -0.097  11.322  1.00 25.15  ? 72   GLN A CA  1 
ATOM   585  C C   . GLN A 1 72  ? 1.810   -0.286  9.979   1.00 26.50  ? 72   GLN A C   1 
ATOM   586  O O   . GLN A 1 72  ? 2.754   -1.031  9.862   1.00 25.92  ? 72   GLN A O   1 
ATOM   587  C CB  . GLN A 1 72  ? -0.086  -1.005  11.391  1.00 26.63  ? 72   GLN A CB  1 
ATOM   588  C CG  . GLN A 1 72  ? 0.195   -2.495  11.213  1.00 28.58  ? 72   GLN A CG  1 
ATOM   589  C CD  . GLN A 1 72  ? 1.150   -3.069  12.258  1.00 35.58  ? 72   GLN A CD  1 
ATOM   590  O OE1 . GLN A 1 72  ? 1.386   -2.445  13.290  1.00 27.88  ? 72   GLN A OE1 1 
ATOM   591  N NE2 . GLN A 1 72  ? 1.668   -4.297  12.008  1.00 32.15  ? 72   GLN A NE2 1 
ATOM   592  N N   . LEU A 1 73  ? 1.317   0.354   8.938   1.00 29.36  ? 73   LEU A N   1 
ATOM   593  C CA  . LEU A 1 73  ? 1.988   0.224   7.624   1.00 28.17  ? 73   LEU A CA  1 
ATOM   594  C C   . LEU A 1 73  ? 3.387   0.853   7.657   1.00 26.72  ? 73   LEU A C   1 
ATOM   595  O O   . LEU A 1 73  ? 4.367   0.222   7.240   1.00 28.56  ? 73   LEU A O   1 
ATOM   596  C CB  . LEU A 1 73  ? 1.106   0.822   6.509   1.00 27.45  ? 73   LEU A CB  1 
ATOM   597  C CG  . LEU A 1 73  ? 1.699   0.870   5.099   1.00 27.48  ? 73   LEU A CG  1 
ATOM   598  C CD1 . LEU A 1 73  ? 2.231   -0.501  4.665   1.00 27.29  ? 73   LEU A CD1 1 
ATOM   599  C CD2 . LEU A 1 73  ? 0.677   1.458   4.087   1.00 25.69  ? 73   LEU A CD2 1 
ATOM   600  N N   . PHE A 1 74  ? 3.497   2.037   8.228   1.00 22.33  ? 74   PHE A N   1 
ATOM   601  C CA  . PHE A 1 74  ? 4.774   2.775   8.327   1.00 27.68  ? 74   PHE A CA  1 
ATOM   602  C C   . PHE A 1 74  ? 5.752   1.883   9.092   1.00 26.01  ? 74   PHE A C   1 
ATOM   603  O O   . PHE A 1 74  ? 6.893   1.620   8.655   1.00 24.32  ? 74   PHE A O   1 
ATOM   604  C CB  . PHE A 1 74  ? 4.605   4.123   9.070   1.00 25.46  ? 74   PHE A CB  1 
ATOM   605  C CG  . PHE A 1 74  ? 5.766   5.075   8.921   1.00 27.52  ? 74   PHE A CG  1 
ATOM   606  C CD1 . PHE A 1 74  ? 6.924   4.912   9.667   1.00 27.90  ? 74   PHE A CD1 1 
ATOM   607  C CD2 . PHE A 1 74  ? 5.695   6.153   8.029   1.00 32.93  ? 74   PHE A CD2 1 
ATOM   608  C CE1 . PHE A 1 74  ? 7.970   5.769   9.517   1.00 28.92  ? 74   PHE A CE1 1 
ATOM   609  C CE2 . PHE A 1 74  ? 6.770   7.042   7.855   1.00 31.77  ? 74   PHE A CE2 1 
ATOM   610  C CZ  . PHE A 1 74  ? 7.912   6.840   8.611   1.00 32.95  ? 74   PHE A CZ  1 
ATOM   611  N N   . TYR A 1 75  ? 5.264   1.350   10.201  1.00 25.70  ? 75   TYR A N   1 
ATOM   612  C CA  . TYR A 1 75  ? 6.085   0.399   10.988  1.00 27.53  ? 75   TYR A CA  1 
ATOM   613  C C   . TYR A 1 75  ? 6.513   -0.864  10.185  1.00 29.60  ? 75   TYR A C   1 
ATOM   614  O O   . TYR A 1 75  ? 7.765   -1.258  10.157  1.00 28.27  ? 75   TYR A O   1 
ATOM   615  C CB  . TYR A 1 75  ? 5.376   0.066   12.300  1.00 25.42  ? 75   TYR A CB  1 
ATOM   616  C CG  . TYR A 1 75  ? 5.806   -1.233  12.923  1.00 27.38  ? 75   TYR A CG  1 
ATOM   617  C CD1 . TYR A 1 75  ? 6.993   -1.333  13.607  1.00 30.03  ? 75   TYR A CD1 1 
ATOM   618  C CD2 . TYR A 1 75  ? 5.098   -2.392  12.674  1.00 31.67  ? 75   TYR A CD2 1 
ATOM   619  C CE1 . TYR A 1 75  ? 7.387   -2.542  14.162  1.00 33.35  ? 75   TYR A CE1 1 
ATOM   620  C CE2 . TYR A 1 75  ? 5.468   -3.576  13.202  1.00 33.30  ? 75   TYR A CE2 1 
ATOM   621  C CZ  . TYR A 1 75  ? 6.610   -3.644  13.966  1.00 35.51  ? 75   TYR A CZ  1 
ATOM   622  O OH  . TYR A 1 75  ? 6.956   -4.866  14.466  1.00 39.29  ? 75   TYR A OH  1 
ATOM   623  N N   . ALA A 1 76  ? 5.524   -1.527  9.560   1.00 28.47  ? 76   ALA A N   1 
ATOM   624  C CA  . ALA A 1 76  ? 5.787   -2.838  8.903   1.00 27.07  ? 76   ALA A CA  1 
ATOM   625  C C   . ALA A 1 76  ? 6.688   -2.659  7.716   1.00 28.98  ? 76   ALA A C   1 
ATOM   626  O O   . ALA A 1 76  ? 7.665   -3.472  7.528   1.00 27.80  ? 76   ALA A O   1 
ATOM   627  C CB  . ALA A 1 76  ? 4.489   -3.614  8.494   1.00 27.54  ? 76   ALA A CB  1 
ATOM   628  N N   . PHE A 1 77  ? 6.420   -1.590  6.961   1.00 25.43  ? 77   PHE A N   1 
ATOM   629  C CA  . PHE A 1 77  ? 7.193   -1.288  5.761   1.00 30.10  ? 77   PHE A CA  1 
ATOM   630  C C   . PHE A 1 77  ? 8.642   -0.870  6.105   1.00 32.40  ? 77   PHE A C   1 
ATOM   631  O O   . PHE A 1 77  ? 9.636   -1.373  5.518   1.00 33.75  ? 77   PHE A O   1 
ATOM   632  C CB  . PHE A 1 77  ? 6.462   -0.206  4.987   1.00 30.06  ? 77   PHE A CB  1 
ATOM   633  C CG  . PHE A 1 77  ? 7.070   0.150   3.633   1.00 31.39  ? 77   PHE A CG  1 
ATOM   634  C CD1 . PHE A 1 77  ? 7.530   -0.797  2.780   1.00 36.50  ? 77   PHE A CD1 1 
ATOM   635  C CD2 . PHE A 1 77  ? 7.091   1.439   3.227   1.00 36.67  ? 77   PHE A CD2 1 
ATOM   636  C CE1 . PHE A 1 77  ? 8.037   -0.453  1.541   1.00 34.79  ? 77   PHE A CE1 1 
ATOM   637  C CE2 . PHE A 1 77  ? 7.547   1.786   1.967   1.00 40.52  ? 77   PHE A CE2 1 
ATOM   638  C CZ  . PHE A 1 77  ? 8.048   0.834   1.149   1.00 36.25  ? 77   PHE A CZ  1 
ATOM   639  N N   . THR A 1 78  ? 8.803   -0.007  7.089   1.00 30.01  ? 78   THR A N   1 
ATOM   640  C CA  . THR A 1 78  ? 10.160  0.349   7.508   1.00 30.88  ? 78   THR A CA  1 
ATOM   641  C C   . THR A 1 78  ? 10.851  -0.820  8.163   1.00 29.78  ? 78   THR A C   1 
ATOM   642  O O   . THR A 1 78  ? 12.048  -0.922  8.062   1.00 36.20  ? 78   THR A O   1 
ATOM   643  C CB  . THR A 1 78  ? 10.251  1.608   8.412   1.00 30.62  ? 78   THR A CB  1 
ATOM   644  O OG1 . THR A 1 78  ? 9.445   1.451   9.550   1.00 27.48  ? 78   THR A OG1 1 
ATOM   645  C CG2 . THR A 1 78  ? 9.841   2.831   7.669   1.00 32.20  ? 78   THR A CG2 1 
ATOM   646  N N   . GLN A 1 79  ? 10.123  -1.730  8.792   1.00 35.99  ? 79   GLN A N   1 
ATOM   647  C CA  . GLN A 1 79  ? 10.750  -2.892  9.388   1.00 34.26  ? 79   GLN A CA  1 
ATOM   648  C C   . GLN A 1 79  ? 11.306  -3.856  8.329   1.00 36.29  ? 79   GLN A C   1 
ATOM   649  O O   . GLN A 1 79  ? 12.394  -4.435  8.495   1.00 34.95  ? 79   GLN A O   1 
ATOM   650  C CB  . GLN A 1 79  ? 9.791   -3.670  10.260  1.00 36.68  ? 79   GLN A CB  1 
ATOM   651  C CG  . GLN A 1 79  ? 10.393  -4.966  10.779  1.00 40.67  ? 79   GLN A CG  1 
ATOM   652  C CD  . GLN A 1 79  ? 9.681   -5.509  11.973  1.00 48.38  ? 79   GLN A CD  1 
ATOM   653  O OE1 . GLN A 1 79  ? 9.522   -4.810  12.988  1.00 52.00  ? 79   GLN A OE1 1 
ATOM   654  N NE2 . GLN A 1 79  ? 9.205   -6.768  11.861  1.00 50.62  ? 79   GLN A NE2 1 
ATOM   655  N N   . ILE A 1 80  ? 10.515  -4.087  7.287   1.00 29.81  ? 80   ILE A N   1 
ATOM   656  C CA  . ILE A 1 80  ? 10.902  -5.005  6.233   1.00 29.93  ? 80   ILE A CA  1 
ATOM   657  C C   . ILE A 1 80  ? 12.142  -4.402  5.585   1.00 26.63  ? 80   ILE A C   1 
ATOM   658  O O   . ILE A 1 80  ? 13.122  -5.136  5.287   1.00 33.41  ? 80   ILE A O   1 
ATOM   659  C CB  . ILE A 1 80  ? 9.725   -5.272  5.210   1.00 28.69  ? 80   ILE A CB  1 
ATOM   660  C CG1 . ILE A 1 80  ? 8.715   -6.231  5.862   1.00 30.99  ? 80   ILE A CG1 1 
ATOM   661  C CG2 . ILE A 1 80  ? 10.299  -5.824  3.892   1.00 28.22  ? 80   ILE A CG2 1 
ATOM   662  C CD1 . ILE A 1 80  ? 7.389   -6.397  5.137   1.00 29.39  ? 80   ILE A CD1 1 
ATOM   663  N N   . LEU A 1 81  ? 12.132  -3.095  5.365   1.00 28.20  ? 81   LEU A N   1 
ATOM   664  C CA  . LEU A 1 81  ? 13.276  -2.446  4.754   1.00 29.00  ? 81   LEU A CA  1 
ATOM   665  C C   . LEU A 1 81  ? 14.538  -2.547  5.618   1.00 31.15  ? 81   LEU A C   1 
ATOM   666  O O   . LEU A 1 81  ? 15.654  -2.745  5.078   1.00 32.38  ? 81   LEU A O   1 
ATOM   667  C CB  . LEU A 1 81  ? 13.003  -1.019  4.342   1.00 27.78  ? 81   LEU A CB  1 
ATOM   668  C CG  . LEU A 1 81  ? 11.881  -0.838  3.249   1.00 28.55  ? 81   LEU A CG  1 
ATOM   669  C CD1 . LEU A 1 81  ? 11.631  0.652   3.113   1.00 26.91  ? 81   LEU A CD1 1 
ATOM   670  C CD2 . LEU A 1 81  ? 12.272  -1.474  1.914   1.00 28.95  ? 81   LEU A CD2 1 
ATOM   671  N N   . SER A 1 82  ? 14.377  -2.374  6.931   1.00 33.04  ? 82   SER A N   1 
ATOM   672  C CA  . SER A 1 82  ? 15.520  -2.529  7.890   1.00 32.34  ? 82   SER A CA  1 
ATOM   673  C C   . SER A 1 82  ? 16.123  -3.909  7.871   1.00 32.52  ? 82   SER A C   1 
ATOM   674  O O   . SER A 1 82  ? 17.332  -4.057  7.794   1.00 34.81  ? 82   SER A O   1 
ATOM   675  C CB  . SER A 1 82  ? 15.015  -2.264  9.328   1.00 31.86  ? 82   SER A CB  1 
ATOM   676  O OG  . SER A 1 82  ? 14.735  -0.879  9.357   1.00 34.93  ? 82   SER A OG  1 
ATOM   677  N N   . GLU A 1 83  ? 15.279  -4.931  7.987   1.00 30.60  ? 83   GLU A N   1 
ATOM   678  C CA  . GLU A 1 83  ? 15.735  -6.310  7.892   1.00 35.71  ? 83   GLU A CA  1 
ATOM   679  C C   . GLU A 1 83  ? 16.470  -6.605  6.566   1.00 38.45  ? 83   GLU A C   1 
ATOM   680  O O   . GLU A 1 83  ? 17.489  -7.305  6.537   1.00 35.26  ? 83   GLU A O   1 
ATOM   681  C CB  . GLU A 1 83  ? 14.583  -7.237  8.107   1.00 39.31  ? 83   GLU A CB  1 
ATOM   682  C CG  . GLU A 1 83  ? 14.263  -7.323  9.581   1.00 47.51  ? 83   GLU A CG  1 
ATOM   683  C CD  . GLU A 1 83  ? 13.004  -8.105  9.850   1.00 56.10  ? 83   GLU A CD  1 
ATOM   684  O OE1 . GLU A 1 83  ? 12.914  -9.262  9.369   1.00 53.73  ? 83   GLU A OE1 1 
ATOM   685  O OE2 . GLU A 1 83  ? 12.100  -7.552  10.533  1.00 71.01  ? 83   GLU A OE2 1 
ATOM   686  N N   . SER A 1 84  ? 15.999  -5.994  5.482   1.00 39.48  ? 84   SER A N   1 
ATOM   687  C CA  . SER A 1 84  ? 16.733  -5.997  4.218   1.00 39.08  ? 84   SER A CA  1 
ATOM   688  C C   . SER A 1 84  ? 17.956  -5.096  4.224   1.00 39.13  ? 84   SER A C   1 
ATOM   689  O O   . SER A 1 84  ? 18.711  -5.115  3.266   1.00 31.60  ? 84   SER A O   1 
ATOM   690  C CB  . SER A 1 84  ? 15.804  -5.592  3.095   1.00 37.59  ? 84   SER A CB  1 
ATOM   691  O OG  . SER A 1 84  ? 14.723  -6.543  3.082   1.00 38.59  ? 84   SER A OG  1 
ATOM   692  N N   . GLU A 1 85  ? 18.141  -4.296  5.275   1.00 35.27  ? 85   GLU A N   1 
ATOM   693  C CA  . GLU A 1 85  ? 19.311  -3.387  5.400   1.00 36.22  ? 85   GLU A CA  1 
ATOM   694  C C   . GLU A 1 85  ? 19.403  -2.348  4.300   1.00 32.22  ? 85   GLU A C   1 
ATOM   695  O O   . GLU A 1 85  ? 20.504  -1.894  3.878   1.00 34.14  ? 85   GLU A O   1 
ATOM   696  C CB  . GLU A 1 85  ? 20.629  -4.217  5.508   1.00 39.15  ? 85   GLU A CB  1 
ATOM   697  C CG  . GLU A 1 85  ? 20.463  -5.298  6.583   1.00 41.20  ? 85   GLU A CG  1 
ATOM   698  C CD  . GLU A 1 85  ? 21.721  -6.076  6.832   1.00 46.64  ? 85   GLU A CD  1 
ATOM   699  O OE1 . GLU A 1 85  ? 22.636  -5.919  6.031   1.00 44.31  ? 85   GLU A OE1 1 
ATOM   700  O OE2 . GLU A 1 85  ? 21.794  -6.803  7.831   1.00 48.09  ? 85   GLU A OE2 1 
ATOM   701  N N   . VAL A 1 86  ? 18.253  -1.894  3.814   1.00 31.85  ? 86   VAL A N   1 
ATOM   702  C CA  . VAL A 1 86  ? 18.263  -0.836  2.809   1.00 28.50  ? 86   VAL A CA  1 
ATOM   703  C C   . VAL A 1 86  ? 17.472  0.438   3.221   1.00 30.07  ? 86   VAL A C   1 
ATOM   704  O O   . VAL A 1 86  ? 17.220  1.284   2.424   1.00 27.01  ? 86   VAL A O   1 
ATOM   705  C CB  . VAL A 1 86  ? 17.694  -1.415  1.485   1.00 35.01  ? 86   VAL A CB  1 
ATOM   706  C CG1 . VAL A 1 86  ? 16.242  -1.838  1.654   1.00 29.45  ? 86   VAL A CG1 1 
ATOM   707  C CG2 . VAL A 1 86  ? 17.827  -0.421  0.376   1.00 41.22  ? 86   VAL A CG2 1 
ATOM   708  N N   . LEU A 1 87  ? 17.003  0.530   4.451   1.00 29.37  ? 87   LEU A N   1 
ATOM   709  C CA  . LEU A 1 87  ? 16.088  1.660   4.767   1.00 27.38  ? 87   LEU A CA  1 
ATOM   710  C C   . LEU A 1 87  ? 16.641  3.047   4.482   1.00 27.16  ? 87   LEU A C   1 
ATOM   711  O O   . LEU A 1 87  ? 15.977  3.954   3.885   1.00 25.36  ? 87   LEU A O   1 
ATOM   712  C CB  . LEU A 1 87  ? 15.633  1.544   6.196   1.00 27.24  ? 87   LEU A CB  1 
ATOM   713  C CG  . LEU A 1 87  ? 14.650  2.638   6.657   1.00 31.92  ? 87   LEU A CG  1 
ATOM   714  C CD1 . LEU A 1 87  ? 13.385  2.633   5.787   1.00 28.87  ? 87   LEU A CD1 1 
ATOM   715  C CD2 . LEU A 1 87  ? 14.324  2.277   8.078   1.00 29.68  ? 87   LEU A CD2 1 
ATOM   716  N N   . HIS A 1 88  ? 17.904  3.277   4.852   1.00 27.93  ? 88   HIS A N   1 
ATOM   717  C CA  . HIS A 1 88  ? 18.488  4.593   4.567   1.00 26.95  ? 88   HIS A CA  1 
ATOM   718  C C   . HIS A 1 88  ? 18.508  4.959   3.096   1.00 29.71  ? 88   HIS A C   1 
ATOM   719  O O   . HIS A 1 88  ? 18.220  6.082   2.737   1.00 29.23  ? 88   HIS A O   1 
ATOM   720  C CB  . HIS A 1 88  ? 19.921  4.667   5.154   1.00 29.48  ? 88   HIS A CB  1 
ATOM   721  C CG  . HIS A 1 88  ? 20.649  5.940   4.810   1.00 26.40  ? 88   HIS A CG  1 
ATOM   722  N ND1 . HIS A 1 88  ? 20.741  6.972   5.662   1.00 27.83  ? 88   HIS A ND1 1 
ATOM   723  C CD2 . HIS A 1 88  ? 21.361  6.316   3.647   1.00 29.61  ? 88   HIS A CD2 1 
ATOM   724  C CE1 . HIS A 1 88  ? 21.450  7.977   5.100   1.00 28.22  ? 88   HIS A CE1 1 
ATOM   725  N NE2 . HIS A 1 88  ? 21.830  7.578   3.849   1.00 28.63  ? 88   HIS A NE2 1 
ATOM   726  N N   . GLU A 1 89  ? 18.868  4.013   2.231   1.00 28.58  ? 89   GLU A N   1 
ATOM   727  C CA  . GLU A 1 89  ? 18.943  4.299   0.774   1.00 32.79  ? 89   GLU A CA  1 
ATOM   728  C C   . GLU A 1 89  ? 17.492  4.596   0.258   1.00 31.15  ? 89   GLU A C   1 
ATOM   729  O O   . GLU A 1 89  ? 17.265  5.591   -0.449  1.00 33.19  ? 89   GLU A O   1 
ATOM   730  C CB  . GLU A 1 89  ? 19.546  3.079   0.003   1.00 36.94  ? 89   GLU A CB  1 
ATOM   731  C CG  . GLU A 1 89  ? 19.776  3.288   -1.518  1.00 46.93  ? 89   GLU A CG  1 
ATOM   732  C CD  . GLU A 1 89  ? 20.402  4.650   -1.888  1.00 55.61  ? 89   GLU A CD  1 
ATOM   733  O OE1 . GLU A 1 89  ? 21.563  4.920   -1.518  1.00 63.19  ? 89   GLU A OE1 1 
ATOM   734  O OE2 . GLU A 1 89  ? 19.747  5.473   -2.566  1.00 68.12  ? 89   GLU A OE2 1 
ATOM   735  N N   . VAL A 1 90  ? 16.541  3.778   0.712   1.00 29.54  ? 90   VAL A N   1 
ATOM   736  C CA  . VAL A 1 90  ? 15.120  3.975   0.268   1.00 30.55  ? 90   VAL A CA  1 
ATOM   737  C C   . VAL A 1 90  ? 14.604  5.353   0.703   1.00 32.22  ? 90   VAL A C   1 
ATOM   738  O O   . VAL A 1 90  ? 13.986  6.055   -0.102  1.00 34.20  ? 90   VAL A O   1 
ATOM   739  C CB  . VAL A 1 90  ? 14.230  2.792   0.721   1.00 30.45  ? 90   VAL A CB  1 
ATOM   740  C CG1 . VAL A 1 90  ? 12.739  3.028   0.402   1.00 35.30  ? 90   VAL A CG1 1 
ATOM   741  C CG2 . VAL A 1 90  ? 14.740  1.514   0.087   1.00 28.53  ? 90   VAL A CG2 1 
ATOM   742  N N   . GLN A 1 91  ? 14.872  5.764   1.952   1.00 32.27  ? 91   GLN A N   1 
ATOM   743  C CA  . GLN A 1 91  ? 14.479  7.123   2.415   1.00 37.60  ? 91   GLN A CA  1 
ATOM   744  C C   . GLN A 1 91  ? 15.162  8.271   1.670   1.00 38.56  ? 91   GLN A C   1 
ATOM   745  O O   . GLN A 1 91  ? 14.579  9.348   1.485   1.00 34.47  ? 91   GLN A O   1 
ATOM   746  C CB  . GLN A 1 91  ? 14.601  7.302   3.943   1.00 35.94  ? 91   GLN A CB  1 
ATOM   747  C CG  . GLN A 1 91  ? 13.784  6.268   4.706   1.00 37.83  ? 91   GLN A CG  1 
ATOM   748  C CD  . GLN A 1 91  ? 13.869  6.383   6.240   1.00 42.71  ? 91   GLN A CD  1 
ATOM   749  O OE1 . GLN A 1 91  ? 12.860  6.283   6.928   1.00 47.08  ? 91   GLN A OE1 1 
ATOM   750  N NE2 . GLN A 1 91  ? 15.064  6.579   6.766   1.00 41.16  ? 91   GLN A NE2 1 
ATOM   751  N N   . LYS A 1 92  ? 16.387  8.034   1.216   1.00 39.13  ? 92   LYS A N   1 
ATOM   752  C CA  . LYS A 1 92  ? 17.154  9.057   0.485   1.00 38.22  ? 92   LYS A CA  1 
ATOM   753  C C   . LYS A 1 92  ? 16.546  9.225   -0.895  1.00 35.21  ? 92   LYS A C   1 
ATOM   754  O O   . LYS A 1 92  ? 16.228  10.314  -1.317  1.00 36.57  ? 92   LYS A O   1 
ATOM   755  C CB  . LYS A 1 92  ? 18.620  8.608   0.353   1.00 40.88  ? 92   LYS A CB  1 
ATOM   756  C CG  . LYS A 1 92  ? 19.529  9.579   -0.421  1.00 41.99  ? 92   LYS A CG  1 
ATOM   757  C CD  . LYS A 1 92  ? 20.757  8.839   -0.943  1.00 45.78  ? 92   LYS A CD  1 
ATOM   758  C CE  . LYS A 1 92  ? 21.662  9.755   -1.768  1.00 49.61  ? 92   LYS A CE  1 
ATOM   759  N NZ  . LYS A 1 92  ? 21.388  9.637   -3.233  1.00 57.54  ? 92   LYS A NZ  1 
ATOM   760  N N   . ARG A 1 93  ? 16.364  8.091   -1.558  1.00 42.21  ? 93   ARG A N   1 
ATOM   761  C CA  . ARG A 1 93  ? 15.672  8.002   -2.859  1.00 44.02  ? 93   ARG A CA  1 
ATOM   762  C C   . ARG A 1 93  ? 14.252  8.555   -2.771  1.00 45.01  ? 93   ARG A C   1 
ATOM   763  O O   . ARG A 1 93  ? 13.802  9.174   -3.723  1.00 43.51  ? 93   ARG A O   1 
ATOM   764  C CB  . ARG A 1 93  ? 15.625  6.542   -3.314  1.00 47.88  ? 93   ARG A CB  1 
ATOM   765  C CG  . ARG A 1 93  ? 15.836  6.305   -4.799  1.00 61.03  ? 93   ARG A CG  1 
ATOM   766  C CD  . ARG A 1 93  ? 17.320  6.123   -5.143  1.00 68.18  ? 93   ARG A CD  1 
ATOM   767  N NE  . ARG A 1 93  ? 17.536  4.987   -6.056  1.00 75.70  ? 93   ARG A NE  1 
ATOM   768  C CZ  . ARG A 1 93  ? 17.796  3.732   -5.682  1.00 70.36  ? 93   ARG A CZ  1 
ATOM   769  N NH1 . ARG A 1 93  ? 17.901  3.404   -4.402  1.00 67.77  ? 93   ARG A NH1 1 
ATOM   770  N NH2 . ARG A 1 93  ? 17.970  2.794   -6.603  1.00 70.43  ? 93   ARG A NH2 1 
ATOM   771  N N   . ALA A 1 94  ? 13.537  8.325   -1.650  1.00 43.01  ? 94   ALA A N   1 
ATOM   772  C CA  . ALA A 1 94  ? 12.175  8.918   -1.475  1.00 43.82  ? 94   ALA A CA  1 
ATOM   773  C C   . ALA A 1 94  ? 12.195  10.444  -1.355  1.00 46.00  ? 94   ALA A C   1 
ATOM   774  O O   . ALA A 1 94  ? 11.304  11.123  -1.893  1.00 48.51  ? 94   ALA A O   1 
ATOM   775  C CB  . ALA A 1 94  ? 11.424  8.319   -0.288  1.00 37.88  ? 94   ALA A CB  1 
ATOM   776  N N   . GLU A 1 95  ? 13.191  10.994  -0.669  1.00 46.04  ? 95   GLU A N   1 
ATOM   777  C CA  . GLU A 1 95  ? 13.334  12.464  -0.569  1.00 50.05  ? 95   GLU A CA  1 
ATOM   778  C C   . GLU A 1 95  ? 13.736  13.054  -1.945  1.00 54.49  ? 95   GLU A C   1 
ATOM   779  O O   . GLU A 1 95  ? 13.285  14.133  -2.340  1.00 55.91  ? 95   GLU A O   1 
ATOM   780  C CB  . GLU A 1 95  ? 14.351  12.815  0.518   1.00 56.34  ? 95   GLU A CB  1 
ATOM   781  C CG  . GLU A 1 95  ? 14.534  14.291  0.794   1.00 63.57  ? 95   GLU A CG  1 
ATOM   782  C CD  . GLU A 1 95  ? 13.280  14.993  1.283   1.00 73.95  ? 95   GLU A CD  1 
ATOM   783  O OE1 . GLU A 1 95  ? 12.194  14.380  1.307   1.00 84.35  ? 95   GLU A OE1 1 
ATOM   784  O OE2 . GLU A 1 95  ? 13.379  16.182  1.650   1.00 78.05  ? 95   GLU A OE2 1 
ATOM   785  N N   . GLU A 1 96  ? 14.551  12.303  -2.683  1.00 51.75  ? 96   GLU A N   1 
ATOM   786  C CA  . GLU A 1 96  ? 14.872  12.632  -4.062  1.00 56.93  ? 96   GLU A CA  1 
ATOM   787  C C   . GLU A 1 96  ? 13.586  12.690  -4.905  1.00 54.94  ? 96   GLU A C   1 
ATOM   788  O O   . GLU A 1 96  ? 13.354  13.663  -5.626  1.00 51.55  ? 96   GLU A O   1 
ATOM   789  C CB  . GLU A 1 96  ? 15.850  11.596  -4.660  1.00 63.76  ? 96   GLU A CB  1 
ATOM   790  C CG  . GLU A 1 96  ? 17.291  12.072  -4.749  1.00 61.78  ? 96   GLU A CG  1 
ATOM   791  C CD  . GLU A 1 96  ? 18.308  10.950  -4.608  1.00 68.28  ? 96   GLU A CD  1 
ATOM   792  O OE1 . GLU A 1 96  ? 18.220  9.938   -5.356  1.00 74.24  ? 96   GLU A OE1 1 
ATOM   793  O OE2 . GLU A 1 96  ? 19.212  11.102  -3.744  1.00 67.98  ? 96   GLU A OE2 1 
ATOM   794  N N   . LEU A 1 97  ? 12.759  11.650  -4.794  1.00 50.86  ? 97   LEU A N   1 
ATOM   795  C CA  . LEU A 1 97  ? 11.500  11.557  -5.545  1.00 47.19  ? 97   LEU A CA  1 
ATOM   796  C C   . LEU A 1 97  ? 10.607  12.773  -5.244  1.00 53.53  ? 97   LEU A C   1 
ATOM   797  O O   . LEU A 1 97  ? 9.859   13.218  -6.138  1.00 56.52  ? 97   LEU A O   1 
ATOM   798  C CB  . LEU A 1 97  ? 10.779  10.219  -5.301  1.00 43.62  ? 97   LEU A CB  1 
ATOM   799  C CG  . LEU A 1 97  ? 11.386  8.946   -5.941  1.00 45.86  ? 97   LEU A CG  1 
ATOM   800  C CD1 . LEU A 1 97  ? 10.656  7.617   -5.644  1.00 38.15  ? 97   LEU A CD1 1 
ATOM   801  C CD2 . LEU A 1 97  ? 11.580  9.090   -7.449  1.00 48.66  ? 97   LEU A CD2 1 
ATOM   802  N N   . LYS A 1 98  ? 10.738  13.377  -4.061  1.00 57.75  ? 98   LYS A N   1 
ATOM   803  C CA  . LYS A 1 98  ? 9.872   14.518  -3.718  1.00 59.36  ? 98   LYS A CA  1 
ATOM   804  C C   . LYS A 1 98  ? 9.938   15.711  -4.669  1.00 61.46  ? 98   LYS A C   1 
ATOM   805  O O   . LYS A 1 98  ? 8.979   15.956  -5.426  1.00 65.92  ? 98   LYS A O   1 
ATOM   806  C CB  . LYS A 1 98  ? 10.093  14.999  -2.295  1.00 60.23  ? 98   LYS A CB  1 
ATOM   807  C CG  . LYS A 1 98  ? 9.096   16.070  -1.892  1.00 57.50  ? 98   LYS A CG  1 
ATOM   808  C CD  . LYS A 1 98  ? 9.353   16.556  -0.488  1.00 54.95  ? 98   LYS A CD  1 
ATOM   809  C CE  . LYS A 1 98  ? 8.892   15.569  0.570   1.00 55.78  ? 98   LYS A CE  1 
ATOM   810  N NZ  . LYS A 1 98  ? 8.749   16.291  1.870   1.00 54.92  ? 98   LYS A NZ  1 
ATOM   811  N N   . ALA A 1 99  ? 11.030  16.472  -4.637  1.00 64.95  ? 99   ALA A N   1 
ATOM   812  C CA  . ALA A 1 99  ? 11.141  17.612  -5.554  1.00 62.63  ? 99   ALA A CA  1 
ATOM   813  C C   . ALA A 1 99  ? 11.322  17.135  -7.033  1.00 61.71  ? 99   ALA A C   1 
ATOM   814  O O   . ALA A 1 99  ? 11.185  17.935  -7.938  1.00 70.50  ? 99   ALA A O   1 
ATOM   815  C CB  . ALA A 1 99  ? 12.231  18.590  -5.099  1.00 64.17  ? 99   ALA A CB  1 
ATOM   816  N N   . LYS A 1 100 ? 11.574  15.835  -7.274  1.00 60.65  ? 100  LYS A N   1 
ATOM   817  C CA  . LYS A 1 100 ? 11.490  15.221  -8.624  1.00 52.90  ? 100  LYS A CA  1 
ATOM   818  N N   . VAL B 1 13  ? 12.800  -17.642 3.206   1.00 59.72  ? 13   VAL B N   1 
ATOM   819  C CA  . VAL B 1 13  ? 14.254  -17.306 3.375   1.00 64.19  ? 13   VAL B CA  1 
ATOM   820  C C   . VAL B 1 13  ? 14.336  -15.798 3.596   1.00 60.28  ? 13   VAL B C   1 
ATOM   821  O O   . VAL B 1 13  ? 14.711  -15.321 4.674   1.00 67.08  ? 13   VAL B O   1 
ATOM   822  C CB  . VAL B 1 13  ? 15.113  -17.696 2.122   1.00 67.65  ? 13   VAL B CB  1 
ATOM   823  C CG1 . VAL B 1 13  ? 16.541  -17.143 2.239   1.00 66.95  ? 13   VAL B CG1 1 
ATOM   824  C CG2 . VAL B 1 13  ? 15.110  -19.206 1.867   1.00 62.56  ? 13   VAL B CG2 1 
ATOM   825  N N   . ASP B 1 14  ? 13.972  -15.044 2.563   1.00 59.80  ? 14   ASP B N   1 
ATOM   826  C CA  . ASP B 1 14  ? 13.776  -13.601 2.698   1.00 55.59  ? 14   ASP B CA  1 
ATOM   827  C C   . ASP B 1 14  ? 12.283  -13.305 2.800   1.00 48.80  ? 14   ASP B C   1 
ATOM   828  O O   . ASP B 1 14  ? 11.878  -12.174 2.606   1.00 50.70  ? 14   ASP B O   1 
ATOM   829  C CB  . ASP B 1 14  ? 14.403  -12.848 1.508   1.00 55.68  ? 14   ASP B CB  1 
ATOM   830  C CG  . ASP B 1 14  ? 15.906  -13.096 1.364   1.00 57.11  ? 14   ASP B CG  1 
ATOM   831  O OD1 . ASP B 1 14  ? 16.587  -13.329 2.392   1.00 55.34  ? 14   ASP B OD1 1 
ATOM   832  O OD2 . ASP B 1 14  ? 16.402  -13.051 0.213   1.00 56.04  ? 14   ASP B OD2 1 
ATOM   833  N N   . ASP B 1 15  ? 11.457  -14.304 3.120   1.00 47.68  ? 15   ASP B N   1 
ATOM   834  C CA  . ASP B 1 15  ? 10.009  -14.054 3.148   1.00 50.35  ? 15   ASP B CA  1 
ATOM   835  C C   . ASP B 1 15  ? 9.598   -13.265 4.384   1.00 48.09  ? 15   ASP B C   1 
ATOM   836  O O   . ASP B 1 15  ? 10.152  -13.443 5.444   1.00 43.57  ? 15   ASP B O   1 
ATOM   837  C CB  . ASP B 1 15  ? 9.175   -15.329 3.085   1.00 48.14  ? 15   ASP B CB  1 
ATOM   838  C CG  . ASP B 1 15  ? 9.289   -16.032 1.747   1.00 47.81  ? 15   ASP B CG  1 
ATOM   839  O OD1 . ASP B 1 15  ? 9.989   -15.544 0.821   1.00 54.66  ? 15   ASP B OD1 1 
ATOM   840  O OD2 . ASP B 1 15  ? 8.658   -17.088 1.644   1.00 49.89  ? 15   ASP B OD2 1 
ATOM   841  N N   . GLN B 1 16  ? 8.607   -12.398 4.201   1.00 45.55  ? 16   GLN B N   1 
ATOM   842  C CA  . GLN B 1 16  ? 8.025   -11.581 5.271   1.00 41.90  ? 16   GLN B CA  1 
ATOM   843  C C   . GLN B 1 16  ? 6.536   -11.641 5.101   1.00 38.62  ? 16   GLN B C   1 
ATOM   844  O O   . GLN B 1 16  ? 6.047   -11.721 3.973   1.00 38.35  ? 16   GLN B O   1 
ATOM   845  C CB  . GLN B 1 16  ? 8.453   -10.151 5.093   1.00 41.93  ? 16   GLN B CB  1 
ATOM   846  C CG  . GLN B 1 16  ? 9.956   -9.946  5.113   1.00 44.03  ? 16   GLN B CG  1 
ATOM   847  C CD  . GLN B 1 16  ? 10.469  -9.706  6.501   1.00 48.56  ? 16   GLN B CD  1 
ATOM   848  O OE1 . GLN B 1 16  ? 9.799   -10.061 7.481   1.00 43.71  ? 16   GLN B OE1 1 
ATOM   849  N NE2 . GLN B 1 16  ? 11.653  -9.084  6.604   1.00 45.98  ? 16   GLN B NE2 1 
ATOM   850  N N   . SER B 1 17  ? 5.806   -11.613 6.199   1.00 39.63  ? 17   SER B N   1 
ATOM   851  C CA  . SER B 1 17  ? 4.384   -11.348 6.118   1.00 35.58  ? 17   SER B CA  1 
ATOM   852  C C   . SER B 1 17  ? 3.989   -10.651 7.390   1.00 35.99  ? 17   SER B C   1 
ATOM   853  O O   . SER B 1 17  ? 4.111   -11.222 8.454   1.00 31.94  ? 17   SER B O   1 
ATOM   854  C CB  . SER B 1 17  ? 3.597   -12.654 5.930   1.00 34.39  ? 17   SER B CB  1 
ATOM   855  O OG  . SER B 1 17  ? 2.209   -12.396 5.796   1.00 35.26  ? 17   SER B OG  1 
ATOM   856  N N   . ILE B 1 18  ? 3.545   -9.402  7.292   1.00 30.60  ? 18   ILE B N   1 
ATOM   857  C CA  . ILE B 1 18  ? 3.104   -8.637  8.462   1.00 30.61  ? 18   ILE B CA  1 
ATOM   858  C C   . ILE B 1 18  ? 1.650   -8.193  8.254   1.00 28.87  ? 18   ILE B C   1 
ATOM   859  O O   . ILE B 1 18  ? 1.324   -7.696  7.199   1.00 27.24  ? 18   ILE B O   1 
ATOM   860  C CB  . ILE B 1 18  ? 3.998   -7.397  8.627   1.00 29.77  ? 18   ILE B CB  1 
ATOM   861  C CG1 . ILE B 1 18  ? 5.489   -7.854  8.751   1.00 30.33  ? 18   ILE B CG1 1 
ATOM   862  C CG2 . ILE B 1 18  ? 3.524   -6.563  9.855   1.00 29.03  ? 18   ILE B CG2 1 
ATOM   863  C CD1 . ILE B 1 18  ? 6.476   -6.690  8.804   1.00 27.84  ? 18   ILE B CD1 1 
ATOM   864  N N   . ILE B 1 19  ? 0.798   -8.407  9.238   1.00 30.05  ? 19   ILE B N   1 
ATOM   865  C CA  . ILE B 1 19  ? -0.599  -7.990  9.174   1.00 30.62  ? 19   ILE B CA  1 
ATOM   866  C C   . ILE B 1 19  ? -0.722  -6.470  9.320   1.00 32.08  ? 19   ILE B C   1 
ATOM   867  O O   . ILE B 1 19  ? -0.196  -5.869  10.268  1.00 29.99  ? 19   ILE B O   1 
ATOM   868  C CB  . ILE B 1 19  ? -1.441  -8.745  10.216  1.00 32.96  ? 19   ILE B CB  1 
ATOM   869  C CG1 . ILE B 1 19  ? -1.413  -10.252 9.888   1.00 35.38  ? 19   ILE B CG1 1 
ATOM   870  C CG2 . ILE B 1 19  ? -2.882  -8.235  10.196  1.00 30.05  ? 19   ILE B CG2 1 
ATOM   871  C CD1 . ILE B 1 19  ? -1.521  -11.251 11.051  1.00 38.42  ? 19   ILE B CD1 1 
ATOM   872  N N   . LEU B 1 20  ? -1.385  -5.838  8.367   1.00 27.43  ? 20   LEU B N   1 
ATOM   873  C CA  . LEU B 1 20  ? -1.627  -4.346  8.382   1.00 28.72  ? 20   LEU B CA  1 
ATOM   874  C C   . LEU B 1 20  ? -2.962  -3.999  9.013   1.00 29.07  ? 20   LEU B C   1 
ATOM   875  O O   . LEU B 1 20  ? -3.174  -2.882  9.536   1.00 28.59  ? 20   LEU B O   1 
ATOM   876  C CB  . LEU B 1 20  ? -1.607  -3.765  6.978   1.00 25.88  ? 20   LEU B CB  1 
ATOM   877  C CG  . LEU B 1 20  ? -0.306  -3.900  6.199   1.00 26.76  ? 20   LEU B CG  1 
ATOM   878  C CD1 . LEU B 1 20  ? -0.371  -3.152  4.884   1.00 26.84  ? 20   LEU B CD1 1 
ATOM   879  C CD2 . LEU B 1 20  ? 0.827   -3.366  7.097   1.00 27.22  ? 20   LEU B CD2 1 
ATOM   880  N N   . TRP B 1 21  ? -3.878  -4.931  8.905   1.00 29.26  ? 21   TRP B N   1 
ATOM   881  C CA  . TRP B 1 21  ? -5.236  -4.714  9.328   1.00 32.75  ? 21   TRP B CA  1 
ATOM   882  C C   . TRP B 1 21  ? -5.939  -6.037  9.331   1.00 30.62  ? 21   TRP B C   1 
ATOM   883  O O   . TRP B 1 21  ? -5.640  -6.889  8.499   1.00 26.62  ? 21   TRP B O   1 
ATOM   884  C CB  . TRP B 1 21  ? -5.884  -3.774  8.351   1.00 27.90  ? 21   TRP B CB  1 
ATOM   885  C CG  . TRP B 1 21  ? -7.351  -3.608  8.571   1.00 29.12  ? 21   TRP B CG  1 
ATOM   886  C CD1 . TRP B 1 21  ? -7.977  -2.607  9.307   1.00 30.81  ? 21   TRP B CD1 1 
ATOM   887  C CD2 . TRP B 1 21  ? -8.413  -4.467  8.125   1.00 28.83  ? 21   TRP B CD2 1 
ATOM   888  N NE1 . TRP B 1 21  ? -9.327  -2.776  9.293   1.00 32.72  ? 21   TRP B NE1 1 
ATOM   889  C CE2 . TRP B 1 21  ? -9.651  -3.866  8.602   1.00 33.19  ? 21   TRP B CE2 1 
ATOM   890  C CE3 . TRP B 1 21  ? -8.476  -5.633  7.385   1.00 34.20  ? 21   TRP B CE3 1 
ATOM   891  C CZ2 . TRP B 1 21  ? -10.876 -4.415  8.332   1.00 37.41  ? 21   TRP B CZ2 1 
ATOM   892  C CZ3 . TRP B 1 21  ? -9.721  -6.168  7.108   1.00 41.24  ? 21   TRP B CZ3 1 
ATOM   893  C CH2 . TRP B 1 21  ? -10.894 -5.581  7.585   1.00 34.03  ? 21   TRP B CH2 1 
ATOM   894  N N   . GLU B 1 22  ? -6.870  -6.247  10.272  1.00 32.35  ? 22   GLU B N   1 
ATOM   895  C CA  . GLU B 1 22  ? -7.649  -7.479  10.302  1.00 33.82  ? 22   GLU B CA  1 
ATOM   896  C C   . GLU B 1 22  ? -8.889  -7.416  11.137  1.00 33.19  ? 22   GLU B C   1 
ATOM   897  O O   . GLU B 1 22  ? -8.986  -6.639  12.102  1.00 36.79  ? 22   GLU B O   1 
ATOM   898  C CB  . GLU B 1 22  ? -6.825  -8.668  10.820  1.00 38.39  ? 22   GLU B CB  1 
ATOM   899  C CG  . GLU B 1 22  ? -6.277  -8.499  12.227  1.00 45.10  ? 22   GLU B CG  1 
ATOM   900  C CD  . GLU B 1 22  ? -5.506  -9.723  12.719  1.00 47.48  ? 22   GLU B CD  1 
ATOM   901  O OE1 . GLU B 1 22  ? -5.840  -10.877 12.352  1.00 46.89  ? 22   GLU B OE1 1 
ATOM   902  O OE2 . GLU B 1 22  ? -4.560  -9.501  13.483  1.00 45.90  ? 22   GLU B OE2 1 
ATOM   903  N N   . LYS B 1 23  ? -9.791  -8.283  10.775  1.00 33.39  ? 23   LYS B N   1 
ATOM   904  C CA  . LYS B 1 23  ? -11.031 -8.553  11.488  1.00 39.03  ? 23   LYS B CA  1 
ATOM   905  C C   . LYS B 1 23  ? -11.131 -10.034 11.398  1.00 36.18  ? 23   LYS B C   1 
ATOM   906  O O   . LYS B 1 23  ? -10.293 -10.662 10.747  1.00 35.44  ? 23   LYS B O   1 
ATOM   907  C CB  . LYS B 1 23  ? -12.260 -7.930  10.769  1.00 41.44  ? 23   LYS B CB  1 
ATOM   908  C CG  . LYS B 1 23  ? -12.444 -6.450  10.986  1.00 46.82  ? 23   LYS B CG  1 
ATOM   909  C CD  . LYS B 1 23  ? -13.875 -5.959  10.683  1.00 48.34  ? 23   LYS B CD  1 
ATOM   910  C CE  . LYS B 1 23  ? -14.337 -6.310  9.278   1.00 45.94  ? 23   LYS B CE  1 
ATOM   911  N NZ  . LYS B 1 23  ? -15.505 -5.482  8.877   1.00 43.91  ? 23   LYS B NZ  1 
ATOM   912  N N   . GLU B 1 24  ? -12.180 -10.608 11.994  1.00 44.84  ? 24   GLU B N   1 
ATOM   913  C CA  . GLU B 1 24  ? -12.401 -12.071 11.914  1.00 42.43  ? 24   GLU B CA  1 
ATOM   914  C C   . GLU B 1 24  ? -12.561 -12.556 10.467  1.00 40.72  ? 24   GLU B C   1 
ATOM   915  O O   . GLU B 1 24  ? -13.406 -12.065 9.749   1.00 43.41  ? 24   GLU B O   1 
ATOM   916  C CB  . GLU B 1 24  ? -13.641 -12.513 12.745  1.00 48.58  ? 24   GLU B CB  1 
ATOM   917  C CG  . GLU B 1 24  ? -13.661 -14.037 12.867  1.00 51.54  ? 24   GLU B CG  1 
ATOM   918  C CD  . GLU B 1 24  ? -14.787 -14.615 13.714  1.00 56.21  ? 24   GLU B CD  1 
ATOM   919  O OE1 . GLU B 1 24  ? -15.687 -13.840 14.112  1.00 53.37  ? 24   GLU B OE1 1 
ATOM   920  O OE2 . GLU B 1 24  ? -14.758 -15.856 13.956  1.00 57.00  ? 24   GLU B OE2 1 
ATOM   921  N N   . GLY B 1 25  ? -11.727 -13.487 10.042  1.00 39.40  ? 25   GLY B N   1 
ATOM   922  C CA  . GLY B 1 25  ? -11.770 -13.983 8.668   1.00 42.45  ? 25   GLY B CA  1 
ATOM   923  C C   . GLY B 1 25  ? -11.217 -13.126 7.537   1.00 36.24  ? 25   GLY B C   1 
ATOM   924  O O   . GLY B 1 25  ? -11.255 -13.552 6.382   1.00 35.23  ? 25   GLY B O   1 
ATOM   925  N N   . GLU B 1 26  ? -10.676 -11.949 7.850   1.00 32.12  ? 26   GLU B N   1 
ATOM   926  C CA  . GLU B 1 26  ? -10.116 -11.052 6.843   1.00 34.00  ? 26   GLU B CA  1 
ATOM   927  C C   . GLU B 1 26  ? -8.801  -10.429 7.316   1.00 30.23  ? 26   GLU B C   1 
ATOM   928  O O   . GLU B 1 26  ? -8.725  -9.957  8.450   1.00 29.53  ? 26   GLU B O   1 
ATOM   929  C CB  . GLU B 1 26  ? -11.099 -9.916  6.574   1.00 37.61  ? 26   GLU B CB  1 
ATOM   930  C CG  . GLU B 1 26  ? -12.536 -10.351 6.435   1.00 44.13  ? 26   GLU B CG  1 
ATOM   931  C CD  . GLU B 1 26  ? -13.474 -9.187  6.216   1.00 44.10  ? 26   GLU B CD  1 
ATOM   932  O OE1 . GLU B 1 26  ? -13.154 -8.260  5.437   1.00 42.70  ? 26   GLU B OE1 1 
ATOM   933  O OE2 . GLU B 1 26  ? -14.552 -9.227  6.842   1.00 46.53  ? 26   GLU B OE2 1 
ATOM   934  N N   . GLN B 1 27  ? -7.790  -10.393 6.460   1.00 27.16  ? 27   GLN B N   1 
ATOM   935  C CA  . GLN B 1 27  ? -6.604  -9.688  6.757   1.00 26.20  ? 27   GLN B CA  1 
ATOM   936  C C   . GLN B 1 27  ? -6.040  -8.966  5.538   1.00 27.85  ? 27   GLN B C   1 
ATOM   937  O O   . GLN B 1 27  ? -6.173  -9.430  4.425   1.00 29.77  ? 27   GLN B O   1 
ATOM   938  C CB  . GLN B 1 27  ? -5.515  -10.649 7.220   1.00 26.82  ? 27   GLN B CB  1 
ATOM   939  C CG  . GLN B 1 27  ? -5.735  -11.433 8.493   1.00 31.59  ? 27   GLN B CG  1 
ATOM   940  C CD  . GLN B 1 27  ? -4.756  -12.617 8.632   1.00 30.37  ? 27   GLN B CD  1 
ATOM   941  O OE1 . GLN B 1 27  ? -3.978  -12.914 7.725   1.00 35.64  ? 27   GLN B OE1 1 
ATOM   942  N NE2 . GLN B 1 27  ? -4.775  -13.261 9.777   1.00 31.19  ? 27   GLN B NE2 1 
ATOM   943  N N   . VAL B 1 28  ? -5.360  -7.853  5.765   1.00 25.28  ? 28   VAL B N   1 
ATOM   944  C CA  . VAL B 1 28  ? -4.566  -7.201  4.732   1.00 26.42  ? 28   VAL B CA  1 
ATOM   945  C C   . VAL B 1 28  ? -3.118  -7.406  5.165   1.00 29.17  ? 28   VAL B C   1 
ATOM   946  O O   . VAL B 1 28  ? -2.765  -7.053  6.299   1.00 33.19  ? 28   VAL B O   1 
ATOM   947  C CB  . VAL B 1 28  ? -4.867  -5.705  4.534   1.00 27.52  ? 28   VAL B CB  1 
ATOM   948  C CG1 . VAL B 1 28  ? -3.799  -5.121  3.615   1.00 26.56  ? 28   VAL B CG1 1 
ATOM   949  C CG2 . VAL B 1 28  ? -6.338  -5.497  4.056   1.00 28.76  ? 28   VAL B CG2 1 
ATOM   950  N N   . ARG B 1 29  ? -2.317  -8.030  4.310   1.00 27.69  ? 29   ARG B N   1 
ATOM   951  C CA  . ARG B 1 29  ? -0.948  -8.390  4.635   1.00 28.40  ? 29   ARG B CA  1 
ATOM   952  C C   . ARG B 1 29  ? 0.059   -7.658  3.738   1.00 29.82  ? 29   ARG B C   1 
ATOM   953  O O   . ARG B 1 29  ? -0.169  -7.455  2.542   1.00 28.34  ? 29   ARG B O   1 
ATOM   954  C CB  . ARG B 1 29  ? -0.711  -9.892  4.493   1.00 30.14  ? 29   ARG B CB  1 
ATOM   955  C CG  . ARG B 1 29  ? -1.678  -10.741 5.233   1.00 28.58  ? 29   ARG B CG  1 
ATOM   956  C CD  . ARG B 1 29  ? -1.293  -12.197 5.154   1.00 27.53  ? 29   ARG B CD  1 
ATOM   957  N NE  . ARG B 1 29  ? -2.326  -13.084 5.723   1.00 26.49  ? 29   ARG B NE  1 
ATOM   958  C CZ  . ARG B 1 29  ? -2.296  -14.404 5.611   1.00 26.55  ? 29   ARG B CZ  1 
ATOM   959  N NH1 . ARG B 1 29  ? -1.304  -14.963 4.967   1.00 29.26  ? 29   ARG B NH1 1 
ATOM   960  N NH2 . ARG B 1 29  ? -3.240  -15.167 6.149   1.00 30.57  ? 29   ARG B NH2 1 
ATOM   961  N N   . LEU B 1 30  ? 1.159   -7.211  4.357   1.00 26.57  ? 30   LEU B N   1 
ATOM   962  C CA  . LEU B 1 30  ? 2.298   -6.718  3.644   1.00 25.67  ? 30   LEU B CA  1 
ATOM   963  C C   . LEU B 1 30  ? 3.279   -7.899  3.606   1.00 31.11  ? 30   LEU B C   1 
ATOM   964  O O   . LEU B 1 30  ? 3.575   -8.465  4.655   1.00 31.38  ? 30   LEU B O   1 
ATOM   965  C CB  . LEU B 1 30  ? 2.971   -5.590  4.377   1.00 27.99  ? 30   LEU B CB  1 
ATOM   966  C CG  . LEU B 1 30  ? 4.251   -5.010  3.729   1.00 26.09  ? 30   LEU B CG  1 
ATOM   967  C CD1 . LEU B 1 30  ? 4.030   -4.370  2.373   1.00 27.87  ? 30   LEU B CD1 1 
ATOM   968  C CD2 . LEU B 1 30  ? 4.734   -3.939  4.698   1.00 29.39  ? 30   LEU B CD2 1 
ATOM   969  N N   . THR B 1 31  ? 3.754   -8.278  2.406   1.00 30.83  ? 31   THR B N   1 
ATOM   970  C CA  . THR B 1 31  ? 4.507   -9.483  2.247   1.00 27.54  ? 31   THR B CA  1 
ATOM   971  C C   . THR B 1 31  ? 5.678   -9.220  1.373   1.00 27.09  ? 31   THR B C   1 
ATOM   972  O O   . THR B 1 31  ? 5.681   -8.310  0.555   1.00 33.27  ? 31   THR B O   1 
ATOM   973  C CB  . THR B 1 31  ? 3.701   -10.592 1.557   1.00 28.77  ? 31   THR B CB  1 
ATOM   974  O OG1 . THR B 1 31  ? 3.319   -10.132 0.250   1.00 30.69  ? 31   THR B OG1 1 
ATOM   975  C CG2 . THR B 1 31  ? 2.515   -11.010 2.358   1.00 29.50  ? 31   THR B CG2 1 
ATOM   976  N N   . VAL B 1 32  ? 6.725   -9.990  1.584   1.00 32.22  ? 32   VAL B N   1 
ATOM   977  C CA  . VAL B 1 32  ? 7.823   -10.118 0.601   1.00 34.30  ? 32   VAL B CA  1 
ATOM   978  C C   . VAL B 1 32  ? 7.863   -11.632 0.354   1.00 37.89  ? 32   VAL B C   1 
ATOM   979  O O   . VAL B 1 32  ? 7.740   -12.406 1.302   1.00 36.38  ? 32   VAL B O   1 
ATOM   980  C CB  . VAL B 1 32  ? 9.169   -9.619  1.130   1.00 34.76  ? 32   VAL B CB  1 
ATOM   981  C CG1 . VAL B 1 32  ? 10.326  -10.038 0.207   1.00 36.30  ? 32   VAL B CG1 1 
ATOM   982  C CG2 . VAL B 1 32  ? 9.149   -8.123  1.352   1.00 36.25  ? 32   VAL B CG2 1 
ATOM   983  N N   . SER B 1 33  ? 7.998   -12.049 -0.917  1.00 43.40  ? 33   SER B N   1 
ATOM   984  C CA  . SER B 1 33  ? 7.987   -13.469 -1.300  1.00 44.15  ? 33   SER B CA  1 
ATOM   985  C C   . SER B 1 33  ? 8.992   -13.719 -2.400  1.00 50.97  ? 33   SER B C   1 
ATOM   986  O O   . SER B 1 33  ? 9.218   -12.850 -3.234  1.00 40.34  ? 33   SER B O   1 
ATOM   987  C CB  . SER B 1 33  ? 6.614   -13.872 -1.859  1.00 43.99  ? 33   SER B CB  1 
ATOM   988  O OG  . SER B 1 33  ? 5.650   -14.027 -0.840  1.00 46.11  ? 33   SER B OG  1 
ATOM   989  N N   . GLU B 1 34  ? 9.567   -14.928 -2.418  1.00 63.19  ? 34   GLU B N   1 
ATOM   990  C CA  . GLU B 1 34  ? 10.589  -15.286 -3.434  1.00 71.10  ? 34   GLU B CA  1 
ATOM   991  C C   . GLU B 1 34  ? 9.946   -16.082 -4.570  1.00 66.40  ? 34   GLU B C   1 
ATOM   992  O O   . GLU B 1 34  ? 9.485   -17.193 -4.334  1.00 56.59  ? 34   GLU B O   1 
ATOM   993  C CB  . GLU B 1 34  ? 11.822  -16.034 -2.825  1.00 81.99  ? 34   GLU B CB  1 
ATOM   994  C CG  . GLU B 1 34  ? 11.567  -17.241 -1.885  1.00 86.58  ? 34   GLU B CG  1 
ATOM   995  C CD  . GLU B 1 34  ? 12.602  -17.390 -0.742  1.00 87.99  ? 34   GLU B CD  1 
ATOM   996  O OE1 . GLU B 1 34  ? 13.455  -16.485 -0.568  1.00 82.51  ? 34   GLU B OE1 1 
ATOM   997  O OE2 . GLU B 1 34  ? 12.556  -18.409 0.002   1.00 78.87  ? 34   GLU B OE2 1 
ATOM   998  N N   . PHE B 1 35  ? 9.890   -15.490 -5.770  1.00 73.08  ? 35   PHE B N   1 
ATOM   999  C CA  . PHE B 1 35  ? 9.405   -16.163 -7.009  1.00 86.98  ? 35   PHE B CA  1 
ATOM   1000 C C   . PHE B 1 35  ? 10.385  -16.025 -8.212  1.00 87.68  ? 35   PHE B C   1 
ATOM   1001 O O   . PHE B 1 35  ? 10.692  -14.904 -8.668  1.00 84.58  ? 35   PHE B O   1 
ATOM   1002 C CB  . PHE B 1 35  ? 8.006   -15.652 -7.422  1.00 88.90  ? 35   PHE B CB  1 
ATOM   1003 C CG  . PHE B 1 35  ? 7.517   -16.210 -8.749  1.00 90.65  ? 35   PHE B CG  1 
ATOM   1004 C CD1 . PHE B 1 35  ? 6.999   -17.512 -8.831  1.00 89.20  ? 35   PHE B CD1 1 
ATOM   1005 C CD2 . PHE B 1 35  ? 7.587   -15.443 -9.918  1.00 89.56  ? 35   PHE B CD2 1 
ATOM   1006 C CE1 . PHE B 1 35  ? 6.553   -18.031 -10.043 1.00 85.08  ? 35   PHE B CE1 1 
ATOM   1007 C CE2 . PHE B 1 35  ? 7.145   -15.961 -11.130 1.00 88.04  ? 35   PHE B CE2 1 
ATOM   1008 C CZ  . PHE B 1 35  ? 6.625   -17.254 -11.190 1.00 89.31  ? 35   PHE B CZ  1 
ATOM   1009 N N   . ARG B 1 36  ? 10.829  -17.175 -8.734  1.00 83.59  ? 36   ARG B N   1 
ATOM   1010 C CA  . ARG B 1 36  ? 11.796  -17.237 -9.843  1.00 88.03  ? 36   ARG B CA  1 
ATOM   1011 C C   . ARG B 1 36  ? 13.115  -16.578 -9.443  1.00 83.87  ? 36   ARG B C   1 
ATOM   1012 O O   . ARG B 1 36  ? 13.618  -15.677 -10.143 1.00 75.03  ? 36   ARG B O   1 
ATOM   1013 C CB  . ARG B 1 36  ? 11.232  -16.611 -11.137 1.00 92.77  ? 36   ARG B CB  1 
ATOM   1014 C CG  . ARG B 1 36  ? 9.990   -17.313 -11.660 1.00 99.67  ? 36   ARG B CG  1 
ATOM   1015 C CD  . ARG B 1 36  ? 10.297  -18.709 -12.200 1.00 103.41 ? 36   ARG B CD  1 
ATOM   1016 N NE  . ARG B 1 36  ? 9.163   -19.635 -12.071 1.00 106.64 ? 36   ARG B NE  1 
ATOM   1017 C CZ  . ARG B 1 36  ? 9.257   -20.964 -12.153 1.00 106.08 ? 36   ARG B CZ  1 
ATOM   1018 N NH1 . ARG B 1 36  ? 10.428  -21.561 -12.364 1.00 108.03 ? 36   ARG B NH1 1 
ATOM   1019 N NH2 . ARG B 1 36  ? 8.172   -21.712 -12.022 1.00 101.84 ? 36   ARG B NH2 1 
ATOM   1020 N N   . GLY B 1 37  ? 13.650  -17.046 -8.305  1.00 73.52  ? 37   GLY B N   1 
ATOM   1021 C CA  . GLY B 1 37  ? 14.822  -16.455 -7.656  1.00 73.73  ? 37   GLY B CA  1 
ATOM   1022 C C   . GLY B 1 37  ? 14.806  -14.930 -7.569  1.00 75.54  ? 37   GLY B C   1 
ATOM   1023 O O   . GLY B 1 37  ? 15.880  -14.320 -7.539  1.00 70.25  ? 37   GLY B O   1 
ATOM   1024 N N   . ASN B 1 38  ? 13.598  -14.335 -7.523  1.00 71.25  ? 38   ASN B N   1 
ATOM   1025 C CA  . ASN B 1 38  ? 13.358  -12.863 -7.487  1.00 63.23  ? 38   ASN B CA  1 
ATOM   1026 C C   . ASN B 1 38  ? 12.333  -12.495 -6.433  1.00 55.92  ? 38   ASN B C   1 
ATOM   1027 O O   . ASN B 1 38  ? 11.382  -13.258 -6.208  1.00 51.94  ? 38   ASN B O   1 
ATOM   1028 C CB  . ASN B 1 38  ? 12.818  -12.383 -8.814  1.00 64.16  ? 38   ASN B CB  1 
ATOM   1029 C CG  . ASN B 1 38  ? 13.806  -12.566 -9.909  1.00 71.76  ? 38   ASN B CG  1 
ATOM   1030 O OD1 . ASN B 1 38  ? 13.456  -12.962 -11.016 1.00 75.69  ? 38   ASN B OD1 1 
ATOM   1031 N ND2 . ASN B 1 38  ? 15.066  -12.306 -9.599  1.00 64.37  ? 38   ASN B ND2 1 
ATOM   1032 N N   . LEU B 1 39  ? 12.509  -11.334 -5.800  1.00 53.41  ? 39   LEU B N   1 
ATOM   1033 C CA  . LEU B 1 39  ? 11.690  -10.976 -4.613  1.00 44.78  ? 39   LEU B CA  1 
ATOM   1034 C C   . LEU B 1 39  ? 10.589  -10.026 -5.006  1.00 37.56  ? 39   LEU B C   1 
ATOM   1035 O O   . LEU B 1 39  ? 10.843  -9.092  -5.758  1.00 34.67  ? 39   LEU B O   1 
ATOM   1036 C CB  . LEU B 1 39  ? 12.542  -10.315 -3.513  1.00 46.03  ? 39   LEU B CB  1 
ATOM   1037 C CG  . LEU B 1 39  ? 13.557  -11.223 -2.839  1.00 47.67  ? 39   LEU B CG  1 
ATOM   1038 C CD1 . LEU B 1 39  ? 14.585  -10.321 -2.166  1.00 50.58  ? 39   LEU B CD1 1 
ATOM   1039 C CD2 . LEU B 1 39  ? 12.864  -12.214 -1.906  1.00 41.59  ? 39   LEU B CD2 1 
ATOM   1040 N N   . TYR B 1 40  ? 9.379   -10.240 -4.476  1.00 34.79  ? 40   TYR B N   1 
ATOM   1041 C CA  . TYR B 1 40  ? 8.231   -9.362  -4.804  1.00 37.00  ? 40   TYR B CA  1 
ATOM   1042 C C   . TYR B 1 40  ? 7.624   -8.879  -3.496  1.00 34.84  ? 40   TYR B C   1 
ATOM   1043 O O   . TYR B 1 40  ? 7.495   -9.657  -2.560  1.00 36.17  ? 40   TYR B O   1 
ATOM   1044 C CB  . TYR B 1 40  ? 7.151   -10.092 -5.587  1.00 37.03  ? 40   TYR B CB  1 
ATOM   1045 C CG  . TYR B 1 40  ? 7.604   -10.456 -6.982  1.00 46.43  ? 40   TYR B CG  1 
ATOM   1046 C CD1 . TYR B 1 40  ? 8.361   -11.620 -7.205  1.00 51.83  ? 40   TYR B CD1 1 
ATOM   1047 C CD2 . TYR B 1 40  ? 7.323   -9.632  -8.053  1.00 47.12  ? 40   TYR B CD2 1 
ATOM   1048 C CE1 . TYR B 1 40  ? 8.841   -11.936 -8.466  1.00 54.93  ? 40   TYR B CE1 1 
ATOM   1049 C CE2 . TYR B 1 40  ? 7.784   -9.941  -9.328  1.00 54.78  ? 40   TYR B CE2 1 
ATOM   1050 C CZ  . TYR B 1 40  ? 8.532   -11.088 -9.518  1.00 56.90  ? 40   TYR B CZ  1 
ATOM   1051 O OH  . TYR B 1 40  ? 8.970   -11.397 -10.772 1.00 69.37  ? 40   TYR B OH  1 
ATOM   1052 N N   . MET B 1 41  ? 7.218   -7.623  -3.461  1.00 30.11  ? 41   MET B N   1 
ATOM   1053 C CA  . MET B 1 41  ? 6.529   -7.116  -2.267  1.00 30.86  ? 41   MET B CA  1 
ATOM   1054 C C   . MET B 1 41  ? 5.078   -6.940  -2.702  1.00 29.42  ? 41   MET B C   1 
ATOM   1055 O O   . MET B 1 41  ? 4.817   -6.680  -3.887  1.00 31.84  ? 41   MET B O   1 
ATOM   1056 C CB  . MET B 1 41  ? 7.137   -5.795  -1.837  1.00 32.85  ? 41   MET B CB  1 
ATOM   1057 C CG  . MET B 1 41  ? 6.373   -5.102  -0.690  1.00 34.20  ? 41   MET B CG  1 
ATOM   1058 S SD  . MET B 1 41  ? 7.243   -3.645  -0.061  1.00 32.75  ? 41   MET B SD  1 
ATOM   1059 C CE  . MET B 1 41  ? 8.398   -4.376  1.086   1.00 34.45  ? 41   MET B CE  1 
ATOM   1060 N N   . GLY B 1 42  ? 4.152   -7.138  -1.786  1.00 29.29  ? 42   GLY B N   1 
ATOM   1061 C CA  . GLY B 1 42  ? 2.709   -6.900  -2.075  1.00 29.42  ? 42   GLY B CA  1 
ATOM   1062 C C   . GLY B 1 42  ? 1.949   -6.444  -0.850  1.00 30.32  ? 42   GLY B C   1 
ATOM   1063 O O   . GLY B 1 42  ? 2.431   -6.601  0.289   1.00 29.89  ? 42   GLY B O   1 
ATOM   1064 N N   . ILE B 1 43  ? 0.821   -5.806  -1.090  1.00 25.08  ? 43   ILE B N   1 
ATOM   1065 C CA  . ILE B 1 43  ? -0.181  -5.486  -0.066  1.00 23.38  ? 43   ILE B CA  1 
ATOM   1066 C C   . ILE B 1 43  ? -1.443  -6.126  -0.636  1.00 25.08  ? 43   ILE B C   1 
ATOM   1067 O O   . ILE B 1 43  ? -1.812  -5.839  -1.811  1.00 22.53  ? 43   ILE B O   1 
ATOM   1068 C CB  . ILE B 1 43  ? -0.379  -4.014  0.189   1.00 24.18  ? 43   ILE B CB  1 
ATOM   1069 C CG1 . ILE B 1 43  ? 0.866   -3.416  0.855   1.00 25.03  ? 43   ILE B CG1 1 
ATOM   1070 C CG2 . ILE B 1 43  ? -1.531  -3.791  1.169   1.00 21.27  ? 43   ILE B CG2 1 
ATOM   1071 C CD1 . ILE B 1 43  ? 0.810   -1.879  0.849   1.00 25.18  ? 43   ILE B CD1 1 
ATOM   1072 N N   . ARG B 1 44  ? -2.047  -7.023  0.144   1.00 25.48  ? 44   ARG B N   1 
ATOM   1073 C CA  . ARG B 1 44  ? -3.094  -7.953  -0.367  1.00 25.44  ? 44   ARG B CA  1 
ATOM   1074 C C   . ARG B 1 44  ? -4.086  -8.375  0.653   1.00 26.97  ? 44   ARG B C   1 
ATOM   1075 O O   . ARG B 1 44  ? -3.760  -8.680  1.799   1.00 26.26  ? 44   ARG B O   1 
ATOM   1076 C CB  . ARG B 1 44  ? -2.459  -9.188  -1.010  1.00 25.70  ? 44   ARG B CB  1 
ATOM   1077 C CG  . ARG B 1 44  ? -3.463  -9.986  -1.860  1.00 26.57  ? 44   ARG B CG  1 
ATOM   1078 C CD  . ARG B 1 44  ? -2.773  -10.977 -2.727  1.00 29.03  ? 44   ARG B CD  1 
ATOM   1079 N NE  . ARG B 1 44  ? -1.886  -10.302 -3.674  1.00 27.20  ? 44   ARG B NE  1 
ATOM   1080 C CZ  . ARG B 1 44  ? -2.271  -9.737  -4.812  1.00 31.24  ? 44   ARG B CZ  1 
ATOM   1081 N NH1 . ARG B 1 44  ? -3.538  -9.751  -5.208  1.00 29.57  ? 44   ARG B NH1 1 
ATOM   1082 N NH2 . ARG B 1 44  ? -1.364  -9.137  -5.570  1.00 31.91  ? 44   ARG B NH2 1 
ATOM   1083 N N   . TYR B 1 45  ? -5.341  -8.329  0.256   1.00 23.92  ? 45   TYR B N   1 
ATOM   1084 C CA  . TYR B 1 45  ? -6.439  -8.883  1.056   1.00 22.53  ? 45   TYR B CA  1 
ATOM   1085 C C   . TYR B 1 45  ? -6.460  -10.413 1.019   1.00 23.65  ? 45   TYR B C   1 
ATOM   1086 O O   . TYR B 1 45  ? -6.519  -11.059 -0.068  1.00 23.15  ? 45   TYR B O   1 
ATOM   1087 C CB  . TYR B 1 45  ? -7.688  -8.335  0.479   1.00 26.30  ? 45   TYR B CB  1 
ATOM   1088 C CG  . TYR B 1 45  ? -8.979  -8.531  1.190   1.00 30.78  ? 45   TYR B CG  1 
ATOM   1089 C CD1 . TYR B 1 45  ? -9.084  -8.404  2.571   1.00 29.07  ? 45   TYR B CD1 1 
ATOM   1090 C CD2 . TYR B 1 45  ? -10.151 -8.751  0.440   1.00 33.20  ? 45   TYR B CD2 1 
ATOM   1091 C CE1 . TYR B 1 45  ? -10.311 -8.547  3.204   1.00 33.47  ? 45   TYR B CE1 1 
ATOM   1092 C CE2 . TYR B 1 45  ? -11.389 -8.867  1.062   1.00 38.52  ? 45   TYR B CE2 1 
ATOM   1093 C CZ  . TYR B 1 45  ? -11.465 -8.774  2.444   1.00 37.11  ? 45   TYR B CZ  1 
ATOM   1094 O OH  . TYR B 1 45  ? -12.695 -8.878  3.049   1.00 38.78  ? 45   TYR B OH  1 
ATOM   1095 N N   . TRP B 1 46  ? -6.459  -10.980 2.209   1.00 25.40  ? 46   TRP B N   1 
ATOM   1096 C CA  . TRP B 1 46  ? -6.587  -12.417 2.394   1.00 25.80  ? 46   TRP B CA  1 
ATOM   1097 C C   . TRP B 1 46  ? -7.845  -12.761 3.086   1.00 27.90  ? 46   TRP B C   1 
ATOM   1098 O O   . TRP B 1 46  ? -8.277  -12.065 4.009   1.00 28.71  ? 46   TRP B O   1 
ATOM   1099 C CB  . TRP B 1 46  ? -5.445  -12.976 3.187   1.00 26.61  ? 46   TRP B CB  1 
ATOM   1100 C CG  . TRP B 1 46  ? -4.129  -13.033 2.536   1.00 26.18  ? 46   TRP B CG  1 
ATOM   1101 C CD1 . TRP B 1 46  ? -3.320  -11.987 2.107   1.00 27.73  ? 46   TRP B CD1 1 
ATOM   1102 C CD2 . TRP B 1 46  ? -3.380  -14.238 2.237   1.00 27.38  ? 46   TRP B CD2 1 
ATOM   1103 N NE1 . TRP B 1 46  ? -2.176  -12.441 1.557   1.00 28.70  ? 46   TRP B NE1 1 
ATOM   1104 C CE2 . TRP B 1 46  ? -2.133  -13.796 1.601   1.00 27.73  ? 46   TRP B CE2 1 
ATOM   1105 C CE3 . TRP B 1 46  ? -3.606  -15.583 2.417   1.00 25.62  ? 46   TRP B CE3 1 
ATOM   1106 C CZ2 . TRP B 1 46  ? -1.142  -14.694 1.206   1.00 30.85  ? 46   TRP B CZ2 1 
ATOM   1107 C CZ3 . TRP B 1 46  ? -2.604  -16.470 1.999   1.00 29.44  ? 46   TRP B CZ3 1 
ATOM   1108 C CH2 . TRP B 1 46  ? -1.425  -16.048 1.407   1.00 27.28  ? 46   TRP B CH2 1 
ATOM   1109 N N   . LEU B 1 47  ? -8.495  -13.838 2.619   1.00 27.79  ? 47   LEU B N   1 
ATOM   1110 C CA  . LEU B 1 47  ? -9.769  -14.241 3.146   1.00 26.97  ? 47   LEU B CA  1 
ATOM   1111 C C   . LEU B 1 47  ? -9.751  -15.725 3.540   1.00 23.51  ? 47   LEU B C   1 
ATOM   1112 O O   . LEU B 1 47  ? -8.945  -16.505 3.017   1.00 24.76  ? 47   LEU B O   1 
ATOM   1113 C CB  . LEU B 1 47  ? -10.877 -13.994 2.098   1.00 28.56  ? 47   LEU B CB  1 
ATOM   1114 C CG  . LEU B 1 47  ? -11.562 -12.619 2.014   1.00 31.53  ? 47   LEU B CG  1 
ATOM   1115 C CD1 . LEU B 1 47  ? -12.582 -12.552 0.847   1.00 28.77  ? 47   LEU B CD1 1 
ATOM   1116 C CD2 . LEU B 1 47  ? -12.258 -12.274 3.313   1.00 33.38  ? 47   LEU B CD2 1 
ATOM   1117 N N   . LEU B 1 48  ? -10.746 -16.115 4.324   1.00 28.48  ? 48   LEU B N   1 
ATOM   1118 C CA  . LEU B 1 48  ? -11.058 -17.513 4.633   1.00 26.50  ? 48   LEU B CA  1 
ATOM   1119 C C   . LEU B 1 48  ? -12.070 -18.139 3.665   1.00 28.67  ? 48   LEU B C   1 
ATOM   1120 O O   . LEU B 1 48  ? -13.082 -17.544 3.344   1.00 31.09  ? 48   LEU B O   1 
ATOM   1121 C CB  . LEU B 1 48  ? -11.613 -17.644 6.095   1.00 30.79  ? 48   LEU B CB  1 
ATOM   1122 C CG  . LEU B 1 48  ? -10.667 -17.395 7.282   1.00 32.28  ? 48   LEU B CG  1 
ATOM   1123 C CD1 . LEU B 1 48  ? -11.390 -17.663 8.628   1.00 34.60  ? 48   LEU B CD1 1 
ATOM   1124 C CD2 . LEU B 1 48  ? -9.377  -18.207 7.198   1.00 34.38  ? 48   LEU B CD2 1 
ATOM   1125 N N   . ASP B 1 49  ? -11.820 -19.358 3.211   1.00 22.57  ? 49   ASP B N   1 
ATOM   1126 C CA  . ASP B 1 49  ? -12.761 -20.057 2.381   1.00 23.04  ? 49   ASP B CA  1 
ATOM   1127 C C   . ASP B 1 49  ? -13.694 -20.804 3.257   1.00 24.20  ? 49   ASP B C   1 
ATOM   1128 O O   . ASP B 1 49  ? -13.630 -20.647 4.500   1.00 23.98  ? 49   ASP B O   1 
ATOM   1129 C CB  . ASP B 1 49  ? -12.085 -20.903 1.260   1.00 23.47  ? 49   ASP B CB  1 
ATOM   1130 C CG  . ASP B 1 49  ? -11.359 -22.128 1.776   1.00 24.81  ? 49   ASP B CG  1 
ATOM   1131 O OD1 . ASP B 1 49  ? -11.419 -22.375 3.018   1.00 25.62  ? 49   ASP B OD1 1 
ATOM   1132 O OD2 . ASP B 1 49  ? -10.736 -22.847 0.922   1.00 24.60  ? 49   ASP B OD2 1 
ATOM   1133 N N   . ILE B 1 50  ? -14.610 -21.578 2.658   1.00 24.69  ? 50   ILE B N   1 
ATOM   1134 C CA  . ILE B 1 50  ? -15.607 -22.336 3.460   1.00 26.35  ? 50   ILE B CA  1 
ATOM   1135 C C   . ILE B 1 50  ? -14.920 -23.375 4.469   1.00 27.51  ? 50   ILE B C   1 
ATOM   1136 O O   . ILE B 1 50  ? -15.552 -23.876 5.407   1.00 27.94  ? 50   ILE B O   1 
ATOM   1137 C CB  . ILE B 1 50  ? -16.580 -23.080 2.524   1.00 29.99  ? 50   ILE B CB  1 
ATOM   1138 C CG1 . ILE B 1 50  ? -15.802 -24.084 1.687   1.00 32.33  ? 50   ILE B CG1 1 
ATOM   1139 C CG2 . ILE B 1 50  ? -17.394 -22.088 1.673   1.00 29.86  ? 50   ILE B CG2 1 
ATOM   1140 C CD1 . ILE B 1 50  ? -16.635 -25.095 0.951   1.00 38.19  ? 50   ILE B CD1 1 
ATOM   1141 N N   . ASN B 1 51  ? -13.658 -23.699 4.212   1.00 26.78  ? 51   ASN B N   1 
ATOM   1142 C CA  . ASN B 1 51  ? -12.882 -24.621 5.045   1.00 28.29  ? 51   ASN B CA  1 
ATOM   1143 C C   . ASN B 1 51  ? -11.971 -23.881 5.979   1.00 28.76  ? 51   ASN B C   1 
ATOM   1144 O O   . ASN B 1 51  ? -11.144 -24.508 6.607   1.00 28.24  ? 51   ASN B O   1 
ATOM   1145 C CB  . ASN B 1 51  ? -12.065 -25.557 4.184   1.00 27.89  ? 51   ASN B CB  1 
ATOM   1146 C CG  . ASN B 1 51  ? -12.944 -26.437 3.310   1.00 27.25  ? 51   ASN B CG  1 
ATOM   1147 O OD1 . ASN B 1 51  ? -13.953 -26.919 3.754   1.00 33.42  ? 51   ASN B OD1 1 
ATOM   1148 N ND2 . ASN B 1 51  ? -12.526 -26.678 2.097   1.00 31.79  ? 51   ASN B ND2 1 
ATOM   1149 N N   . ASP B 1 52  ? -12.135 -22.566 6.117   1.00 26.99  ? 52   ASP B N   1 
ATOM   1150 C CA  . ASP B 1 52  ? -11.208 -21.764 6.879   1.00 30.36  ? 52   ASP B CA  1 
ATOM   1151 C C   . ASP B 1 52  ? -9.751  -21.983 6.433   1.00 29.64  ? 52   ASP B C   1 
ATOM   1152 O O   . ASP B 1 52  ? -8.869  -22.000 7.238   1.00 32.75  ? 52   ASP B O   1 
ATOM   1153 C CB  . ASP B 1 52  ? -11.377 -22.030 8.415   1.00 32.75  ? 52   ASP B CB  1 
ATOM   1154 C CG  . ASP B 1 52  ? -12.751 -21.701 8.900   1.00 34.46  ? 52   ASP B CG  1 
ATOM   1155 O OD1 . ASP B 1 52  ? -13.313 -20.641 8.505   1.00 34.83  ? 52   ASP B OD1 1 
ATOM   1156 O OD2 . ASP B 1 52  ? -13.315 -22.575 9.599   1.00 41.22  ? 52   ASP B OD2 1 
ATOM   1157 N N   . GLU B 1 53  ? -9.510  -22.143 5.133   1.00 28.24  ? 53   GLU B N   1 
ATOM   1158 C CA  . GLU B 1 53  ? -8.224  -21.947 4.566   1.00 28.66  ? 53   GLU B CA  1 
ATOM   1159 C C   . GLU B 1 53  ? -8.051  -20.484 4.031   1.00 29.95  ? 53   GLU B C   1 
ATOM   1160 O O   . GLU B 1 53  ? -8.901  -19.960 3.261   1.00 25.01  ? 53   GLU B O   1 
ATOM   1161 C CB  . GLU B 1 53  ? -8.032  -22.945 3.420   1.00 28.66  ? 53   GLU B CB  1 
ATOM   1162 C CG  . GLU B 1 53  ? -6.712  -22.781 2.659   1.00 29.43  ? 53   GLU B CG  1 
ATOM   1163 C CD  . GLU B 1 53  ? -6.432  -23.887 1.664   1.00 32.75  ? 53   GLU B CD  1 
ATOM   1164 O OE1 . GLU B 1 53  ? -7.132  -24.905 1.657   1.00 30.48  ? 53   GLU B OE1 1 
ATOM   1165 O OE2 . GLU B 1 53  ? -5.524  -23.729 0.825   1.00 36.33  ? 53   GLU B OE2 1 
ATOM   1166 N N   . TRP B 1 54  ? -6.900  -19.907 4.361   1.00 25.36  ? 54   TRP B N   1 
ATOM   1167 C CA  . TRP B 1 54  ? -6.556  -18.526 4.014   1.00 28.49  ? 54   TRP B CA  1 
ATOM   1168 C C   . TRP B 1 54  ? -6.186  -18.509 2.595   1.00 27.19  ? 54   TRP B C   1 
ATOM   1169 O O   . TRP B 1 54  ? -5.485  -19.404 2.157   1.00 29.37  ? 54   TRP B O   1 
ATOM   1170 C CB  . TRP B 1 54  ? -5.387  -18.003 4.883   1.00 27.85  ? 54   TRP B CB  1 
ATOM   1171 C CG  . TRP B 1 54  ? -5.795  -17.574 6.249   1.00 25.87  ? 54   TRP B CG  1 
ATOM   1172 C CD1 . TRP B 1 54  ? -5.500  -18.231 7.452   1.00 30.11  ? 54   TRP B CD1 1 
ATOM   1173 C CD2 . TRP B 1 54  ? -6.576  -16.374 6.647   1.00 30.82  ? 54   TRP B CD2 1 
ATOM   1174 N NE1 . TRP B 1 54  ? -6.050  -17.565 8.513   1.00 35.33  ? 54   TRP B NE1 1 
ATOM   1175 C CE2 . TRP B 1 54  ? -6.682  -16.428 8.117   1.00 33.15  ? 54   TRP B CE2 1 
ATOM   1176 C CE3 . TRP B 1 54  ? -7.120  -15.306 5.992   1.00 27.40  ? 54   TRP B CE3 1 
ATOM   1177 C CZ2 . TRP B 1 54  ? -7.365  -15.458 8.838   1.00 32.00  ? 54   TRP B CZ2 1 
ATOM   1178 C CZ3 . TRP B 1 54  ? -7.800  -14.338 6.725   1.00 30.42  ? 54   TRP B CZ3 1 
ATOM   1179 C CH2 . TRP B 1 54  ? -7.915  -14.408 8.123   1.00 32.48  ? 54   TRP B CH2 1 
ATOM   1180 N N   . PHE B 1 55  ? -6.711  -17.575 1.808   1.00 25.70  ? 55   PHE B N   1 
ATOM   1181 C CA  . PHE B 1 55  ? -6.216  -17.442 0.431   1.00 24.67  ? 55   PHE B CA  1 
ATOM   1182 C C   . PHE B 1 55  ? -6.034  -16.007 0.074   1.00 22.95  ? 55   PHE B C   1 
ATOM   1183 O O   . PHE B 1 55  ? -6.777  -15.187 0.523   1.00 23.82  ? 55   PHE B O   1 
ATOM   1184 C CB  . PHE B 1 55  ? -7.104  -18.188 -0.595  1.00 26.27  ? 55   PHE B CB  1 
ATOM   1185 C CG  . PHE B 1 55  ? -8.502  -17.628 -0.749  1.00 25.48  ? 55   PHE B CG  1 
ATOM   1186 C CD1 . PHE B 1 55  ? -9.495  -17.890 0.175   1.00 25.56  ? 55   PHE B CD1 1 
ATOM   1187 C CD2 . PHE B 1 55  ? -8.819  -16.817 -1.806  1.00 23.47  ? 55   PHE B CD2 1 
ATOM   1188 C CE1 . PHE B 1 55  ? -10.790 -17.391 0.021   1.00 24.80  ? 55   PHE B CE1 1 
ATOM   1189 C CE2 . PHE B 1 55  ? -10.077 -16.268 -1.933  1.00 23.62  ? 55   PHE B CE2 1 
ATOM   1190 C CZ  . PHE B 1 55  ? -11.069 -16.563 -1.042  1.00 25.30  ? 55   PHE B CZ  1 
ATOM   1191 N N   . PRO B 1 56  ? -5.034  -15.710 -0.740  1.00 24.66  ? 56   PRO B N   1 
ATOM   1192 C CA  . PRO B 1 56  ? -4.800  -14.355 -1.226  1.00 27.52  ? 56   PRO B CA  1 
ATOM   1193 C C   . PRO B 1 56  ? -5.750  -14.034 -2.371  1.00 26.81  ? 56   PRO B C   1 
ATOM   1194 O O   . PRO B 1 56  ? -5.697  -14.657 -3.427  1.00 23.59  ? 56   PRO B O   1 
ATOM   1195 C CB  . PRO B 1 56  ? -3.353  -14.380 -1.707  1.00 26.94  ? 56   PRO B CB  1 
ATOM   1196 C CG  . PRO B 1 56  ? -3.144  -15.830 -2.062  1.00 28.84  ? 56   PRO B CG  1 
ATOM   1197 C CD  . PRO B 1 56  ? -4.047  -16.666 -1.266  1.00 23.88  ? 56   PRO B CD  1 
ATOM   1198 N N   . THR B 1 57  ? -6.600  -13.052 -2.128  1.00 27.07  ? 57   THR B N   1 
ATOM   1199 C CA  . THR B 1 57  ? -7.526  -12.608 -3.139  1.00 26.05  ? 57   THR B CA  1 
ATOM   1200 C C   . THR B 1 57  ? -6.789  -11.747 -4.200  1.00 26.15  ? 57   THR B C   1 
ATOM   1201 O O   . THR B 1 57  ? -5.615  -11.394 -4.089  1.00 24.76  ? 57   THR B O   1 
ATOM   1202 C CB  . THR B 1 57  ? -8.661  -11.834 -2.515  1.00 25.40  ? 57   THR B CB  1 
ATOM   1203 O OG1 . THR B 1 57  ? -8.135  -10.560 -2.140  1.00 26.18  ? 57   THR B OG1 1 
ATOM   1204 C CG2 . THR B 1 57  ? -9.368  -12.577 -1.328  1.00 23.06  ? 57   THR B CG2 1 
ATOM   1205 N N   . LYS B 1 58  ? -7.534  -11.390 -5.246  1.00 27.21  ? 58   LYS B N   1 
ATOM   1206 C CA  . LYS B 1 58  ? -7.087  -10.475 -6.291  1.00 25.81  ? 58   LYS B CA  1 
ATOM   1207 C C   . LYS B 1 58  ? -7.115  -9.022  -5.834  1.00 25.72  ? 58   LYS B C   1 
ATOM   1208 O O   . LYS B 1 58  ? -6.734  -8.086  -6.584  1.00 27.23  ? 58   LYS B O   1 
ATOM   1209 C CB  . LYS B 1 58  ? -7.991  -10.631 -7.555  1.00 31.60  ? 58   LYS B CB  1 
ATOM   1210 C CG  . LYS B 1 58  ? -7.814  -11.960 -8.296  1.00 32.55  ? 58   LYS B CG  1 
ATOM   1211 C CD  . LYS B 1 58  ? -6.618  -11.979 -9.235  1.00 36.90  ? 58   LYS B CD  1 
ATOM   1212 C CE  . LYS B 1 58  ? -6.850  -12.951 -10.370 1.00 36.87  ? 58   LYS B CE  1 
ATOM   1213 N NZ  . LYS B 1 58  ? -5.692  -13.071 -11.298 1.00 46.68  ? 58   LYS B NZ  1 
ATOM   1214 N N   . SER B 1 59  ? -7.566  -8.807  -4.614  1.00 25.00  ? 59   SER B N   1 
ATOM   1215 C CA  . SER B 1 59  ? -7.689  -7.446  -4.076  1.00 26.08  ? 59   SER B CA  1 
ATOM   1216 C C   . SER B 1 59  ? -6.366  -7.147  -3.379  1.00 28.40  ? 59   SER B C   1 
ATOM   1217 O O   . SER B 1 59  ? -6.214  -7.335  -2.165  1.00 27.19  ? 59   SER B O   1 
ATOM   1218 C CB  . SER B 1 59  ? -8.866  -7.345  -3.098  1.00 26.77  ? 59   SER B CB  1 
ATOM   1219 O OG  . SER B 1 59  ? -10.133 -7.334  -3.761  1.00 28.31  ? 59   SER B OG  1 
ATOM   1220 N N   . GLY B 1 60  ? -5.416  -6.739  -4.181  1.00 28.04  ? 60   GLY B N   1 
ATOM   1221 C CA  . GLY B 1 60  ? -4.069  -6.497  -3.736  1.00 30.95  ? 60   GLY B CA  1 
ATOM   1222 C C   . GLY B 1 60  ? -3.215  -6.081  -4.899  1.00 30.83  ? 60   GLY B C   1 
ATOM   1223 O O   . GLY B 1 60  ? -3.649  -6.185  -6.064  1.00 29.74  ? 60   GLY B O   1 
ATOM   1224 N N   . PHE B 1 61  ? -1.994  -5.663  -4.614  1.00 25.77  ? 61   PHE B N   1 
ATOM   1225 C CA  . PHE B 1 61  ? -1.035  -5.365  -5.688  1.00 25.11  ? 61   PHE B CA  1 
ATOM   1226 C C   . PHE B 1 61  ? 0.331   -5.898  -5.302  1.00 32.12  ? 61   PHE B C   1 
ATOM   1227 O O   . PHE B 1 61  ? 0.648   -6.034  -4.115  1.00 26.30  ? 61   PHE B O   1 
ATOM   1228 C CB  . PHE B 1 61  ? -1.042  -3.887  -6.061  1.00 27.61  ? 61   PHE B CB  1 
ATOM   1229 C CG  . PHE B 1 61  ? -0.338  -2.942  -5.097  1.00 29.64  ? 61   PHE B CG  1 
ATOM   1230 C CD1 . PHE B 1 61  ? -0.698  -2.833  -3.748  1.00 27.38  ? 61   PHE B CD1 1 
ATOM   1231 C CD2 . PHE B 1 61  ? 0.627   -2.090  -5.561  1.00 33.28  ? 61   PHE B CD2 1 
ATOM   1232 C CE1 . PHE B 1 61  ? -0.080  -1.910  -2.919  1.00 30.61  ? 61   PHE B CE1 1 
ATOM   1233 C CE2 . PHE B 1 61  ? 1.262   -1.198  -4.712  1.00 30.52  ? 61   PHE B CE2 1 
ATOM   1234 C CZ  . PHE B 1 61  ? 0.913   -1.103  -3.407  1.00 27.39  ? 61   PHE B CZ  1 
ATOM   1235 N N   . SER B 1 62  ? 1.133   -6.221  -6.309  1.00 30.62  ? 62   SER B N   1 
ATOM   1236 C CA  . SER B 1 62  ? 2.410   -6.892  -6.053  1.00 35.12  ? 62   SER B CA  1 
ATOM   1237 C C   . SER B 1 62  ? 3.303   -6.262  -7.019  1.00 34.06  ? 62   SER B C   1 
ATOM   1238 O O   . SER B 1 62  ? 2.865   -5.857  -8.080  1.00 33.07  ? 62   SER B O   1 
ATOM   1239 C CB  . SER B 1 62  ? 2.386   -8.378  -6.325  1.00 38.78  ? 62   SER B CB  1 
ATOM   1240 O OG  . SER B 1 62  ? 1.683   -9.021  -5.279  1.00 48.80  ? 62   SER B OG  1 
ATOM   1241 N N   . PHE B 1 63  ? 4.539   -6.109  -6.621  1.00 31.54  ? 63   PHE B N   1 
ATOM   1242 C CA  . PHE B 1 63  ? 5.527   -5.445  -7.452  1.00 30.67  ? 63   PHE B CA  1 
ATOM   1243 C C   . PHE B 1 63  ? 6.930   -6.018  -7.145  1.00 36.40  ? 63   PHE B C   1 
ATOM   1244 O O   . PHE B 1 63  ? 7.138   -6.644  -6.106  1.00 32.15  ? 63   PHE B O   1 
ATOM   1245 C CB  . PHE B 1 63  ? 5.485   -3.965  -7.245  1.00 29.63  ? 63   PHE B CB  1 
ATOM   1246 C CG  . PHE B 1 63  ? 5.500   -3.498  -5.783  1.00 33.10  ? 63   PHE B CG  1 
ATOM   1247 C CD1 . PHE B 1 63  ? 4.306   -3.311  -5.084  1.00 32.96  ? 63   PHE B CD1 1 
ATOM   1248 C CD2 . PHE B 1 63  ? 6.694   -3.179  -5.144  1.00 32.59  ? 63   PHE B CD2 1 
ATOM   1249 C CE1 . PHE B 1 63  ? 4.311   -2.866  -3.784  1.00 33.32  ? 63   PHE B CE1 1 
ATOM   1250 C CE2 . PHE B 1 63  ? 6.701   -2.738  -3.837  1.00 36.45  ? 63   PHE B CE2 1 
ATOM   1251 C CZ  . PHE B 1 63  ? 5.502   -2.599  -3.153  1.00 36.05  ? 63   PHE B CZ  1 
ATOM   1252 N N   . PRO B 1 64  ? 7.869   -5.892  -8.090  1.00 38.68  ? 64   PRO B N   1 
ATOM   1253 C CA  . PRO B 1 64  ? 9.256   -6.287  -7.801  1.00 38.00  ? 64   PRO B CA  1 
ATOM   1254 C C   . PRO B 1 64  ? 9.767   -5.533  -6.574  1.00 33.17  ? 64   PRO B C   1 
ATOM   1255 O O   . PRO B 1 64  ? 9.552   -4.360  -6.514  1.00 34.98  ? 64   PRO B O   1 
ATOM   1256 C CB  . PRO B 1 64  ? 10.022  -5.809  -9.078  1.00 37.30  ? 64   PRO B CB  1 
ATOM   1257 C CG  . PRO B 1 64  ? 9.003   -5.982  -10.160 1.00 36.78  ? 64   PRO B CG  1 
ATOM   1258 C CD  . PRO B 1 64  ? 7.689   -5.521  -9.518  1.00 36.82  ? 64   PRO B CD  1 
ATOM   1259 N N   . TYR B 1 65  ? 10.432  -6.236  -5.669  1.00 34.75  ? 65   TYR B N   1 
ATOM   1260 C CA  . TYR B 1 65  ? 10.974  -5.660  -4.426  1.00 35.59  ? 65   TYR B CA  1 
ATOM   1261 C C   . TYR B 1 65  ? 12.349  -5.177  -4.774  1.00 36.42  ? 65   TYR B C   1 
ATOM   1262 O O   . TYR B 1 65  ? 13.293  -5.949  -4.818  1.00 38.77  ? 65   TYR B O   1 
ATOM   1263 C CB  . TYR B 1 65  ? 10.981  -6.721  -3.323  1.00 36.62  ? 65   TYR B CB  1 
ATOM   1264 C CG  . TYR B 1 65  ? 11.490  -6.276  -1.951  1.00 38.76  ? 65   TYR B CG  1 
ATOM   1265 C CD1 . TYR B 1 65  ? 11.013  -5.110  -1.338  1.00 38.23  ? 65   TYR B CD1 1 
ATOM   1266 C CD2 . TYR B 1 65  ? 12.441  -7.025  -1.265  1.00 38.48  ? 65   TYR B CD2 1 
ATOM   1267 C CE1 . TYR B 1 65  ? 11.503  -4.697  -0.096  1.00 39.02  ? 65   TYR B CE1 1 
ATOM   1268 C CE2 . TYR B 1 65  ? 12.924  -6.622  -0.014  1.00 40.68  ? 65   TYR B CE2 1 
ATOM   1269 C CZ  . TYR B 1 65  ? 12.450  -5.467  0.565   1.00 38.18  ? 65   TYR B CZ  1 
ATOM   1270 O OH  . TYR B 1 65  ? 12.941  -5.071  1.816   1.00 36.54  ? 65   TYR B OH  1 
ATOM   1271 N N   . THR B 1 66  ? 12.426  -3.911  -5.109  1.00 31.87  ? 66   THR B N   1 
ATOM   1272 C CA  . THR B 1 66  ? 13.610  -3.305  -5.620  1.00 33.23  ? 66   THR B CA  1 
ATOM   1273 C C   . THR B 1 66  ? 13.646  -1.941  -5.046  1.00 32.20  ? 66   THR B C   1 
ATOM   1274 O O   . THR B 1 66  ? 12.691  -1.489  -4.463  1.00 32.37  ? 66   THR B O   1 
ATOM   1275 C CB  . THR B 1 66  ? 13.551  -3.130  -7.165  1.00 30.95  ? 66   THR B CB  1 
ATOM   1276 O OG1 . THR B 1 66  ? 12.680  -2.041  -7.475  1.00 32.22  ? 66   THR B OG1 1 
ATOM   1277 C CG2 . THR B 1 66  ? 13.078  -4.424  -7.831  1.00 36.89  ? 66   THR B CG2 1 
ATOM   1278 N N   . LEU B 1 67  ? 14.795  -1.278  -5.162  1.00 35.33  ? 67   LEU B N   1 
ATOM   1279 C CA  . LEU B 1 67  ? 14.955  0.062   -4.582  1.00 36.93  ? 67   LEU B CA  1 
ATOM   1280 C C   . LEU B 1 67  ? 14.046  1.099   -5.197  1.00 36.30  ? 67   LEU B C   1 
ATOM   1281 O O   . LEU B 1 67  ? 13.674  2.121   -4.577  1.00 40.03  ? 67   LEU B O   1 
ATOM   1282 C CB  . LEU B 1 67  ? 16.436  0.505   -4.665  1.00 37.76  ? 67   LEU B CB  1 
ATOM   1283 C CG  . LEU B 1 67  ? 17.453  -0.369  -3.838  1.00 39.68  ? 67   LEU B CG  1 
ATOM   1284 C CD1 . LEU B 1 67  ? 18.974  -0.076  -4.067  1.00 43.98  ? 67   LEU B CD1 1 
ATOM   1285 C CD2 . LEU B 1 67  ? 17.132  -0.381  -2.326  1.00 36.22  ? 67   LEU B CD2 1 
ATOM   1286 N N   . GLU B 1 68  ? 13.799  0.906   -6.484  1.00 39.14  ? 68   GLU B N   1 
ATOM   1287 C CA  . GLU B 1 68  ? 13.053  1.831   -7.262  1.00 39.74  ? 68   GLU B CA  1 
ATOM   1288 C C   . GLU B 1 68  ? 11.560  1.715   -6.825  1.00 31.17  ? 68   GLU B C   1 
ATOM   1289 O O   . GLU B 1 68  ? 10.944  2.721   -6.631  1.00 29.78  ? 68   GLU B O   1 
ATOM   1290 C CB  . GLU B 1 68  ? 13.224  1.513   -8.762  1.00 42.80  ? 68   GLU B CB  1 
ATOM   1291 C CG  . GLU B 1 68  ? 14.633  1.700   -9.349  1.00 47.88  ? 68   GLU B CG  1 
ATOM   1292 C CD  . GLU B 1 68  ? 15.737  0.783   -8.769  1.00 49.47  ? 68   GLU B CD  1 
ATOM   1293 O OE1 . GLU B 1 68  ? 15.471  -0.410  -8.373  1.00 42.34  ? 68   GLU B OE1 1 
ATOM   1294 O OE2 . GLU B 1 68  ? 16.906  1.281   -8.710  1.00 52.68  ? 68   GLU B OE2 1 
ATOM   1295 N N   . THR B 1 69  ? 11.050  0.491   -6.646  1.00 29.39  ? 69   THR B N   1 
ATOM   1296 C CA  . THR B 1 69  ? 9.615   0.299   -6.376  1.00 31.36  ? 69   THR B CA  1 
ATOM   1297 C C   . THR B 1 69  ? 9.314   0.733   -4.911  1.00 34.87  ? 69   THR B C   1 
ATOM   1298 O O   . THR B 1 69  ? 8.343   1.450   -4.645  1.00 31.58  ? 69   THR B O   1 
ATOM   1299 C CB  . THR B 1 69  ? 9.124   -1.139  -6.706  1.00 35.35  ? 69   THR B CB  1 
ATOM   1300 O OG1 . THR B 1 69  ? 9.964   -2.150  -6.114  1.00 31.66  ? 69   THR B OG1 1 
ATOM   1301 C CG2 . THR B 1 69  ? 9.036   -1.426  -8.251  1.00 30.21  ? 69   THR B CG2 1 
ATOM   1302 N N   . THR B 1 70  ? 10.209  0.359   -3.990  1.00 34.64  ? 70   THR B N   1 
ATOM   1303 C CA  . THR B 1 70  ? 10.002  0.633   -2.562  1.00 32.12  ? 70   THR B CA  1 
ATOM   1304 C C   . THR B 1 70  ? 10.146  2.083   -2.294  1.00 27.73  ? 70   THR B C   1 
ATOM   1305 O O   . THR B 1 70  ? 9.398   2.627   -1.527  1.00 30.78  ? 70   THR B O   1 
ATOM   1306 C CB  . THR B 1 70  ? 10.975  -0.136  -1.677  1.00 29.45  ? 70   THR B CB  1 
ATOM   1307 O OG1 . THR B 1 70  ? 12.309  0.188   -2.055  1.00 32.49  ? 70   THR B OG1 1 
ATOM   1308 C CG2 . THR B 1 70  ? 10.699  -1.681  -1.717  1.00 34.17  ? 70   THR B CG2 1 
ATOM   1309 N N   . SER B 1 71  ? 11.049  2.772   -3.006  1.00 30.80  ? 71   SER B N   1 
ATOM   1310 C CA  . SER B 1 71  ? 11.237  4.213   -2.834  1.00 27.77  ? 71   SER B CA  1 
ATOM   1311 C C   . SER B 1 71  ? 10.075  5.075   -3.331  1.00 32.90  ? 71   SER B C   1 
ATOM   1312 O O   . SER B 1 71  ? 9.753   6.139   -2.734  1.00 31.62  ? 71   SER B O   1 
ATOM   1313 C CB  . SER B 1 71  ? 12.480  4.699   -3.547  1.00 34.86  ? 71   SER B CB  1 
ATOM   1314 O OG  . SER B 1 71  ? 13.613  4.070   -2.950  1.00 43.68  ? 71   SER B OG  1 
ATOM   1315 N N   . GLN B 1 72  ? 9.519   4.612   -4.452  1.00 33.86  ? 72   GLN B N   1 
ATOM   1316 C CA  . GLN B 1 72  ? 8.327   5.205   -5.027  1.00 33.80  ? 72   GLN B CA  1 
ATOM   1317 C C   . GLN B 1 72  ? 7.161   5.119   -4.016  1.00 25.32  ? 72   GLN B C   1 
ATOM   1318 O O   . GLN B 1 72  ? 6.509   6.118   -3.741  1.00 27.70  ? 72   GLN B O   1 
ATOM   1319 C CB  . GLN B 1 72  ? 7.991   4.483   -6.341  1.00 34.86  ? 72   GLN B CB  1 
ATOM   1320 C CG  . GLN B 1 72  ? 6.871   5.124   -7.146  1.00 40.55  ? 72   GLN B CG  1 
ATOM   1321 C CD  . GLN B 1 72  ? 7.164   6.546   -7.566  1.00 46.93  ? 72   GLN B CD  1 
ATOM   1322 O OE1 . GLN B 1 72  ? 8.338   6.891   -7.758  1.00 51.23  ? 72   GLN B OE1 1 
ATOM   1323 N NE2 . GLN B 1 72  ? 6.098   7.396   -7.702  1.00 44.89  ? 72   GLN B NE2 1 
ATOM   1324 N N   . LEU B 1 73  ? 6.944   3.951   -3.468  1.00 33.72  ? 73   LEU B N   1 
ATOM   1325 C CA  . LEU B 1 73  ? 5.897   3.749   -2.500  1.00 31.29  ? 73   LEU B CA  1 
ATOM   1326 C C   . LEU B 1 73  ? 6.119   4.534   -1.219  1.00 32.96  ? 73   LEU B C   1 
ATOM   1327 O O   . LEU B 1 73  ? 5.194   5.224   -0.691  1.00 33.40  ? 73   LEU B O   1 
ATOM   1328 C CB  . LEU B 1 73  ? 5.735   2.261   -2.222  1.00 31.90  ? 73   LEU B CB  1 
ATOM   1329 C CG  . LEU B 1 73  ? 4.634   1.885   -1.193  1.00 29.90  ? 73   LEU B CG  1 
ATOM   1330 C CD1 . LEU B 1 73  ? 3.238   2.411   -1.607  1.00 25.92  ? 73   LEU B CD1 1 
ATOM   1331 C CD2 . LEU B 1 73  ? 4.642   0.373   -0.994  1.00 28.41  ? 73   LEU B CD2 1 
ATOM   1332 N N   . PHE B 1 74  ? 7.352   4.507   -0.710  1.00 33.73  ? 74   PHE B N   1 
ATOM   1333 C CA  . PHE B 1 74  ? 7.659   5.333   0.476   1.00 31.30  ? 74   PHE B CA  1 
ATOM   1334 C C   . PHE B 1 74  ? 7.417   6.843   0.292   1.00 30.28  ? 74   PHE B C   1 
ATOM   1335 O O   . PHE B 1 74  ? 6.889   7.520   1.148   1.00 27.75  ? 74   PHE B O   1 
ATOM   1336 C CB  . PHE B 1 74  ? 9.108   5.052   1.038   1.00 33.64  ? 74   PHE B CB  1 
ATOM   1337 C CG  . PHE B 1 74  ? 9.313   5.560   2.461   1.00 35.40  ? 74   PHE B CG  1 
ATOM   1338 C CD1 . PHE B 1 74  ? 8.833   4.836   3.544   1.00 39.88  ? 74   PHE B CD1 1 
ATOM   1339 C CD2 . PHE B 1 74  ? 9.968   6.754   2.720   1.00 35.82  ? 74   PHE B CD2 1 
ATOM   1340 C CE1 . PHE B 1 74  ? 9.014   5.284   4.837   1.00 36.72  ? 74   PHE B CE1 1 
ATOM   1341 C CE2 . PHE B 1 74  ? 10.161  7.197   4.019   1.00 40.07  ? 74   PHE B CE2 1 
ATOM   1342 C CZ  . PHE B 1 74  ? 9.674   6.467   5.082   1.00 36.97  ? 74   PHE B CZ  1 
ATOM   1343 N N   . TYR B 1 75  ? 7.852   7.384   -0.824  1.00 28.03  ? 75   TYR B N   1 
ATOM   1344 C CA  . TYR B 1 75  ? 7.578   8.758   -1.180  1.00 26.99  ? 75   TYR B CA  1 
ATOM   1345 C C   . TYR B 1 75  ? 6.050   9.067   -1.245  1.00 26.51  ? 75   TYR B C   1 
ATOM   1346 O O   . TYR B 1 75  ? 5.582   10.061  -0.731  1.00 27.24  ? 75   TYR B O   1 
ATOM   1347 C CB  . TYR B 1 75  ? 8.197   9.026   -2.577  1.00 30.37  ? 75   TYR B CB  1 
ATOM   1348 C CG  . TYR B 1 75  ? 7.467   10.072  -3.355  1.00 35.65  ? 75   TYR B CG  1 
ATOM   1349 C CD1 . TYR B 1 75  ? 7.484   11.353  -2.915  1.00 37.11  ? 75   TYR B CD1 1 
ATOM   1350 C CD2 . TYR B 1 75  ? 6.699   9.754   -4.519  1.00 36.91  ? 75   TYR B CD2 1 
ATOM   1351 C CE1 . TYR B 1 75  ? 6.802   12.353  -3.583  1.00 43.03  ? 75   TYR B CE1 1 
ATOM   1352 C CE2 . TYR B 1 75  ? 6.004   10.771  -5.191  1.00 37.33  ? 75   TYR B CE2 1 
ATOM   1353 C CZ  . TYR B 1 75  ? 6.085   12.064  -4.693  1.00 38.00  ? 75   TYR B CZ  1 
ATOM   1354 O OH  . TYR B 1 75  ? 5.462   13.163  -5.249  1.00 50.32  ? 75   TYR B OH  1 
ATOM   1355 N N   . ALA B 1 76  ? 5.301   8.167   -1.855  1.00 28.75  ? 76   ALA B N   1 
ATOM   1356 C CA  . ALA B 1 76  ? 3.868   8.477   -2.122  1.00 28.83  ? 76   ALA B CA  1 
ATOM   1357 C C   . ALA B 1 76  ? 3.127   8.415   -0.781  1.00 25.38  ? 76   ALA B C   1 
ATOM   1358 O O   . ALA B 1 76  ? 2.385   9.333   -0.448  1.00 29.16  ? 76   ALA B O   1 
ATOM   1359 C CB  . ALA B 1 76  ? 3.335   7.503   -3.125  1.00 28.84  ? 76   ALA B CB  1 
ATOM   1360 N N   . PHE B 1 77  ? 3.388   7.343   -0.016  1.00 26.86  ? 77   PHE B N   1 
ATOM   1361 C CA  . PHE B 1 77  ? 2.762   7.136   1.274   1.00 28.97  ? 77   PHE B CA  1 
ATOM   1362 C C   . PHE B 1 77  ? 3.068   8.323   2.191   1.00 28.15  ? 77   PHE B C   1 
ATOM   1363 O O   . PHE B 1 77  ? 2.205   8.913   2.811   1.00 27.69  ? 77   PHE B O   1 
ATOM   1364 C CB  . PHE B 1 77  ? 3.198   5.791   1.838   1.00 27.14  ? 77   PHE B CB  1 
ATOM   1365 C CG  . PHE B 1 77  ? 2.589   5.445   3.173   1.00 29.88  ? 77   PHE B CG  1 
ATOM   1366 C CD1 . PHE B 1 77  ? 1.204   5.634   3.406   1.00 28.60  ? 77   PHE B CD1 1 
ATOM   1367 C CD2 . PHE B 1 77  ? 3.394   4.907   4.212   1.00 30.22  ? 77   PHE B CD2 1 
ATOM   1368 C CE1 . PHE B 1 77  ? 0.646   5.308   4.641   1.00 30.12  ? 77   PHE B CE1 1 
ATOM   1369 C CE2 . PHE B 1 77  ? 2.827   4.605   5.447   1.00 29.72  ? 77   PHE B CE2 1 
ATOM   1370 C CZ  . PHE B 1 77  ? 1.447   4.800   5.655   1.00 25.87  ? 77   PHE B CZ  1 
ATOM   1371 N N   . THR B 1 78  ? 4.340   8.692   2.283   1.00 30.29  ? 78   THR B N   1 
ATOM   1372 C CA  . THR B 1 78  ? 4.752   9.885   3.045   1.00 28.38  ? 78   THR B CA  1 
ATOM   1373 C C   . THR B 1 78  ? 4.087   11.193  2.610   1.00 28.24  ? 78   THR B C   1 
ATOM   1374 O O   . THR B 1 78  ? 3.761   12.032  3.427   1.00 31.41  ? 78   THR B O   1 
ATOM   1375 C CB  . THR B 1 78  ? 6.311   10.068  2.886   1.00 31.27  ? 78   THR B CB  1 
ATOM   1376 O OG1 . THR B 1 78  ? 6.951   8.970   3.565   1.00 33.89  ? 78   THR B OG1 1 
ATOM   1377 C CG2 . THR B 1 78  ? 6.737   11.355  3.413   1.00 31.20  ? 78   THR B CG2 1 
ATOM   1378 N N   . GLN B 1 79  ? 3.925   11.395  1.309   1.00 34.06  ? 79   GLN B N   1 
ATOM   1379 C CA  . GLN B 1 79  ? 3.169   12.569  0.828   1.00 37.24  ? 79   GLN B CA  1 
ATOM   1380 C C   . GLN B 1 79  ? 1.702   12.620  1.322   1.00 35.25  ? 79   GLN B C   1 
ATOM   1381 O O   . GLN B 1 79  ? 1.203   13.697  1.742   1.00 29.63  ? 79   GLN B O   1 
ATOM   1382 C CB  . GLN B 1 79  ? 3.086   12.568  -0.677  1.00 42.05  ? 79   GLN B CB  1 
ATOM   1383 C CG  . GLN B 1 79  ? 2.870   13.952  -1.261  1.00 48.45  ? 79   GLN B CG  1 
ATOM   1384 C CD  . GLN B 1 79  ? 4.171   14.386  -1.884  1.00 59.46  ? 79   GLN B CD  1 
ATOM   1385 O OE1 . GLN B 1 79  ? 5.195   14.568  -1.173  1.00 60.85  ? 79   GLN B OE1 1 
ATOM   1386 N NE2 . GLN B 1 79  ? 4.185   14.446  -3.218  1.00 60.93  ? 79   GLN B NE2 1 
ATOM   1387 N N   . ILE B 1 80  ? 1.018   11.462  1.233   1.00 32.13  ? 80   ILE B N   1 
ATOM   1388 C CA  . ILE B 1 80  ? -0.392  11.425  1.646   1.00 31.78  ? 80   ILE B CA  1 
ATOM   1389 C C   . ILE B 1 80  ? -0.555  11.732  3.104   1.00 28.05  ? 80   ILE B C   1 
ATOM   1390 O O   . ILE B 1 80  ? -1.404  12.543  3.475   1.00 30.51  ? 80   ILE B O   1 
ATOM   1391 C CB  . ILE B 1 80  ? -1.216  10.162  1.164   1.00 32.77  ? 80   ILE B CB  1 
ATOM   1392 C CG1 . ILE B 1 80  ? -0.890  8.895   1.932   1.00 32.02  ? 80   ILE B CG1 1 
ATOM   1393 C CG2 . ILE B 1 80  ? -1.117  9.913   -0.375  1.00 26.77  ? 80   ILE B CG2 1 
ATOM   1394 C CD1 . ILE B 1 80  ? -1.712  7.643   1.542   1.00 32.40  ? 80   ILE B CD1 1 
ATOM   1395 N N   . LEU B 1 81  ? 0.327   11.178  3.933   1.00 29.24  ? 81   LEU B N   1 
ATOM   1396 C CA  . LEU B 1 81  ? 0.328   11.473  5.341   1.00 28.10  ? 81   LEU B CA  1 
ATOM   1397 C C   . LEU B 1 81  ? 0.635   12.956  5.591   1.00 27.89  ? 81   LEU B C   1 
ATOM   1398 O O   . LEU B 1 81  ? 0.021   13.571  6.437   1.00 28.31  ? 81   LEU B O   1 
ATOM   1399 C CB  . LEU B 1 81  ? 1.347   10.584  6.090   1.00 26.55  ? 81   LEU B CB  1 
ATOM   1400 C CG  . LEU B 1 81  ? 1.166   9.086   6.061   1.00 25.24  ? 81   LEU B CG  1 
ATOM   1401 C CD1 . LEU B 1 81  ? 2.263   8.385   6.810   1.00 25.47  ? 81   LEU B CD1 1 
ATOM   1402 C CD2 . LEU B 1 81  ? -0.224  8.704   6.643   1.00 26.99  ? 81   LEU B CD2 1 
ATOM   1403 N N   . SER B 1 82  ? 1.571   13.533  4.845   1.00 31.23  ? 82   SER B N   1 
ATOM   1404 C CA  . SER B 1 82  ? 1.879   14.953  5.040   1.00 33.43  ? 82   SER B CA  1 
ATOM   1405 C C   . SER B 1 82  ? 0.679   15.856  4.687   1.00 37.36  ? 82   SER B C   1 
ATOM   1406 O O   . SER B 1 82  ? 0.340   16.758  5.452   1.00 35.19  ? 82   SER B O   1 
ATOM   1407 C CB  . SER B 1 82  ? 3.094   15.385  4.208   1.00 37.02  ? 82   SER B CB  1 
ATOM   1408 O OG  . SER B 1 82  ? 4.261   14.737  4.692   1.00 44.96  ? 82   SER B OG  1 
ATOM   1409 N N   . GLU B 1 83  ? 0.047   15.591  3.535   1.00 38.65  ? 83   GLU B N   1 
ATOM   1410 C CA  . GLU B 1 83  ? -1.163  16.343  3.106   1.00 40.31  ? 83   GLU B CA  1 
ATOM   1411 C C   . GLU B 1 83  ? -2.286  16.192  4.118   1.00 39.15  ? 83   GLU B C   1 
ATOM   1412 O O   . GLU B 1 83  ? -3.028  17.126  4.419   1.00 32.79  ? 83   GLU B O   1 
ATOM   1413 C CB  . GLU B 1 83  ? -1.636  15.846  1.763   1.00 42.20  ? 83   GLU B CB  1 
ATOM   1414 C CG  . GLU B 1 83  ? -2.674  16.755  1.104   1.00 53.64  ? 83   GLU B CG  1 
ATOM   1415 C CD  . GLU B 1 83  ? -2.114  18.135  0.834   1.00 62.01  ? 83   GLU B CD  1 
ATOM   1416 O OE1 . GLU B 1 83  ? -1.175  18.264  0.001   1.00 66.20  ? 83   GLU B OE1 1 
ATOM   1417 O OE2 . GLU B 1 83  ? -2.588  19.079  1.497   1.00 74.78  ? 83   GLU B OE2 1 
ATOM   1418 N N   . SER B 1 84  ? -2.377  15.008  4.706   1.00 36.14  ? 84   SER B N   1 
ATOM   1419 C CA  . SER B 1 84  ? -3.371  14.783  5.756   1.00 35.23  ? 84   SER B CA  1 
ATOM   1420 C C   . SER B 1 84  ? -2.989  15.422  7.063   1.00 38.13  ? 84   SER B C   1 
ATOM   1421 O O   . SER B 1 84  ? -3.755  15.357  8.018   1.00 36.19  ? 84   SER B O   1 
ATOM   1422 C CB  . SER B 1 84  ? -3.561  13.294  5.979   1.00 34.26  ? 84   SER B CB  1 
ATOM   1423 O OG  . SER B 1 84  ? -4.169  12.748  4.842   1.00 32.92  ? 84   SER B OG  1 
ATOM   1424 N N   . GLU B 1 85  ? -1.753  15.925  7.126   1.00 40.63  ? 85   GLU B N   1 
ATOM   1425 C CA  . GLU B 1 85  ? -1.204  16.611  8.334   1.00 41.92  ? 85   GLU B CA  1 
ATOM   1426 C C   . GLU B 1 85  ? -1.027  15.686  9.541   1.00 39.18  ? 85   GLU B C   1 
ATOM   1427 O O   . GLU B 1 85  ? -1.149  16.116  10.679  1.00 39.25  ? 85   GLU B O   1 
ATOM   1428 C CB  . GLU B 1 85  ? -2.049  17.862  8.652   1.00 43.62  ? 85   GLU B CB  1 
ATOM   1429 C CG  . GLU B 1 85  ? -1.902  18.879  7.536   1.00 48.47  ? 85   GLU B CG  1 
ATOM   1430 C CD  . GLU B 1 85  ? -2.833  20.061  7.617   1.00 54.37  ? 85   GLU B CD  1 
ATOM   1431 O OE1 . GLU B 1 85  ? -3.426  20.324  8.693   1.00 55.12  ? 85   GLU B OE1 1 
ATOM   1432 O OE2 . GLU B 1 85  ? -2.948  20.731  6.567   1.00 59.80  ? 85   GLU B OE2 1 
ATOM   1433 N N   . VAL B 1 86  ? -0.706  14.416  9.282   1.00 37.07  ? 86   VAL B N   1 
ATOM   1434 C CA  . VAL B 1 86  ? -0.541  13.429  10.343  1.00 34.14  ? 86   VAL B CA  1 
ATOM   1435 C C   . VAL B 1 86  ? 0.801   12.662  10.254  1.00 32.35  ? 86   VAL B C   1 
ATOM   1436 O O   . VAL B 1 86  ? 0.993   11.651  10.938  1.00 32.79  ? 86   VAL B O   1 
ATOM   1437 C CB  . VAL B 1 86  ? -1.703  12.389  10.346  1.00 37.18  ? 86   VAL B CB  1 
ATOM   1438 C CG1 . VAL B 1 86  ? -3.032  13.041  10.721  1.00 33.33  ? 86   VAL B CG1 1 
ATOM   1439 C CG2 . VAL B 1 86  ? -1.766  11.623  9.008   1.00 31.71  ? 86   VAL B CG2 1 
ATOM   1440 N N   . LEU B 1 87  ? 1.744   13.120  9.428   1.00 32.06  ? 87   LEU B N   1 
ATOM   1441 C CA  . LEU B 1 87  ? 2.997   12.404  9.274   1.00 30.84  ? 87   LEU B CA  1 
ATOM   1442 C C   . LEU B 1 87  ? 3.732   12.195  10.630  1.00 33.58  ? 87   LEU B C   1 
ATOM   1443 O O   . LEU B 1 87  ? 4.146   11.104  10.949  1.00 28.62  ? 87   LEU B O   1 
ATOM   1444 C CB  . LEU B 1 87  ? 3.912   13.128  8.317   1.00 32.36  ? 87   LEU B CB  1 
ATOM   1445 C CG  . LEU B 1 87  ? 5.232   12.434  8.008   1.00 34.05  ? 87   LEU B CG  1 
ATOM   1446 C CD1 . LEU B 1 87  ? 5.075   10.965  7.632   1.00 31.81  ? 87   LEU B CD1 1 
ATOM   1447 C CD2 . LEU B 1 87  ? 5.867   13.221  6.892   1.00 35.77  ? 87   LEU B CD2 1 
ATOM   1448 N N   . HIS B 1 88  ? 3.845   13.274  11.404  1.00 34.02  ? 88   HIS B N   1 
ATOM   1449 C CA  . HIS B 1 88  ? 4.605   13.241  12.637  1.00 34.15  ? 88   HIS B CA  1 
ATOM   1450 C C   . HIS B 1 88  ? 3.977   12.276  13.625  1.00 30.68  ? 88   HIS B C   1 
ATOM   1451 O O   . HIS B 1 88  ? 4.664   11.508  14.267  1.00 29.96  ? 88   HIS B O   1 
ATOM   1452 C CB  . HIS B 1 88  ? 4.694   14.675  13.213  1.00 37.95  ? 88   HIS B CB  1 
ATOM   1453 C CG  . HIS B 1 88  ? 5.589   15.610  12.385  1.00 49.68  ? 88   HIS B CG  1 
ATOM   1454 N ND1 . HIS B 1 88  ? 6.684   15.160  11.687  1.00 55.42  ? 88   HIS B ND1 1 
ATOM   1455 C CD2 . HIS B 1 88  ? 5.545   17.006  12.188  1.00 58.65  ? 88   HIS B CD2 1 
ATOM   1456 C CE1 . HIS B 1 88  ? 7.279   16.211  11.057  1.00 57.44  ? 88   HIS B CE1 1 
ATOM   1457 N NE2 . HIS B 1 88  ? 6.597   17.335  11.375  1.00 57.99  ? 88   HIS B NE2 1 
ATOM   1458 N N   . GLU B 1 89  ? 2.661   12.327  13.736  1.00 29.93  ? 89   GLU B N   1 
ATOM   1459 C CA  . GLU B 1 89  ? 1.900   11.474  14.649  1.00 30.28  ? 89   GLU B CA  1 
ATOM   1460 C C   . GLU B 1 89  ? 2.029   9.998   14.267  1.00 29.36  ? 89   GLU B C   1 
ATOM   1461 O O   . GLU B 1 89  ? 2.171   9.130   15.107  1.00 31.00  ? 89   GLU B O   1 
ATOM   1462 C CB  . GLU B 1 89  ? 0.443   11.986  14.645  1.00 36.05  ? 89   GLU B CB  1 
ATOM   1463 C CG  . GLU B 1 89  ? -0.586  11.238  15.481  1.00 45.94  ? 89   GLU B CG  1 
ATOM   1464 C CD  . GLU B 1 89  ? -0.461  11.407  17.002  1.00 53.01  ? 89   GLU B CD  1 
ATOM   1465 O OE1 . GLU B 1 89  ? 0.419   12.191  17.472  1.00 61.81  ? 89   GLU B OE1 1 
ATOM   1466 O OE2 . GLU B 1 89  ? -1.250  10.724  17.720  1.00 53.91  ? 89   GLU B OE2 1 
ATOM   1467 N N   . VAL B 1 90  ? 2.020   9.710   12.975  1.00 28.58  ? 90   VAL B N   1 
ATOM   1468 C CA  . VAL B 1 90  ? 2.202   8.346   12.504  1.00 27.50  ? 90   VAL B CA  1 
ATOM   1469 C C   . VAL B 1 90  ? 3.631   7.921   12.788  1.00 26.86  ? 90   VAL B C   1 
ATOM   1470 O O   . VAL B 1 90  ? 3.864   6.755   13.129  1.00 28.05  ? 90   VAL B O   1 
ATOM   1471 C CB  . VAL B 1 90  ? 1.906   8.223   10.994  1.00 28.66  ? 90   VAL B CB  1 
ATOM   1472 C CG1 . VAL B 1 90  ? 2.304   6.835   10.441  1.00 27.75  ? 90   VAL B CG1 1 
ATOM   1473 C CG2 . VAL B 1 90  ? 0.421   8.569   10.755  1.00 26.80  ? 90   VAL B CG2 1 
ATOM   1474 N N   . GLN B 1 91  ? 4.578   8.856   12.620  1.00 30.56  ? 91   GLN B N   1 
ATOM   1475 C CA  . GLN B 1 91  ? 6.016   8.521   12.813  1.00 29.16  ? 91   GLN B CA  1 
ATOM   1476 C C   . GLN B 1 91  ? 6.219   8.100   14.255  1.00 26.16  ? 91   GLN B C   1 
ATOM   1477 O O   . GLN B 1 91  ? 6.907   7.089   14.571  1.00 25.69  ? 91   GLN B O   1 
ATOM   1478 C CB  . GLN B 1 91  ? 6.928   9.675   12.416  1.00 29.82  ? 91   GLN B CB  1 
ATOM   1479 C CG  . GLN B 1 91  ? 7.199   9.646   10.929  1.00 32.16  ? 91   GLN B CG  1 
ATOM   1480 C CD  . GLN B 1 91  ? 7.958   10.800  10.380  1.00 37.43  ? 91   GLN B CD  1 
ATOM   1481 O OE1 . GLN B 1 91  ? 8.098   11.797  11.009  1.00 37.99  ? 91   GLN B OE1 1 
ATOM   1482 N NE2 . GLN B 1 91  ? 8.424   10.659  9.131   1.00 42.46  ? 91   GLN B NE2 1 
ATOM   1483 N N   . LYS B 1 92  ? 5.571   8.851   15.109  1.00 28.08  ? 92   LYS B N   1 
ATOM   1484 C CA  . LYS B 1 92  ? 5.728   8.640   16.547  1.00 30.63  ? 92   LYS B CA  1 
ATOM   1485 C C   . LYS B 1 92  ? 5.065   7.335   16.916  1.00 29.64  ? 92   LYS B C   1 
ATOM   1486 O O   . LYS B 1 92  ? 5.658   6.550   17.578  1.00 25.68  ? 92   LYS B O   1 
ATOM   1487 C CB  . LYS B 1 92  ? 5.179   9.817   17.356  1.00 31.93  ? 92   LYS B CB  1 
ATOM   1488 C CG  . LYS B 1 92  ? 5.425   9.701   18.865  1.00 35.04  ? 92   LYS B CG  1 
ATOM   1489 C CD  . LYS B 1 92  ? 6.919   9.618   19.305  1.00 43.34  ? 92   LYS B CD  1 
ATOM   1490 C CE  . LYS B 1 92  ? 7.114   9.550   20.848  1.00 42.66  ? 92   LYS B CE  1 
ATOM   1491 N NZ  . LYS B 1 92  ? 6.747   8.245   21.518  1.00 35.82  ? 92   LYS B NZ  1 
ATOM   1492 N N   . ARG B 1 93  ? 3.852   7.070   16.425  1.00 29.45  ? 93   ARG B N   1 
ATOM   1493 C CA  . ARG B 1 93  ? 3.214   5.806   16.744  1.00 30.25  ? 93   ARG B CA  1 
ATOM   1494 C C   . ARG B 1 93  ? 3.961   4.610   16.179  1.00 26.11  ? 93   ARG B C   1 
ATOM   1495 O O   . ARG B 1 93  ? 4.093   3.595   16.825  1.00 25.89  ? 93   ARG B O   1 
ATOM   1496 C CB  . ARG B 1 93  ? 1.720   5.829   16.343  1.00 34.13  ? 93   ARG B CB  1 
ATOM   1497 C CG  . ARG B 1 93  ? 0.897   4.598   16.763  1.00 42.74  ? 93   ARG B CG  1 
ATOM   1498 C CD  . ARG B 1 93  ? 1.079   4.055   18.215  1.00 55.49  ? 93   ARG B CD  1 
ATOM   1499 N NE  . ARG B 1 93  ? 1.152   5.137   19.225  1.00 63.27  ? 93   ARG B NE  1 
ATOM   1500 C CZ  . ARG B 1 93  ? 0.123   5.825   19.731  1.00 67.20  ? 93   ARG B CZ  1 
ATOM   1501 N NH1 . ARG B 1 93  ? -1.137  5.558   19.377  1.00 71.91  ? 93   ARG B NH1 1 
ATOM   1502 N NH2 . ARG B 1 93  ? 0.358   6.787   20.618  1.00 66.76  ? 93   ARG B NH2 1 
ATOM   1503 N N   . ALA B 1 94  ? 4.488   4.733   14.976  1.00 28.16  ? 94   ALA B N   1 
ATOM   1504 C CA  . ALA B 1 94  ? 5.269   3.635   14.408  1.00 27.69  ? 94   ALA B CA  1 
ATOM   1505 C C   . ALA B 1 94  ? 6.501   3.342   15.263  1.00 28.37  ? 94   ALA B C   1 
ATOM   1506 O O   . ALA B 1 94  ? 6.857   2.194   15.460  1.00 28.49  ? 94   ALA B O   1 
ATOM   1507 C CB  . ALA B 1 94  ? 5.685   3.965   12.987  1.00 25.63  ? 94   ALA B CB  1 
ATOM   1508 N N   . GLU B 1 95  ? 7.172   4.385   15.743  1.00 29.94  ? 95   GLU B N   1 
ATOM   1509 C CA  . GLU B 1 95  ? 8.317   4.205   16.658  1.00 27.54  ? 95   GLU B CA  1 
ATOM   1510 C C   . GLU B 1 95  ? 7.916   3.387   17.924  1.00 27.70  ? 95   GLU B C   1 
ATOM   1511 O O   . GLU B 1 95  ? 8.624   2.481   18.389  1.00 27.81  ? 95   GLU B O   1 
ATOM   1512 C CB  . GLU B 1 95  ? 8.887   5.583   17.034  1.00 34.49  ? 95   GLU B CB  1 
ATOM   1513 C CG  . GLU B 1 95  ? 10.172  5.569   17.869  1.00 39.32  ? 95   GLU B CG  1 
ATOM   1514 C CD  . GLU B 1 95  ? 11.305  4.772   17.223  1.00 44.29  ? 95   GLU B CD  1 
ATOM   1515 O OE1 . GLU B 1 95  ? 11.457  4.773   15.980  1.00 48.76  ? 95   GLU B OE1 1 
ATOM   1516 O OE2 . GLU B 1 95  ? 12.046  4.128   17.980  1.00 56.71  ? 95   GLU B OE2 1 
ATOM   1517 N N   . GLU B 1 96  ? 6.776   3.733   18.466  1.00 27.79  ? 96   GLU B N   1 
ATOM   1518 C CA  . GLU B 1 96  ? 6.209   3.047   19.616  1.00 30.44  ? 96   GLU B CA  1 
ATOM   1519 C C   . GLU B 1 96  ? 5.878   1.609   19.339  1.00 32.83  ? 96   GLU B C   1 
ATOM   1520 O O   . GLU B 1 96  ? 6.007   0.753   20.213  1.00 32.76  ? 96   GLU B O   1 
ATOM   1521 C CB  . GLU B 1 96  ? 4.971   3.783   20.084  1.00 31.11  ? 96   GLU B CB  1 
ATOM   1522 C CG  . GLU B 1 96  ? 5.344   5.144   20.715  1.00 35.68  ? 96   GLU B CG  1 
ATOM   1523 C CD  . GLU B 1 96  ? 4.124   5.979   21.088  1.00 39.17  ? 96   GLU B CD  1 
ATOM   1524 O OE1 . GLU B 1 96  ? 3.005   5.387   21.184  1.00 40.67  ? 96   GLU B OE1 1 
ATOM   1525 O OE2 . GLU B 1 96  ? 4.309   7.224   21.285  1.00 36.82  ? 96   GLU B OE2 1 
ATOM   1526 N N   . LEU B 1 97  ? 5.483   1.313   18.114  1.00 30.99  ? 97   LEU B N   1 
ATOM   1527 C CA  . LEU B 1 97  ? 5.186   -0.079  17.778  1.00 31.82  ? 97   LEU B CA  1 
ATOM   1528 C C   . LEU B 1 97  ? 6.443   -0.943  17.733  1.00 33.09  ? 97   LEU B C   1 
ATOM   1529 O O   . LEU B 1 97  ? 6.385   -2.164  17.940  1.00 29.91  ? 97   LEU B O   1 
ATOM   1530 C CB  . LEU B 1 97  ? 4.460   -0.115  16.413  1.00 29.15  ? 97   LEU B CB  1 
ATOM   1531 C CG  . LEU B 1 97  ? 3.059   0.492   16.344  1.00 31.54  ? 97   LEU B CG  1 
ATOM   1532 C CD1 . LEU B 1 97  ? 2.552   0.399   14.904  1.00 27.45  ? 97   LEU B CD1 1 
ATOM   1533 C CD2 . LEU B 1 97  ? 2.159   -0.242  17.319  1.00 31.40  ? 97   LEU B CD2 1 
ATOM   1534 N N   . LYS B 1 98  ? 7.564   -0.300  17.460  1.00 38.19  ? 98   LYS B N   1 
ATOM   1535 C CA  . LYS B 1 98  ? 8.852   -0.954  17.389  1.00 43.75  ? 98   LYS B CA  1 
ATOM   1536 C C   . LYS B 1 98  ? 9.191   -1.608  18.740  1.00 46.37  ? 98   LYS B C   1 
ATOM   1537 O O   . LYS B 1 98  ? 9.658   -2.744  18.791  1.00 46.07  ? 98   LYS B O   1 
ATOM   1538 C CB  . LYS B 1 98  ? 9.920   0.079   16.956  1.00 44.99  ? 98   LYS B CB  1 
ATOM   1539 C CG  . LYS B 1 98  ? 10.969  -0.419  15.987  1.00 52.99  ? 98   LYS B CG  1 
ATOM   1540 C CD  . LYS B 1 98  ? 12.340  0.258   16.179  1.00 59.14  ? 98   LYS B CD  1 
ATOM   1541 C CE  . LYS B 1 98  ? 12.384  1.731   15.757  1.00 61.13  ? 98   LYS B CE  1 
ATOM   1542 N NZ  . LYS B 1 98  ? 13.776  2.350   15.762  1.00 58.39  ? 98   LYS B NZ  1 
ATOM   1543 N N   . ALA B 1 99  ? 8.919   -0.913  19.832  1.00 48.95  ? 99   ALA B N   1 
ATOM   1544 C CA  . ALA B 1 99  ? 9.173   -1.414  21.195  1.00 59.06  ? 99   ALA B CA  1 
ATOM   1545 C C   . ALA B 1 99  ? 8.460   -2.716  21.658  1.00 63.12  ? 99   ALA B C   1 
ATOM   1546 O O   . ALA B 1 99  ? 9.069   -3.480  22.394  1.00 70.06  ? 99   ALA B O   1 
ATOM   1547 C CB  . ALA B 1 99  ? 8.914   -0.290  22.222  1.00 59.84  ? 99   ALA B CB  1 
ATOM   1548 N N   . LYS B 1 100 ? 7.200   -2.960  21.271  1.00 59.35  ? 100  LYS B N   1 
ATOM   1549 C CA  . LYS B 1 100 ? 6.476   -4.173  21.683  1.00 46.09  ? 100  LYS B CA  1 
HETATM 1550 O O   . HOH C 2 .   ? -8.233  1.379   11.822  1.00 36.72  ? 2001 HOH A O   1 
HETATM 1551 O O   . HOH C 2 .   ? -11.029 -3.031  12.053  1.00 44.98  ? 2002 HOH A O   1 
HETATM 1552 O O   . HOH C 2 .   ? -13.265 -3.614  13.137  1.00 39.50  ? 2003 HOH A O   1 
HETATM 1553 O O   . HOH C 2 .   ? -14.532 -5.913  5.081   1.00 35.30  ? 2004 HOH A O   1 
HETATM 1554 O O   . HOH C 2 .   ? -10.488 11.485  -10.925 1.00 35.91  ? 2005 HOH A O   1 
HETATM 1555 O O   . HOH C 2 .   ? -15.980 -4.466  -1.862  1.00 37.09  ? 2006 HOH A O   1 
HETATM 1556 O O   . HOH C 2 .   ? -9.698  -5.604  -6.150  1.00 30.83  ? 2007 HOH A O   1 
HETATM 1557 O O   . HOH C 2 .   ? -11.785 -3.857  -8.418  1.00 26.74  ? 2008 HOH A O   1 
HETATM 1558 O O   . HOH C 2 .   ? -16.599 -10.928 -0.503  1.00 46.44  ? 2009 HOH A O   1 
HETATM 1559 O O   . HOH C 2 .   ? -11.214 -9.728  -4.172  1.00 42.95  ? 2010 HOH A O   1 
HETATM 1560 O O   . HOH C 2 .   ? -11.697 0.816   -2.781  1.00 28.19  ? 2011 HOH A O   1 
HETATM 1561 O O   . HOH C 2 .   ? -15.174 5.261   -8.232  1.00 28.63  ? 2012 HOH A O   1 
HETATM 1562 O O   . HOH C 2 .   ? -8.615  4.461   -1.300  1.00 25.00  ? 2013 HOH A O   1 
HETATM 1563 O O   . HOH C 2 .   ? -19.217 5.179   -8.265  1.00 39.23  ? 2014 HOH A O   1 
HETATM 1564 O O   . HOH C 2 .   ? -12.747 10.025  -7.457  1.00 31.43  ? 2015 HOH A O   1 
HETATM 1565 O O   . HOH C 2 .   ? -6.710  7.692   -7.740  1.00 22.54  ? 2016 HOH A O   1 
HETATM 1566 O O   . HOH C 2 .   ? -7.971  11.484  -7.984  1.00 35.87  ? 2017 HOH A O   1 
HETATM 1567 O O   . HOH C 2 .   ? -10.840 9.094   -9.307  1.00 25.68  ? 2018 HOH A O   1 
HETATM 1568 O O   . HOH C 2 .   ? -13.892 13.230  -0.517  1.00 40.85  ? 2019 HOH A O   1 
HETATM 1569 O O   . HOH C 2 .   ? -6.856  13.050  2.709   1.00 33.77  ? 2020 HOH A O   1 
HETATM 1570 O O   . HOH C 2 .   ? -12.576 12.303  -24.613 1.00 43.54  ? 2021 HOH A O   1 
HETATM 1571 O O   . HOH C 2 .   ? -3.156  13.925  -4.397  1.00 31.48  ? 2022 HOH A O   1 
HETATM 1572 O O   . HOH C 2 .   ? 1.033   11.497  -9.115  1.00 35.35  ? 2023 HOH A O   1 
HETATM 1573 O O   . HOH C 2 .   ? 4.587   9.746   -8.841  1.00 50.99  ? 2024 HOH A O   1 
HETATM 1574 O O   . HOH C 2 .   ? 1.506   -3.056  -8.782  1.00 39.42  ? 2025 HOH A O   1 
HETATM 1575 O O   . HOH C 2 .   ? 5.989   2.562   -14.645 1.00 36.34  ? 2026 HOH A O   1 
HETATM 1576 O O   . HOH C 2 .   ? -0.978  -4.823  -25.153 1.00 44.79  ? 2027 HOH A O   1 
HETATM 1577 O O   . HOH C 2 .   ? -3.345  -2.885  -22.621 1.00 42.51  ? 2028 HOH A O   1 
HETATM 1578 O O   . HOH C 2 .   ? -2.674  -2.721  13.878  1.00 42.20  ? 2029 HOH A O   1 
HETATM 1579 O O   . HOH C 2 .   ? 9.251   12.238  4.995   1.00 41.37  ? 2030 HOH A O   1 
HETATM 1580 O O   . HOH C 2 .   ? -17.356 3.387   4.964   1.00 45.48  ? 2031 HOH A O   1 
HETATM 1581 O O   . HOH C 2 .   ? -20.107 3.904   7.718   1.00 42.32  ? 2032 HOH A O   1 
HETATM 1582 O O   . HOH C 2 .   ? -12.300 8.093   8.213   1.00 35.98  ? 2033 HOH A O   1 
HETATM 1583 O O   . HOH C 2 .   ? -11.763 4.138   8.059   1.00 41.19  ? 2034 HOH A O   1 
HETATM 1584 O O   . HOH C 2 .   ? -1.001  -4.081  -9.920  1.00 30.67  ? 2035 HOH A O   1 
HETATM 1585 O O   . HOH C 2 .   ? -6.098  0.802   -21.791 1.00 23.83  ? 2036 HOH A O   1 
HETATM 1586 O O   . HOH C 2 .   ? -9.384  11.039  -24.977 1.00 36.56  ? 2037 HOH A O   1 
HETATM 1587 O O   . HOH C 2 .   ? -12.262 8.522   -25.157 1.00 29.26  ? 2038 HOH A O   1 
HETATM 1588 O O   . HOH C 2 .   ? -1.238  12.362  -24.545 1.00 50.83  ? 2039 HOH A O   1 
HETATM 1589 O O   . HOH C 2 .   ? -4.169  11.955  -19.482 1.00 33.17  ? 2040 HOH A O   1 
HETATM 1590 O O   . HOH C 2 .   ? -7.023  12.095  -16.633 1.00 35.66  ? 2041 HOH A O   1 
HETATM 1591 O O   . HOH C 2 .   ? -14.665 1.581   -14.067 1.00 29.08  ? 2042 HOH A O   1 
HETATM 1592 O O   . HOH C 2 .   ? -13.861 -1.046  -13.791 1.00 49.25  ? 2043 HOH A O   1 
HETATM 1593 O O   . HOH C 2 .   ? -9.761  8.199   9.145   1.00 37.70  ? 2044 HOH A O   1 
HETATM 1594 O O   . HOH C 2 .   ? -6.576  4.837   14.587  1.00 36.55  ? 2045 HOH A O   1 
HETATM 1595 O O   . HOH C 2 .   ? -7.494  7.564   13.183  1.00 25.07  ? 2046 HOH A O   1 
HETATM 1596 O O   . HOH C 2 .   ? -0.964  0.914   14.703  1.00 38.73  ? 2047 HOH A O   1 
HETATM 1597 O O   . HOH C 2 .   ? -0.532  -1.548  15.034  1.00 40.90  ? 2048 HOH A O   1 
HETATM 1598 O O   . HOH C 2 .   ? 3.029   -6.346  13.512  1.00 43.95  ? 2049 HOH A O   1 
HETATM 1599 O O   . HOH C 2 .   ? 9.850   -0.131  12.143  1.00 35.65  ? 2050 HOH A O   1 
HETATM 1600 O O   . HOH C 2 .   ? 10.875  -2.705  13.097  1.00 46.21  ? 2051 HOH A O   1 
HETATM 1601 O O   . HOH C 2 .   ? 13.155  -7.865  4.684   1.00 41.34  ? 2052 HOH A O   1 
HETATM 1602 O O   . HOH C 2 .   ? 18.186  -0.796  6.882   1.00 29.46  ? 2053 HOH A O   1 
HETATM 1603 O O   . HOH C 2 .   ? 15.418  -8.862  1.585   1.00 42.85  ? 2054 HOH A O   1 
HETATM 1604 O O   . HOH C 2 .   ? 22.609  -1.052  5.182   1.00 42.09  ? 2055 HOH A O   1 
HETATM 1605 O O   . HOH C 2 .   ? 20.713  1.772   3.165   1.00 31.27  ? 2056 HOH A O   1 
HETATM 1606 O O   . HOH C 2 .   ? 18.220  3.756   8.278   1.00 28.42  ? 2057 HOH A O   1 
HETATM 1607 O O   . HOH C 2 .   ? 18.118  8.394   4.176   1.00 35.29  ? 2058 HOH A O   1 
HETATM 1608 O O   . HOH C 2 .   ? 19.852  7.120   8.014   1.00 24.33  ? 2059 HOH A O   1 
HETATM 1609 O O   . HOH C 2 .   ? 22.493  5.302   0.868   1.00 43.02  ? 2060 HOH A O   1 
HETATM 1610 O O   . HOH C 2 .   ? 12.389  9.455   2.949   1.00 41.92  ? 2061 HOH A O   1 
HETATM 1611 O O   . HOH C 2 .   ? 17.174  7.926   7.216   1.00 39.04  ? 2062 HOH A O   1 
HETATM 1612 O O   . HOH C 2 .   ? 9.513   11.724  0.381   1.00 40.53  ? 2063 HOH A O   1 
HETATM 1613 O O   . HOH C 2 .   ? 11.412  12.098  2.952   1.00 49.04  ? 2064 HOH A O   1 
HETATM 1614 O O   . HOH D 2 .   ? 13.058  -9.849  2.433   1.00 45.67  ? 2001 HOH B O   1 
HETATM 1615 O O   . HOH D 2 .   ? 7.699   -11.227 8.436   1.00 44.12  ? 2002 HOH B O   1 
HETATM 1616 O O   . HOH D 2 .   ? 0.835   -12.963 8.264   1.00 38.01  ? 2003 HOH B O   1 
HETATM 1617 O O   . HOH D 2 .   ? 1.239   -14.226 4.179   1.00 35.28  ? 2004 HOH B O   1 
HETATM 1618 O O   . HOH D 2 .   ? 1.743   -9.688  11.613  1.00 35.54  ? 2005 HOH B O   1 
HETATM 1619 O O   . HOH D 2 .   ? -1.684  -5.633  12.758  1.00 47.03  ? 2006 HOH B O   1 
HETATM 1620 O O   . HOH D 2 .   ? -4.242  -1.744  11.676  1.00 32.26  ? 2007 HOH B O   1 
HETATM 1621 O O   . HOH D 2 .   ? -6.829  -4.218  12.480  1.00 34.54  ? 2008 HOH B O   1 
HETATM 1622 O O   . HOH D 2 .   ? -7.628  -12.131 11.415  1.00 52.32  ? 2009 HOH B O   1 
HETATM 1623 O O   . HOH D 2 .   ? -9.371  -14.206 11.591  1.00 49.03  ? 2010 HOH B O   1 
HETATM 1624 O O   . HOH D 2 .   ? 0.921   -9.228  0.091   1.00 47.33  ? 2011 HOH B O   1 
HETATM 1625 O O   . HOH D 2 .   ? 4.724   -10.838 -1.724  1.00 41.94  ? 2012 HOH B O   1 
HETATM 1626 O O   . HOH D 2 .   ? 0.141   -11.742 -0.004  1.00 42.93  ? 2013 HOH B O   1 
HETATM 1627 O O   . HOH D 2 .   ? -4.232  -9.336  -7.922  1.00 40.86  ? 2014 HOH B O   1 
HETATM 1628 O O   . HOH D 2 .   ? -18.361 -23.830 5.418   1.00 39.07  ? 2015 HOH B O   1 
HETATM 1629 O O   . HOH D 2 .   ? -4.949  -20.958 -0.083  1.00 34.35  ? 2016 HOH B O   1 
HETATM 1630 O O   . HOH D 2 .   ? -4.968  -21.519 5.922   1.00 29.39  ? 2017 HOH B O   1 
HETATM 1631 O O   . HOH D 2 .   ? -3.394  -21.024 3.462   1.00 44.85  ? 2018 HOH B O   1 
HETATM 1632 O O   . HOH D 2 .   ? -7.351  -4.722  -7.155  1.00 40.41  ? 2019 HOH B O   1 
HETATM 1633 O O   . HOH D 2 .   ? -0.221  -6.537  -8.790  1.00 32.61  ? 2020 HOH B O   1 
HETATM 1634 O O   . HOH D 2 .   ? 3.087   -10.281 -3.577  1.00 41.89  ? 2021 HOH B O   1 
HETATM 1635 O O   . HOH D 2 .   ? 17.030  -2.671  -6.241  1.00 40.89  ? 2022 HOH B O   1 
HETATM 1636 O O   . HOH D 2 .   ? 6.857   12.483  0.336   1.00 39.21  ? 2023 HOH B O   1 
HETATM 1637 O O   . HOH D 2 .   ? -6.639  13.241  5.153   1.00 38.72  ? 2024 HOH B O   1 
HETATM 1638 O O   . HOH D 2 .   ? 1.279   14.728  12.704  1.00 40.36  ? 2025 HOH B O   1 
HETATM 1639 O O   . HOH D 2 .   ? 8.926   6.371   13.057  1.00 28.60  ? 2026 HOH B O   1 
HETATM 1640 O O   . HOH D 2 .   ? 10.296  12.760  11.844  1.00 39.41  ? 2027 HOH B O   1 
HETATM 1641 O O   . HOH D 2 .   ? 8.619   1.738   13.144  1.00 33.93  ? 2028 HOH B O   1 
HETATM 1642 O O   . HOH D 2 .   ? 4.428   -3.829  17.103  1.00 46.39  ? 2029 HOH B O   1 
# 
